data_7ZQ7
#
_entry.id   7ZQ7
#
_cell.length_a   79.821
_cell.length_b   148.805
_cell.length_c   87.829
_cell.angle_alpha   90.000
_cell.angle_beta   112.110
_cell.angle_gamma   90.000
#
_symmetry.space_group_name_H-M   'P 1 21 1'
#
_entity_poly.entity_id   1
_entity_poly.type   'polypeptide(L)'
_entity_poly.pdbx_seq_one_letter_code
;MGSSHHHHHHSQDPNSMSAVRPIITRPSQHPTLRITEEPERDVYWIHMHANLVNQPGRPCFASRLVDDIVDYQRELGDRL
SASHALSPHVVLASDSDVFNLGGDLELFCRLIREGDRARLLDYAQRCVRGVHAFHAGLGTRAHSIALVQGNALGGGFEAA
LSCHTIVAEEGVLMGLPEVLFDLFPGMGAYSFLCQRISPRLAEKIMLEGNLYTASQLKEMGLVDIVVPVGEGVAAVEQVI
KESRRIPHAWAAMREVNEIATMVPLHEMMRITEIWVDTAMQLGEKSLRTMDRLVRAQARRNGDPA
;
_entity_poly.pdbx_strand_id   A,D,C,B,E,F
#
# COMPACT_ATOMS: atom_id res chain seq x y z
N PRO A 31 23.81 17.71 28.45
CA PRO A 31 24.34 19.09 28.59
C PRO A 31 23.25 20.10 28.93
N THR A 32 22.12 19.99 28.22
CA THR A 32 20.83 20.51 28.62
C THR A 32 19.95 19.45 29.26
N LEU A 33 20.48 18.24 29.40
CA LEU A 33 19.74 17.11 29.94
C LEU A 33 20.45 16.58 31.17
N ARG A 34 19.64 16.18 32.16
CA ARG A 34 20.08 15.55 33.39
C ARG A 34 19.64 14.08 33.33
N ILE A 35 20.59 13.20 33.00
CA ILE A 35 20.32 11.80 32.64
C ILE A 35 20.62 10.90 33.83
N THR A 36 19.58 10.42 34.52
CA THR A 36 19.70 9.39 35.55
C THR A 36 19.54 7.99 34.93
N GLU A 37 20.65 7.25 34.78
CA GLU A 37 20.62 5.99 34.07
C GLU A 37 21.24 4.87 34.88
N GLU A 38 20.52 3.75 35.03
CA GLU A 38 20.97 2.66 35.90
C GLU A 38 21.00 1.33 35.15
N PRO A 39 22.19 0.82 34.79
CA PRO A 39 22.23 -0.29 33.82
C PRO A 39 21.76 -1.61 34.39
N GLU A 40 21.83 -1.81 35.71
CA GLU A 40 21.43 -3.10 36.25
C GLU A 40 19.91 -3.29 36.21
N ARG A 41 19.14 -2.21 36.32
CA ARG A 41 17.70 -2.28 36.17
C ARG A 41 17.25 -2.00 34.75
N ASP A 42 18.15 -1.48 33.90
CA ASP A 42 17.86 -1.08 32.50
C ASP A 42 16.75 -0.02 32.41
N VAL A 43 16.77 0.95 33.32
CA VAL A 43 15.84 2.07 33.37
C VAL A 43 16.64 3.36 33.15
N TYR A 44 16.12 4.25 32.32
CA TYR A 44 16.87 5.45 31.94
C TYR A 44 15.94 6.67 31.89
N TRP A 45 16.17 7.66 32.75
CA TRP A 45 15.38 8.89 32.77
C TRP A 45 16.13 10.00 32.04
N ILE A 46 15.42 10.72 31.17
CA ILE A 46 15.93 11.92 30.52
C ILE A 46 15.19 13.12 31.08
N HIS A 47 15.87 13.96 31.85
CA HIS A 47 15.28 15.17 32.44
C HIS A 47 15.74 16.38 31.63
N MET A 48 14.80 17.02 30.93
CA MET A 48 15.16 18.20 30.15
C MET A 48 15.15 19.46 31.01
N HIS A 49 15.72 20.52 30.44
CA HIS A 49 15.72 21.88 30.99
C HIS A 49 16.64 22.04 32.20
N ALA A 50 17.47 21.04 32.50
CA ALA A 50 18.36 21.16 33.66
C ALA A 50 19.35 22.30 33.51
N ASN A 51 19.73 22.66 32.28
CA ASN A 51 20.59 23.84 32.07
C ASN A 51 19.92 25.12 32.71
N LEU A 52 18.60 25.19 32.79
CA LEU A 52 17.88 26.39 33.22
C LEU A 52 17.46 26.48 34.68
N VAL A 53 18.24 25.88 35.57
CA VAL A 53 17.99 26.02 37.00
C VAL A 53 18.65 27.29 37.54
N ASN A 54 19.70 27.77 36.89
CA ASN A 54 20.31 29.07 37.19
C ASN A 54 20.19 30.09 36.06
N GLN A 55 20.03 29.62 34.82
CA GLN A 55 19.82 30.47 33.65
C GLN A 55 18.42 31.07 33.70
N PRO A 56 18.13 32.10 32.84
CA PRO A 56 16.87 32.83 32.99
C PRO A 56 15.63 31.98 32.72
N GLY A 57 15.53 31.38 31.54
CA GLY A 57 14.32 30.65 31.20
C GLY A 57 14.29 30.29 29.73
N ARG A 58 13.07 30.22 29.18
CA ARG A 58 12.65 29.60 27.92
C ARG A 58 12.75 28.06 28.02
N PRO A 59 11.93 27.38 28.88
CA PRO A 59 12.02 25.91 28.96
C PRO A 59 11.37 25.24 27.76
N CYS A 60 11.82 25.62 26.56
CA CYS A 60 11.17 25.09 25.34
C CYS A 60 12.08 24.07 24.63
N PHE A 61 11.82 23.83 23.35
CA PHE A 61 12.62 22.88 22.54
C PHE A 61 13.76 23.65 21.88
N ALA A 62 14.66 24.20 22.69
CA ALA A 62 15.83 24.95 22.18
C ALA A 62 16.69 24.01 21.33
N SER A 63 17.19 24.52 20.19
CA SER A 63 18.00 23.74 19.26
C SER A 63 19.03 22.86 19.96
N ARG A 64 19.63 23.35 21.04
CA ARG A 64 20.54 22.52 21.83
C ARG A 64 19.79 21.39 22.52
N LEU A 65 18.63 21.69 23.11
CA LEU A 65 17.85 20.65 23.78
C LEU A 65 17.43 19.53 22.82
N VAL A 66 17.04 19.88 21.60
CA VAL A 66 16.71 18.87 20.62
C VAL A 66 17.96 18.11 20.20
N ASP A 67 19.06 18.82 19.97
CA ASP A 67 20.28 18.13 19.56
C ASP A 67 20.73 17.16 20.63
N ASP A 68 20.64 17.56 21.89
CA ASP A 68 21.04 16.67 22.98
C ASP A 68 20.12 15.47 23.08
N ILE A 69 18.81 15.70 23.09
CA ILE A 69 17.87 14.60 23.29
C ILE A 69 18.05 13.56 22.20
N VAL A 70 18.21 14.02 20.96
CA VAL A 70 18.36 13.07 19.86
C VAL A 70 19.67 12.32 19.97
N ASP A 71 20.77 13.04 20.17
CA ASP A 71 22.08 12.40 20.15
C ASP A 71 22.22 11.39 21.27
N TYR A 72 21.67 11.68 22.45
CA TYR A 72 21.67 10.69 23.51
C TYR A 72 20.86 9.46 23.12
N GLN A 73 19.74 9.66 22.43
CA GLN A 73 19.01 8.48 21.97
C GLN A 73 19.93 7.57 21.15
N ARG A 74 20.71 8.20 20.26
CA ARG A 74 21.67 7.45 19.41
C ARG A 74 22.69 6.76 20.32
N GLU A 75 23.13 7.44 21.38
CA GLU A 75 24.10 6.86 22.35
C GLU A 75 23.48 5.60 22.98
N LEU A 76 22.42 5.78 23.77
CA LEU A 76 21.73 4.63 24.40
C LEU A 76 21.30 3.65 23.30
N GLY A 77 21.12 4.18 22.09
CA GLY A 77 20.74 3.39 20.94
C GLY A 77 21.47 2.12 20.57
N ASP A 78 22.81 2.13 20.51
CA ASP A 78 23.48 0.90 20.10
C ASP A 78 23.89 0.31 21.43
N ARG A 79 24.08 1.15 22.45
CA ARG A 79 24.46 0.66 23.77
C ARG A 79 23.49 -0.40 24.26
N LEU A 80 22.19 -0.16 24.10
CA LEU A 80 21.20 -1.16 24.51
C LEU A 80 21.09 -2.31 23.51
N SER A 81 21.30 -2.02 22.21
CA SER A 81 21.27 -3.08 21.21
C SER A 81 22.44 -4.06 21.40
N ALA A 82 23.62 -3.54 21.73
CA ALA A 82 24.74 -4.44 22.04
C ALA A 82 24.47 -5.19 23.34
N SER A 83 23.87 -4.52 24.31
CA SER A 83 23.52 -5.15 25.57
C SER A 83 22.45 -6.24 25.42
N HIS A 84 21.82 -6.36 24.25
CA HIS A 84 20.70 -7.30 24.04
C HIS A 84 19.64 -7.22 25.15
N ALA A 85 19.43 -6.02 25.71
CA ALA A 85 18.40 -5.81 26.72
C ALA A 85 17.00 -6.04 26.13
N LEU A 86 16.10 -6.56 26.96
CA LEU A 86 14.76 -6.91 26.54
C LEU A 86 13.75 -6.06 27.29
N SER A 87 12.91 -5.34 26.55
CA SER A 87 11.97 -4.36 27.09
C SER A 87 12.61 -3.40 28.09
N PRO A 88 13.50 -2.50 27.65
CA PRO A 88 14.08 -1.51 28.56
C PRO A 88 13.21 -0.25 28.67
N HIS A 89 13.32 0.43 29.80
CA HIS A 89 12.44 1.57 30.07
C HIS A 89 13.17 2.90 29.97
N VAL A 90 12.54 3.87 29.29
CA VAL A 90 13.09 5.21 29.14
C VAL A 90 12.03 6.22 29.53
N VAL A 91 12.37 7.09 30.48
CA VAL A 91 11.46 8.11 30.98
C VAL A 91 11.93 9.45 30.44
N LEU A 92 10.98 10.29 30.08
CA LEU A 92 11.21 11.68 29.71
C LEU A 92 10.43 12.56 30.66
N ALA A 93 11.11 13.55 31.24
CA ALA A 93 10.51 14.39 32.28
C ALA A 93 11.18 15.75 32.25
N SER A 94 10.71 16.62 33.12
CA SER A 94 11.18 18.00 33.12
C SER A 94 11.84 18.34 34.45
N ASP A 95 12.93 19.10 34.38
CA ASP A 95 13.42 19.75 35.59
C ASP A 95 12.84 21.15 35.80
N SER A 96 12.20 21.74 34.79
CA SER A 96 11.63 23.06 34.97
C SER A 96 10.21 22.99 35.55
N ASP A 97 9.65 24.18 35.83
CA ASP A 97 8.28 24.30 36.31
C ASP A 97 7.26 23.99 35.22
N VAL A 98 7.72 23.68 34.00
CA VAL A 98 6.86 23.26 32.90
C VAL A 98 7.50 22.08 32.17
N PHE A 99 6.67 21.20 31.61
CA PHE A 99 7.22 20.06 30.89
C PHE A 99 8.09 20.63 29.77
N ASN A 100 7.44 21.24 28.79
CA ASN A 100 8.11 22.00 27.77
C ASN A 100 7.16 23.14 27.38
N LEU A 101 7.67 24.13 26.68
CA LEU A 101 6.79 25.18 26.14
C LEU A 101 6.61 25.07 24.63
N GLY A 102 7.15 24.01 24.02
CA GLY A 102 7.01 23.81 22.60
C GLY A 102 8.22 24.30 21.83
N GLY A 103 7.99 24.59 20.57
CA GLY A 103 9.06 25.03 19.70
C GLY A 103 9.60 26.39 20.12
N ASP A 104 10.79 26.68 19.61
CA ASP A 104 11.58 27.86 19.99
C ASP A 104 11.18 29.02 19.09
N LEU A 105 10.15 29.74 19.52
CA LEU A 105 9.54 30.78 18.68
C LEU A 105 10.55 31.81 18.19
N GLU A 106 11.62 32.04 18.96
CA GLU A 106 12.62 33.03 18.54
C GLU A 106 13.35 32.55 17.29
N LEU A 107 13.79 31.30 17.29
CA LEU A 107 14.39 30.77 16.07
C LEU A 107 13.43 30.89 14.90
N PHE A 108 12.15 30.54 15.12
CA PHE A 108 11.14 30.59 14.06
C PHE A 108 11.08 31.99 13.45
N CYS A 109 10.86 32.99 14.31
CA CYS A 109 10.82 34.39 13.89
C CYS A 109 12.06 34.74 13.06
N ARG A 110 13.25 34.52 13.65
CA ARG A 110 14.49 34.85 12.98
C ARG A 110 14.70 34.05 11.70
N LEU A 111 14.37 32.75 11.72
CA LEU A 111 14.53 31.94 10.52
C LEU A 111 13.50 32.28 9.45
N ILE A 112 12.24 32.48 9.85
CA ILE A 112 11.23 32.95 8.89
C ILE A 112 11.66 34.28 8.30
N ARG A 113 12.13 35.22 9.15
CA ARG A 113 12.48 36.55 8.66
C ARG A 113 13.59 36.47 7.63
N GLU A 114 14.70 35.82 7.99
CA GLU A 114 15.74 35.59 6.99
C GLU A 114 15.24 34.76 5.80
N GLY A 115 14.03 34.21 5.87
CA GLY A 115 13.50 33.42 4.75
C GLY A 115 14.26 32.15 4.42
N ASP A 116 14.90 31.55 5.41
CA ASP A 116 15.77 30.40 5.22
C ASP A 116 15.08 29.12 5.73
N ARG A 117 14.37 28.43 4.84
CA ARG A 117 13.80 27.13 5.20
C ARG A 117 14.85 26.04 5.37
N ALA A 118 16.02 26.17 4.74
CA ALA A 118 17.06 25.17 4.87
C ALA A 118 17.39 24.89 6.33
N ARG A 119 17.75 25.93 7.08
CA ARG A 119 18.03 25.74 8.50
C ARG A 119 16.76 25.59 9.33
N LEU A 120 15.61 26.06 8.84
CA LEU A 120 14.35 25.83 9.55
C LEU A 120 13.91 24.37 9.43
N LEU A 121 13.98 23.81 8.22
CA LEU A 121 13.62 22.41 8.03
C LEU A 121 14.53 21.51 8.85
N ASP A 122 15.81 21.86 8.95
CA ASP A 122 16.69 21.06 9.80
C ASP A 122 16.17 20.97 11.22
N TYR A 123 15.73 22.09 11.80
CA TYR A 123 15.19 22.04 13.15
C TYR A 123 13.99 21.12 13.21
N ALA A 124 13.09 21.25 12.24
CA ALA A 124 11.88 20.44 12.24
C ALA A 124 12.23 18.96 12.15
N GLN A 125 13.09 18.60 11.19
CA GLN A 125 13.45 17.20 11.05
C GLN A 125 14.03 16.64 12.35
N ARG A 126 15.14 17.23 12.84
CA ARG A 126 15.71 16.85 14.14
C ARG A 126 14.65 16.81 15.24
N CYS A 127 13.56 17.53 15.04
CA CYS A 127 12.49 17.53 16.06
C CYS A 127 11.67 16.25 15.90
N VAL A 128 11.54 15.80 14.67
CA VAL A 128 10.72 14.61 14.33
C VAL A 128 11.48 13.35 14.74
N ARG A 129 12.80 13.37 14.59
CA ARG A 129 13.66 12.21 14.93
C ARG A 129 13.65 11.95 16.43
N GLY A 130 13.44 12.97 17.25
CA GLY A 130 13.40 12.82 18.71
C GLY A 130 12.12 12.17 19.17
N VAL A 131 10.98 12.67 18.72
CA VAL A 131 9.73 12.06 19.19
C VAL A 131 9.50 10.68 18.56
N HIS A 132 9.99 10.45 17.35
CA HIS A 132 9.76 9.16 16.70
C HIS A 132 10.60 8.05 17.34
N ALA A 133 11.80 8.38 17.80
CA ALA A 133 12.57 7.48 18.66
C ALA A 133 11.76 7.00 19.86
N PHE A 134 11.13 7.93 20.61
CA PHE A 134 10.30 7.51 21.73
C PHE A 134 9.17 6.62 21.25
N HIS A 135 8.60 6.95 20.08
CA HIS A 135 7.49 6.17 19.53
C HIS A 135 7.95 4.80 19.07
N ALA A 136 9.18 4.70 18.55
CA ALA A 136 9.76 3.45 18.12
C ALA A 136 10.36 2.63 19.25
N GLY A 137 10.25 3.04 20.51
CA GLY A 137 11.03 2.37 21.53
C GLY A 137 12.52 2.41 21.29
N LEU A 138 13.01 3.40 20.54
CA LEU A 138 14.43 3.65 20.34
C LEU A 138 15.12 2.56 19.53
N GLY A 139 14.37 1.85 18.70
CA GLY A 139 14.93 0.75 17.92
C GLY A 139 15.45 -0.40 18.74
N THR A 140 15.05 -0.48 20.01
CA THR A 140 15.26 -1.61 20.88
C THR A 140 13.96 -1.97 21.55
N ARG A 141 12.84 -1.55 20.98
CA ARG A 141 11.51 -1.90 21.47
C ARG A 141 11.41 -1.61 22.97
N ALA A 142 11.92 -0.45 23.36
CA ALA A 142 11.87 0.03 24.71
C ALA A 142 10.44 0.37 25.11
N HIS A 143 10.30 0.80 26.36
CA HIS A 143 9.04 1.27 26.91
C HIS A 143 9.24 2.73 27.28
N SER A 144 8.51 3.61 26.60
CA SER A 144 8.56 5.07 26.78
C SER A 144 7.55 5.51 27.82
N ILE A 145 7.99 6.30 28.79
CA ILE A 145 7.07 6.93 29.72
C ILE A 145 7.43 8.39 29.84
N ALA A 146 6.46 9.27 29.58
CA ALA A 146 6.62 10.68 29.88
C ALA A 146 5.97 10.97 31.23
N LEU A 147 6.75 11.61 32.11
CA LEU A 147 6.27 12.15 33.39
C LEU A 147 5.95 13.63 33.16
N VAL A 148 4.66 13.97 33.15
CA VAL A 148 4.22 15.35 32.84
C VAL A 148 3.97 16.09 34.16
N GLN A 149 5.04 16.68 34.71
CA GLN A 149 4.93 17.37 35.99
C GLN A 149 4.51 18.84 35.78
N GLY A 150 5.14 19.52 34.82
CA GLY A 150 4.78 20.87 34.50
C GLY A 150 3.75 20.91 33.39
N ASN A 151 3.64 22.08 32.76
CA ASN A 151 2.76 22.28 31.62
C ASN A 151 3.47 21.95 30.32
N ALA A 152 2.70 21.42 29.37
CA ALA A 152 3.24 20.89 28.13
C ALA A 152 2.44 21.51 27.01
N LEU A 153 3.13 22.26 26.14
CA LEU A 153 2.42 23.09 25.17
C LEU A 153 3.04 22.91 23.79
N GLY A 154 2.19 22.53 22.84
CA GLY A 154 2.67 22.39 21.47
C GLY A 154 3.70 21.29 21.39
N GLY A 155 4.89 21.61 20.86
CA GLY A 155 5.96 20.62 20.81
C GLY A 155 6.08 19.82 22.08
N GLY A 156 6.00 20.49 23.23
CA GLY A 156 5.99 19.78 24.50
C GLY A 156 4.86 18.78 24.60
N PHE A 157 3.66 19.20 24.24
CA PHE A 157 2.53 18.28 24.32
C PHE A 157 2.69 17.12 23.34
N GLU A 158 3.33 17.35 22.19
CA GLU A 158 3.56 16.25 21.25
C GLU A 158 4.59 15.26 21.81
N ALA A 159 5.66 15.78 22.42
CA ALA A 159 6.63 14.94 23.09
C ALA A 159 5.95 13.93 24.01
N ALA A 160 5.06 14.42 24.88
CA ALA A 160 4.30 13.54 25.77
C ALA A 160 3.55 12.48 24.96
N LEU A 161 2.96 12.88 23.84
CA LEU A 161 2.13 12.02 23.03
C LEU A 161 2.92 10.91 22.31
N SER A 162 4.23 11.09 22.10
CA SER A 162 4.99 10.05 21.44
C SER A 162 5.31 8.88 22.36
N CYS A 163 5.24 9.11 23.68
CA CYS A 163 5.60 8.08 24.64
C CYS A 163 4.47 7.07 24.80
N HIS A 164 4.83 5.80 25.04
CA HIS A 164 3.80 4.78 25.11
C HIS A 164 2.96 4.92 26.36
N THR A 165 3.47 5.60 27.39
CA THR A 165 2.71 5.82 28.61
C THR A 165 2.85 7.29 28.99
N ILE A 166 1.73 7.89 29.41
CA ILE A 166 1.72 9.30 29.78
C ILE A 166 1.22 9.39 31.20
N VAL A 167 2.12 9.76 32.11
CA VAL A 167 1.82 10.00 33.52
C VAL A 167 1.91 11.49 33.79
N ALA A 168 0.84 12.06 34.35
CA ALA A 168 0.79 13.48 34.62
C ALA A 168 0.21 13.71 36.02
N GLU A 169 0.56 14.88 36.59
CA GLU A 169 0.18 15.28 37.93
C GLU A 169 -1.08 16.13 37.91
N GLU A 170 -1.90 16.01 38.96
CA GLU A 170 -3.24 16.56 38.89
C GLU A 170 -3.20 18.06 38.61
N GLY A 171 -4.23 18.55 37.93
CA GLY A 171 -4.32 19.95 37.57
C GLY A 171 -3.16 20.49 36.74
N VAL A 172 -2.74 19.78 35.72
CA VAL A 172 -1.69 20.24 34.81
C VAL A 172 -2.38 20.63 33.51
N LEU A 173 -1.80 21.58 32.79
CA LEU A 173 -2.33 21.97 31.49
C LEU A 173 -1.47 21.44 30.37
N MET A 174 -2.13 20.82 29.39
CA MET A 174 -1.55 20.38 28.15
C MET A 174 -2.42 20.89 27.03
N GLY A 175 -1.82 21.03 25.87
CA GLY A 175 -2.50 21.51 24.68
C GLY A 175 -1.49 22.17 23.76
N LEU A 176 -1.93 22.40 22.52
CA LEU A 176 -1.07 23.06 21.54
C LEU A 176 -1.69 24.36 21.08
N PRO A 177 -1.15 25.48 21.47
CA PRO A 177 -1.63 26.75 20.94
C PRO A 177 -0.88 27.21 19.70
N GLU A 178 -0.28 26.29 18.94
CA GLU A 178 0.48 26.71 17.77
C GLU A 178 -0.41 27.41 16.72
N VAL A 179 -1.75 27.36 16.85
CA VAL A 179 -2.65 28.06 15.94
C VAL A 179 -2.74 29.56 16.23
N LEU A 180 -2.37 30.00 17.42
CA LEU A 180 -2.40 31.42 17.76
C LEU A 180 -1.64 32.25 16.74
N PHE A 181 -0.57 31.71 16.16
CA PHE A 181 0.11 32.45 15.10
C PHE A 181 -0.23 31.93 13.71
N ASP A 182 -1.38 31.28 13.54
CA ASP A 182 -1.82 30.75 12.24
C ASP A 182 -0.80 29.72 11.72
N LEU A 183 -0.32 28.87 12.64
CA LEU A 183 0.47 27.69 12.33
C LEU A 183 -0.20 26.51 13.02
N PHE A 184 0.29 25.32 12.74
CA PHE A 184 -0.25 24.10 13.33
C PHE A 184 0.90 23.28 13.90
N PRO A 185 0.61 22.38 14.83
CA PRO A 185 1.67 21.60 15.45
C PRO A 185 2.12 20.48 14.52
N GLY A 186 3.22 20.64 13.81
CA GLY A 186 3.68 19.66 12.83
C GLY A 186 4.80 18.74 13.30
N MET A 187 5.23 18.90 14.55
CA MET A 187 6.32 18.08 15.12
C MET A 187 5.96 16.59 15.01
N GLY A 188 4.78 16.23 15.52
CA GLY A 188 4.28 14.84 15.49
C GLY A 188 2.90 14.59 16.08
N ALA A 189 2.10 15.66 16.21
CA ALA A 189 0.84 15.65 16.98
C ALA A 189 -0.23 14.84 16.24
N TYR A 190 -0.45 15.15 14.95
CA TYR A 190 -1.46 14.44 14.13
C TYR A 190 -1.25 12.92 14.25
N SER A 191 0.01 12.49 14.09
CA SER A 191 0.37 11.08 14.21
C SER A 191 0.00 10.51 15.58
N PHE A 192 0.55 11.09 16.65
CA PHE A 192 0.33 10.43 17.93
C PHE A 192 -1.07 10.64 18.45
N LEU A 193 -1.86 11.50 17.83
CA LEU A 193 -3.22 11.72 18.29
C LEU A 193 -4.15 10.64 17.77
N CYS A 194 -4.07 10.39 16.45
CA CYS A 194 -4.91 9.42 15.77
C CYS A 194 -4.69 8.00 16.30
N GLN A 195 -3.70 7.79 17.16
CA GLN A 195 -3.58 6.51 17.85
C GLN A 195 -4.53 6.36 19.02
N ARG A 196 -5.06 7.48 19.53
CA ARG A 196 -5.92 7.43 20.70
C ARG A 196 -7.34 7.88 20.41
N ILE A 197 -7.54 8.68 19.37
CA ILE A 197 -8.82 9.32 19.11
C ILE A 197 -8.97 9.43 17.60
N SER A 198 -10.23 9.58 17.14
CA SER A 198 -10.54 9.62 15.72
C SER A 198 -9.83 10.79 15.04
N PRO A 199 -9.49 10.66 13.75
CA PRO A 199 -8.70 11.71 13.11
C PRO A 199 -9.46 13.03 12.97
N ARG A 200 -10.81 12.99 12.96
CA ARG A 200 -11.60 14.22 12.95
C ARG A 200 -11.44 14.97 14.27
N LEU A 201 -11.59 14.27 15.39
CA LEU A 201 -11.28 14.87 16.69
C LEU A 201 -9.81 15.31 16.77
N ALA A 202 -8.90 14.56 16.14
CA ALA A 202 -7.52 15.03 16.09
C ALA A 202 -7.44 16.41 15.46
N GLU A 203 -8.28 16.68 14.46
CA GLU A 203 -8.21 17.96 13.75
C GLU A 203 -8.71 19.09 14.64
N LYS A 204 -9.93 18.94 15.18
CA LYS A 204 -10.45 19.87 16.17
C LYS A 204 -9.55 20.36 17.30
N ILE A 205 -8.86 19.43 17.98
CA ILE A 205 -8.05 19.74 19.16
C ILE A 205 -6.88 20.58 18.65
N MET A 206 -6.30 20.18 17.52
CA MET A 206 -5.12 20.89 17.00
C MET A 206 -5.45 22.35 16.68
N LEU A 207 -6.54 22.56 15.92
CA LEU A 207 -6.93 23.87 15.39
C LEU A 207 -7.73 24.71 16.37
N GLU A 208 -8.57 24.08 17.20
CA GLU A 208 -9.30 24.83 18.23
C GLU A 208 -8.40 25.62 19.20
N GLY A 209 -7.10 25.31 19.28
CA GLY A 209 -6.20 26.02 20.17
C GLY A 209 -6.69 26.15 21.59
N ASN A 210 -7.08 25.04 22.21
CA ASN A 210 -7.62 25.07 23.54
C ASN A 210 -6.66 24.42 24.53
N LEU A 211 -7.09 24.34 25.78
CA LEU A 211 -6.29 23.77 26.86
C LEU A 211 -7.18 22.87 27.70
N TYR A 212 -6.60 21.73 28.11
CA TYR A 212 -7.32 20.75 28.90
C TYR A 212 -6.52 20.38 30.14
N THR A 213 -7.22 20.15 31.23
CA THR A 213 -6.56 19.75 32.45
C THR A 213 -6.39 18.23 32.45
N ALA A 214 -5.35 17.74 33.14
CA ALA A 214 -4.88 16.37 32.93
C ALA A 214 -5.98 15.34 33.12
N SER A 215 -6.90 15.59 34.06
CA SER A 215 -8.01 14.65 34.24
C SER A 215 -8.91 14.60 33.01
N GLN A 216 -9.20 15.76 32.41
CA GLN A 216 -9.94 15.79 31.15
C GLN A 216 -9.24 14.97 30.08
N LEU A 217 -7.95 15.22 29.88
CA LEU A 217 -7.20 14.46 28.89
C LEU A 217 -7.23 12.96 29.19
N LYS A 218 -7.32 12.58 30.47
CA LYS A 218 -7.52 11.17 30.77
C LYS A 218 -8.84 10.68 30.21
N GLU A 219 -9.93 11.43 30.43
CA GLU A 219 -11.24 11.02 29.93
C GLU A 219 -11.33 11.06 28.41
N MET A 220 -10.30 11.53 27.71
CA MET A 220 -10.27 11.50 26.25
C MET A 220 -9.37 10.39 25.73
N GLY A 221 -8.66 9.69 26.60
CA GLY A 221 -7.67 8.76 26.14
C GLY A 221 -6.35 9.38 25.74
N LEU A 222 -6.16 10.66 26.04
CA LEU A 222 -4.88 11.32 25.74
C LEU A 222 -3.83 11.16 26.85
N VAL A 223 -4.25 10.96 28.10
CA VAL A 223 -3.36 10.70 29.22
C VAL A 223 -3.80 9.40 29.89
N ASP A 224 -2.83 8.50 30.11
CA ASP A 224 -3.19 7.17 30.60
C ASP A 224 -3.35 7.15 32.12
N ILE A 225 -2.39 7.70 32.85
CA ILE A 225 -2.42 7.69 34.31
C ILE A 225 -2.40 9.13 34.82
N VAL A 226 -3.17 9.41 35.88
CA VAL A 226 -3.22 10.73 36.49
C VAL A 226 -3.22 10.61 38.01
N VAL A 227 -2.17 11.12 38.67
CA VAL A 227 -2.03 11.02 40.12
C VAL A 227 -1.90 12.40 40.73
N PRO A 228 -2.11 12.55 42.05
CA PRO A 228 -1.92 13.86 42.70
C PRO A 228 -0.51 14.39 42.52
N VAL A 229 -0.34 15.66 42.88
CA VAL A 229 0.93 16.33 42.64
C VAL A 229 2.00 15.82 43.61
N GLY A 230 3.26 15.87 43.18
CA GLY A 230 4.37 15.26 43.88
C GLY A 230 4.57 13.80 43.54
N GLU A 231 3.46 13.06 43.38
CA GLU A 231 3.46 11.60 43.27
C GLU A 231 3.68 11.10 41.85
N GLY A 232 4.26 11.92 40.97
CA GLY A 232 4.45 11.50 39.59
C GLY A 232 5.58 10.52 39.44
N VAL A 233 6.70 10.83 40.06
CA VAL A 233 7.84 9.90 40.03
C VAL A 233 7.46 8.55 40.64
N ALA A 234 6.72 8.56 41.75
CA ALA A 234 6.21 7.31 42.32
C ALA A 234 5.43 6.51 41.29
N ALA A 235 4.47 7.14 40.61
CA ALA A 235 3.61 6.37 39.73
C ALA A 235 4.27 6.02 38.41
N VAL A 236 5.31 6.76 37.99
CA VAL A 236 6.15 6.20 36.94
C VAL A 236 6.81 4.93 37.44
N GLU A 237 7.27 4.95 38.70
CA GLU A 237 7.95 3.80 39.28
C GLU A 237 7.02 2.59 39.36
N GLN A 238 5.74 2.82 39.62
CA GLN A 238 4.79 1.70 39.64
C GLN A 238 4.53 1.20 38.23
N VAL A 239 4.68 2.07 37.24
CA VAL A 239 4.53 1.66 35.86
C VAL A 239 5.72 0.79 35.45
N ILE A 240 6.93 1.20 35.84
CA ILE A 240 8.12 0.48 35.46
C ILE A 240 8.15 -0.91 36.09
N LYS A 241 7.66 -1.02 37.32
CA LYS A 241 7.62 -2.30 38.01
C LYS A 241 6.73 -3.29 37.25
N GLU A 242 5.47 -2.93 37.05
CA GLU A 242 4.55 -3.82 36.36
C GLU A 242 5.05 -4.15 34.95
N SER A 243 5.63 -3.17 34.26
CA SER A 243 6.03 -3.40 32.87
C SER A 243 7.25 -4.29 32.78
N ARG A 244 8.22 -4.11 33.68
CA ARG A 244 9.37 -4.99 33.76
C ARG A 244 9.00 -6.41 34.20
N ARG A 245 7.74 -6.63 34.65
CA ARG A 245 7.25 -7.95 35.03
C ARG A 245 6.95 -8.83 33.81
N ILE A 246 6.67 -8.23 32.65
CA ILE A 246 6.34 -9.00 31.47
C ILE A 246 7.15 -8.52 30.26
N PRO A 247 8.46 -8.76 30.24
CA PRO A 247 9.26 -8.22 29.13
C PRO A 247 9.03 -8.91 27.79
N HIS A 248 8.45 -10.12 27.73
CA HIS A 248 8.23 -10.69 26.40
C HIS A 248 6.96 -10.16 25.76
N ALA A 249 5.90 -10.05 26.55
CA ALA A 249 4.69 -9.47 26.02
C ALA A 249 4.93 -8.03 25.54
N TRP A 250 5.65 -7.23 26.33
CA TRP A 250 5.97 -5.89 25.85
C TRP A 250 6.66 -5.95 24.50
N ALA A 251 7.76 -6.70 24.42
CA ALA A 251 8.52 -6.84 23.17
C ALA A 251 7.60 -7.22 22.02
N ALA A 252 6.75 -8.21 22.23
CA ALA A 252 5.80 -8.60 21.20
C ALA A 252 4.99 -7.40 20.75
N MET A 253 4.36 -6.68 21.71
CA MET A 253 3.51 -5.54 21.36
C MET A 253 4.25 -4.51 20.52
N ARG A 254 5.45 -4.12 20.96
CA ARG A 254 6.29 -3.27 20.13
C ARG A 254 6.37 -3.81 18.71
N GLU A 255 6.69 -5.10 18.58
CA GLU A 255 6.80 -5.68 17.24
C GLU A 255 5.44 -5.77 16.56
N VAL A 256 4.40 -6.20 17.27
CA VAL A 256 3.07 -6.24 16.67
C VAL A 256 2.70 -4.87 16.16
N ASN A 257 2.85 -3.83 17.02
CA ASN A 257 2.57 -2.44 16.60
C ASN A 257 3.33 -2.08 15.34
N GLU A 258 4.62 -2.42 15.33
CA GLU A 258 5.55 -2.09 14.23
C GLU A 258 4.94 -2.50 12.90
N ILE A 259 4.01 -3.44 12.89
CA ILE A 259 3.33 -3.76 11.61
C ILE A 259 1.99 -3.07 11.70
N ALA A 260 1.61 -2.34 10.64
CA ALA A 260 0.40 -1.51 10.52
C ALA A 260 0.48 -0.30 11.45
N THR A 261 -0.14 -0.40 12.63
CA THR A 261 -0.28 0.63 13.68
C THR A 261 0.73 1.77 13.64
N MET A 262 1.95 1.51 14.08
CA MET A 262 3.04 2.50 14.25
C MET A 262 3.14 3.54 13.13
N VAL A 263 3.37 4.80 13.51
CA VAL A 263 3.59 5.86 12.53
C VAL A 263 4.92 5.76 11.78
N PRO A 264 4.91 5.64 10.46
CA PRO A 264 6.18 5.63 9.72
C PRO A 264 6.93 6.93 9.95
N LEU A 265 8.22 6.89 9.69
CA LEU A 265 9.07 8.08 9.73
C LEU A 265 9.07 8.87 8.43
N HIS A 266 8.74 8.28 7.29
CA HIS A 266 8.66 9.16 6.13
C HIS A 266 7.37 9.95 6.16
N GLU A 267 6.30 9.38 6.72
CA GLU A 267 5.05 10.13 6.82
C GLU A 267 5.24 11.34 7.73
N MET A 268 6.04 11.18 8.78
CA MET A 268 6.27 12.28 9.70
C MET A 268 7.17 13.33 9.04
N MET A 269 8.13 12.88 8.24
CA MET A 269 8.96 13.77 7.43
C MET A 269 8.11 14.65 6.51
N ARG A 270 7.17 14.04 5.79
CA ARG A 270 6.32 14.82 4.89
C ARG A 270 5.56 15.89 5.64
N ILE A 271 4.99 15.53 6.79
CA ILE A 271 4.13 16.49 7.49
C ILE A 271 4.92 17.74 7.86
N THR A 272 6.14 17.58 8.38
CA THR A 272 6.91 18.79 8.72
C THR A 272 7.32 19.57 7.48
N GLU A 273 7.61 18.88 6.38
CA GLU A 273 7.83 19.59 5.12
C GLU A 273 6.63 20.47 4.74
N ILE A 274 5.41 20.09 5.14
CA ILE A 274 4.28 20.99 4.97
C ILE A 274 4.36 22.12 5.97
N TRP A 275 4.60 21.78 7.23
CA TRP A 275 4.75 22.78 8.30
C TRP A 275 5.80 23.82 7.93
N VAL A 276 6.93 23.39 7.35
CA VAL A 276 7.95 24.36 7.01
C VAL A 276 7.46 25.29 5.92
N ASP A 277 6.81 24.75 4.89
CA ASP A 277 6.31 25.60 3.83
C ASP A 277 5.24 26.58 4.33
N THR A 278 4.42 26.14 5.29
CA THR A 278 3.42 27.02 5.86
C THR A 278 4.08 28.16 6.62
N ALA A 279 4.95 27.82 7.57
CA ALA A 279 5.65 28.82 8.37
C ALA A 279 6.48 29.77 7.51
N MET A 280 6.87 29.35 6.31
CA MET A 280 7.56 30.24 5.38
C MET A 280 6.65 31.30 4.79
N GLN A 281 5.33 31.07 4.80
CA GLN A 281 4.37 32.01 4.24
C GLN A 281 3.80 32.95 5.29
N LEU A 282 4.34 32.91 6.51
CA LEU A 282 3.79 33.70 7.61
C LEU A 282 4.18 35.17 7.50
N GLY A 283 3.17 36.06 7.59
CA GLY A 283 3.42 37.49 7.58
C GLY A 283 3.78 38.07 8.97
N GLU A 284 4.15 39.37 8.96
CA GLU A 284 4.61 40.02 10.19
C GLU A 284 3.53 40.07 11.27
N LYS A 285 2.27 39.76 10.92
CA LYS A 285 1.19 39.69 11.90
C LYS A 285 1.45 38.58 12.91
N SER A 286 1.69 37.36 12.40
CA SER A 286 1.85 36.19 13.25
C SER A 286 3.04 36.35 14.17
N LEU A 287 4.18 36.77 13.62
CA LEU A 287 5.38 36.98 14.41
C LEU A 287 5.15 37.89 15.62
N ARG A 288 4.30 38.91 15.47
CA ARG A 288 3.93 39.74 16.62
C ARG A 288 3.32 38.88 17.72
N THR A 289 2.33 38.04 17.37
CA THR A 289 1.77 37.09 18.33
C THR A 289 2.84 36.16 18.90
N MET A 290 3.83 35.79 18.08
CA MET A 290 4.87 34.89 18.58
C MET A 290 5.59 35.51 19.77
N ASP A 291 6.11 36.75 19.61
CA ASP A 291 6.87 37.38 20.68
C ASP A 291 5.99 37.77 21.86
N ARG A 292 4.69 37.92 21.64
CA ARG A 292 3.74 37.97 22.75
C ARG A 292 3.82 36.70 23.59
N LEU A 293 3.78 35.52 22.94
CA LEU A 293 3.81 34.25 23.67
C LEU A 293 5.12 34.06 24.44
N VAL A 294 6.25 34.27 23.75
CA VAL A 294 7.55 34.30 24.41
C VAL A 294 7.52 35.20 25.65
N ARG A 295 6.91 36.39 25.51
CA ARG A 295 6.91 37.37 26.59
C ARG A 295 5.97 36.98 27.74
N ALA A 296 4.92 36.20 27.47
CA ALA A 296 3.99 35.81 28.53
C ALA A 296 4.43 34.54 29.25
N GLN A 297 5.52 33.94 28.80
CA GLN A 297 6.06 32.76 29.46
C GLN A 297 7.44 33.11 30.06
CA PRO B 31 29.28 -26.83 11.49
C PRO B 31 29.02 -27.95 10.48
N THR B 32 28.29 -27.63 9.41
CA THR B 32 28.14 -28.49 8.23
C THR B 32 28.66 -27.77 7.00
N LEU B 33 29.67 -26.92 7.19
CA LEU B 33 30.15 -26.06 6.12
C LEU B 33 31.46 -25.40 6.56
N ARG B 34 32.21 -24.98 5.54
CA ARG B 34 33.60 -24.56 5.65
C ARG B 34 33.66 -23.04 5.56
N ILE B 35 34.01 -22.39 6.67
CA ILE B 35 33.94 -20.93 6.80
C ILE B 35 35.36 -20.35 6.78
N THR B 36 35.54 -19.31 5.98
CA THR B 36 36.79 -18.54 5.89
C THR B 36 36.51 -17.13 6.40
N GLU B 37 36.91 -16.86 7.65
CA GLU B 37 36.88 -15.50 8.21
C GLU B 37 38.09 -14.71 7.73
N GLU B 38 37.87 -13.43 7.41
CA GLU B 38 38.94 -12.50 7.03
C GLU B 38 38.51 -11.17 7.62
N PRO B 39 39.06 -10.76 8.75
CA PRO B 39 38.52 -9.58 9.45
C PRO B 39 39.07 -8.22 8.99
N GLU B 40 40.32 -8.16 8.50
CA GLU B 40 40.96 -6.88 8.19
C GLU B 40 40.16 -6.09 7.15
N ARG B 41 40.10 -6.62 5.93
CA ARG B 41 38.98 -6.37 5.03
C ARG B 41 37.85 -7.28 5.46
N ASP B 42 36.62 -6.76 5.52
CA ASP B 42 35.53 -7.60 6.01
C ASP B 42 35.06 -8.44 4.84
N VAL B 43 35.56 -9.66 4.77
CA VAL B 43 35.19 -10.60 3.73
C VAL B 43 35.07 -11.95 4.41
N TYR B 44 33.91 -12.58 4.29
CA TYR B 44 33.70 -13.88 4.90
C TYR B 44 33.22 -14.85 3.83
N TRP B 45 33.86 -16.02 3.75
CA TRP B 45 33.49 -17.02 2.75
C TRP B 45 32.69 -18.15 3.40
N ILE B 46 31.61 -18.57 2.75
CA ILE B 46 30.77 -19.67 3.22
C ILE B 46 30.75 -20.77 2.16
N HIS B 47 31.50 -21.84 2.43
CA HIS B 47 31.56 -23.02 1.58
C HIS B 47 30.68 -24.09 2.18
N MET B 48 29.65 -24.49 1.45
CA MET B 48 28.79 -25.55 1.95
C MET B 48 29.40 -26.91 1.64
N HIS B 49 28.92 -27.93 2.38
CA HIS B 49 29.23 -29.34 2.13
C HIS B 49 30.67 -29.72 2.48
N ALA B 50 31.27 -29.08 3.49
CA ALA B 50 32.63 -29.45 3.89
C ALA B 50 32.68 -30.90 4.35
N ASN B 51 31.58 -31.37 4.92
CA ASN B 51 31.45 -32.77 5.38
C ASN B 51 30.65 -33.60 4.39
N LEU B 52 30.95 -33.47 3.11
CA LEU B 52 30.16 -34.13 2.08
C LEU B 52 31.11 -34.79 1.08
N VAL B 53 32.29 -34.20 0.89
CA VAL B 53 33.21 -34.70 -0.12
C VAL B 53 33.80 -36.07 0.26
N ASN B 54 33.84 -36.34 1.56
CA ASN B 54 34.44 -37.61 2.06
C ASN B 54 33.36 -38.40 2.79
N GLN B 55 32.09 -38.29 2.38
CA GLN B 55 31.11 -39.09 3.14
C GLN B 55 30.10 -39.72 2.20
N PRO B 56 28.82 -39.34 2.30
CA PRO B 56 27.78 -39.84 1.42
C PRO B 56 27.64 -38.95 0.19
N GLY B 57 26.65 -39.22 -0.67
CA GLY B 57 26.47 -38.41 -1.89
C GLY B 57 25.31 -37.44 -1.78
N ARG B 58 24.74 -37.08 -2.94
CA ARG B 58 23.58 -36.15 -3.09
C ARG B 58 23.68 -34.94 -2.14
N PRO B 59 24.61 -33.98 -2.37
CA PRO B 59 24.70 -32.78 -1.53
C PRO B 59 23.54 -31.87 -1.92
N CYS B 60 22.80 -31.34 -0.93
CA CYS B 60 21.63 -30.53 -1.22
C CYS B 60 21.30 -29.78 0.07
N PHE B 61 20.23 -29.00 0.06
CA PHE B 61 19.87 -28.20 1.22
C PHE B 61 19.25 -29.11 2.27
N ALA B 62 20.12 -29.77 3.02
CA ALA B 62 19.67 -30.56 4.16
C ALA B 62 19.21 -29.66 5.29
N SER B 63 18.27 -30.16 6.09
CA SER B 63 17.87 -29.43 7.30
C SER B 63 19.04 -29.01 8.21
N ARG B 64 20.19 -29.70 8.14
CA ARG B 64 21.34 -29.26 8.93
C ARG B 64 22.09 -28.13 8.23
N LEU B 65 22.33 -28.27 6.91
CA LEU B 65 22.98 -27.20 6.16
C LEU B 65 22.11 -25.95 6.17
N VAL B 66 20.81 -26.13 5.97
CA VAL B 66 19.90 -24.99 6.06
C VAL B 66 20.00 -24.34 7.43
N ASP B 67 19.96 -25.14 8.50
CA ASP B 67 20.08 -24.56 9.84
C ASP B 67 21.47 -23.99 10.09
N ASP B 68 22.49 -24.56 9.46
CA ASP B 68 23.83 -24.06 9.72
C ASP B 68 24.11 -22.76 8.98
N ILE B 69 23.44 -22.52 7.86
CA ILE B 69 23.61 -21.25 7.14
C ILE B 69 22.85 -20.13 7.82
N VAL B 70 21.55 -20.31 8.01
CA VAL B 70 20.73 -19.42 8.83
C VAL B 70 21.47 -19.01 10.10
N ASP B 71 21.90 -19.99 10.92
CA ASP B 71 22.39 -19.65 12.26
C ASP B 71 23.71 -18.86 12.18
N TYR B 72 24.57 -19.18 11.22
CA TYR B 72 25.79 -18.39 11.05
C TYR B 72 25.47 -16.94 10.72
N GLN B 73 24.47 -16.71 9.86
CA GLN B 73 24.05 -15.34 9.53
C GLN B 73 23.64 -14.59 10.77
N ARG B 74 22.76 -15.19 11.59
CA ARG B 74 22.45 -14.63 12.90
C ARG B 74 23.73 -14.20 13.61
N GLU B 75 24.66 -15.14 13.80
CA GLU B 75 25.80 -14.87 14.69
C GLU B 75 26.76 -13.85 14.06
N LEU B 76 27.07 -13.99 12.76
CA LEU B 76 27.85 -12.98 12.07
C LEU B 76 27.07 -11.69 11.83
N GLY B 77 25.73 -11.78 11.82
CA GLY B 77 24.88 -10.61 11.73
C GLY B 77 25.23 -9.55 12.78
N ASP B 78 25.05 -9.87 14.06
CA ASP B 78 25.39 -8.90 15.11
C ASP B 78 26.88 -8.67 15.22
N ARG B 79 27.70 -9.60 14.70
CA ARG B 79 29.14 -9.37 14.69
C ARG B 79 29.50 -8.14 13.88
N LEU B 80 28.78 -7.89 12.78
CA LEU B 80 29.06 -6.73 11.96
C LEU B 80 28.20 -5.52 12.32
N SER B 81 27.10 -5.75 13.02
CA SER B 81 26.29 -4.66 13.53
C SER B 81 26.91 -4.03 14.78
N ALA B 82 27.43 -4.85 15.71
CA ALA B 82 28.17 -4.28 16.83
C ALA B 82 29.54 -3.76 16.36
N SER B 83 30.10 -4.37 15.32
CA SER B 83 31.35 -3.87 14.75
C SER B 83 31.18 -2.60 13.95
N HIS B 84 29.95 -2.18 13.65
CA HIS B 84 29.66 -0.95 12.90
C HIS B 84 30.41 -0.91 11.57
N ALA B 85 30.55 -2.08 10.94
CA ALA B 85 31.21 -2.20 9.65
C ALA B 85 30.47 -1.44 8.55
N LEU B 86 31.21 -1.13 7.48
CA LEU B 86 30.64 -0.46 6.30
C LEU B 86 30.91 -1.36 5.09
N SER B 87 29.82 -1.88 4.51
CA SER B 87 29.78 -2.71 3.32
C SER B 87 30.64 -3.98 3.42
N PRO B 88 30.40 -4.85 4.39
CA PRO B 88 31.10 -6.14 4.43
C PRO B 88 30.74 -6.97 3.21
N HIS B 89 31.58 -7.97 2.93
CA HIS B 89 31.35 -8.85 1.78
C HIS B 89 31.23 -10.31 2.22
N VAL B 90 30.31 -11.03 1.59
CA VAL B 90 29.99 -12.41 1.90
C VAL B 90 29.93 -13.19 0.60
N VAL B 91 30.71 -14.26 0.52
CA VAL B 91 30.77 -15.10 -0.68
C VAL B 91 30.11 -16.45 -0.38
N LEU B 92 29.44 -17.01 -1.39
CA LEU B 92 28.72 -18.28 -1.26
C LEU B 92 29.17 -19.29 -2.31
N ALA B 93 29.87 -20.36 -1.88
CA ALA B 93 30.39 -21.39 -2.77
C ALA B 93 30.19 -22.77 -2.14
N SER B 94 30.61 -23.80 -2.87
CA SER B 94 30.50 -25.16 -2.34
C SER B 94 31.80 -25.92 -2.57
N ASP B 95 32.16 -26.75 -1.60
CA ASP B 95 33.30 -27.65 -1.73
C ASP B 95 32.97 -28.94 -2.48
N SER B 96 31.70 -29.15 -2.83
CA SER B 96 31.26 -30.30 -3.61
C SER B 96 31.49 -30.03 -5.11
N ASP B 97 31.31 -31.09 -5.93
CA ASP B 97 31.37 -30.99 -7.38
C ASP B 97 30.18 -30.23 -7.95
N VAL B 98 29.22 -29.90 -7.10
CA VAL B 98 28.06 -29.10 -7.49
C VAL B 98 27.88 -28.02 -6.42
N PHE B 99 27.37 -26.85 -6.84
CA PHE B 99 27.00 -25.81 -5.88
C PHE B 99 26.00 -26.36 -4.85
N ASN B 100 24.82 -26.74 -5.30
CA ASN B 100 23.79 -27.32 -4.46
C ASN B 100 22.73 -27.91 -5.37
N LEU B 101 21.97 -28.87 -4.86
CA LEU B 101 21.10 -29.63 -5.75
C LEU B 101 19.62 -29.31 -5.51
N GLY B 102 19.35 -28.20 -4.80
CA GLY B 102 17.99 -27.88 -4.41
C GLY B 102 17.62 -28.48 -3.07
N GLY B 103 16.32 -28.43 -2.78
CA GLY B 103 15.82 -28.94 -1.53
C GLY B 103 16.12 -30.43 -1.36
N ASP B 104 15.94 -30.90 -0.13
CA ASP B 104 16.12 -32.33 0.10
C ASP B 104 14.80 -33.04 -0.21
N LEU B 105 14.69 -33.53 -1.44
CA LEU B 105 13.55 -34.36 -1.82
C LEU B 105 13.31 -35.52 -0.86
N GLU B 106 14.39 -36.05 -0.25
CA GLU B 106 14.28 -37.18 0.66
C GLU B 106 13.42 -36.84 1.87
N LEU B 107 13.67 -35.67 2.46
CA LEU B 107 12.85 -35.20 3.57
C LEU B 107 11.45 -34.83 3.11
N PHE B 108 11.32 -34.30 1.89
CA PHE B 108 10.01 -33.94 1.37
C PHE B 108 9.09 -35.14 1.33
N CYS B 109 9.63 -36.29 0.87
CA CYS B 109 8.84 -37.52 0.74
C CYS B 109 8.35 -38.02 2.09
N ARG B 110 9.28 -38.22 3.03
CA ARG B 110 8.87 -38.56 4.39
C ARG B 110 7.75 -37.65 4.85
N LEU B 111 8.03 -36.33 4.84
CA LEU B 111 7.15 -35.32 5.45
C LEU B 111 5.78 -35.25 4.77
N ILE B 112 5.74 -35.31 3.44
CA ILE B 112 4.44 -35.37 2.76
C ILE B 112 3.66 -36.61 3.20
N ARG B 113 4.27 -37.81 3.07
CA ARG B 113 3.57 -39.07 3.33
C ARG B 113 3.03 -39.16 4.75
N GLU B 114 3.81 -38.73 5.75
CA GLU B 114 3.23 -38.71 7.10
C GLU B 114 2.26 -37.55 7.30
N GLY B 115 2.00 -36.73 6.28
CA GLY B 115 1.10 -35.60 6.43
C GLY B 115 1.54 -34.55 7.44
N ASP B 116 2.84 -34.31 7.56
CA ASP B 116 3.33 -33.32 8.50
C ASP B 116 3.65 -32.07 7.69
N ARG B 117 2.66 -31.19 7.60
CA ARG B 117 2.83 -29.86 7.01
C ARG B 117 3.47 -28.90 8.01
N ALA B 118 3.27 -29.15 9.31
CA ALA B 118 3.94 -28.33 10.31
C ALA B 118 5.46 -28.43 10.19
N ARG B 119 5.97 -29.62 9.95
CA ARG B 119 7.42 -29.75 9.84
C ARG B 119 7.90 -29.25 8.49
N LEU B 120 7.15 -29.57 7.42
CA LEU B 120 7.57 -29.10 6.09
C LEU B 120 7.56 -27.59 6.00
N LEU B 121 6.51 -26.96 6.56
CA LEU B 121 6.47 -25.50 6.59
C LEU B 121 7.69 -24.95 7.29
N ASP B 122 7.91 -25.37 8.53
CA ASP B 122 9.14 -25.05 9.24
C ASP B 122 10.37 -25.18 8.36
N TYR B 123 10.44 -26.21 7.52
CA TYR B 123 11.59 -26.35 6.61
C TYR B 123 11.61 -25.22 5.58
N ALA B 124 10.48 -25.01 4.88
CA ALA B 124 10.39 -23.96 3.89
C ALA B 124 10.68 -22.60 4.50
N GLN B 125 10.17 -22.34 5.70
CA GLN B 125 10.34 -21.03 6.31
C GLN B 125 11.81 -20.74 6.57
N ARG B 126 12.51 -21.66 7.25
CA ARG B 126 13.95 -21.50 7.51
C ARG B 126 14.75 -21.43 6.21
N CYS B 127 14.28 -22.14 5.18
CA CYS B 127 14.89 -22.05 3.86
C CYS B 127 14.85 -20.64 3.34
N VAL B 128 13.66 -20.02 3.38
CA VAL B 128 13.47 -18.68 2.89
C VAL B 128 14.30 -17.69 3.70
N ARG B 129 14.30 -17.82 5.03
CA ARG B 129 15.02 -16.85 5.86
C ARG B 129 16.46 -16.70 5.43
N GLY B 130 17.06 -17.78 4.94
CA GLY B 130 18.47 -17.75 4.58
C GLY B 130 18.77 -17.23 3.20
N VAL B 131 17.85 -17.38 2.25
CA VAL B 131 18.01 -16.73 0.95
C VAL B 131 17.65 -15.24 1.05
N HIS B 132 16.64 -14.90 1.86
CA HIS B 132 16.31 -13.50 2.05
C HIS B 132 17.49 -12.72 2.68
N ALA B 133 18.19 -13.36 3.62
CA ALA B 133 19.32 -12.72 4.29
C ALA B 133 20.39 -12.32 3.30
N PHE B 134 20.72 -13.22 2.38
CA PHE B 134 21.67 -12.86 1.33
C PHE B 134 21.12 -11.72 0.49
N HIS B 135 19.82 -11.74 0.21
CA HIS B 135 19.22 -10.67 -0.59
C HIS B 135 19.34 -9.34 0.14
N ALA B 136 19.26 -9.36 1.47
CA ALA B 136 19.15 -8.14 2.26
C ALA B 136 20.47 -7.65 2.83
N GLY B 137 21.60 -8.22 2.38
CA GLY B 137 22.89 -7.83 2.91
C GLY B 137 23.16 -8.20 4.37
N LEU B 138 22.52 -9.25 4.89
CA LEU B 138 22.71 -9.75 6.25
C LEU B 138 22.25 -8.79 7.33
N GLY B 139 21.36 -7.86 6.97
CA GLY B 139 20.93 -6.79 7.86
C GLY B 139 21.99 -5.76 8.15
N THR B 140 23.12 -5.80 7.43
CA THR B 140 24.20 -4.86 7.60
C THR B 140 24.68 -4.38 6.23
N ARG B 141 23.77 -4.36 5.25
CA ARG B 141 24.02 -3.74 3.96
C ARG B 141 25.21 -4.38 3.23
N ALA B 142 25.50 -5.63 3.59
CA ALA B 142 26.61 -6.39 3.05
C ALA B 142 26.41 -6.69 1.57
N HIS B 143 27.43 -7.28 0.97
CA HIS B 143 27.46 -7.61 -0.44
C HIS B 143 27.48 -9.13 -0.60
N SER B 144 26.46 -9.68 -1.27
CA SER B 144 26.37 -11.11 -1.55
C SER B 144 27.03 -11.42 -2.88
N ILE B 145 27.99 -12.34 -2.87
CA ILE B 145 28.57 -12.87 -4.10
C ILE B 145 28.41 -14.38 -4.10
N ALA B 146 27.85 -14.91 -5.17
CA ALA B 146 27.67 -16.33 -5.33
C ALA B 146 28.76 -16.83 -6.28
N LEU B 147 29.60 -17.73 -5.76
CA LEU B 147 30.64 -18.43 -6.52
C LEU B 147 30.05 -19.78 -6.89
N VAL B 148 29.57 -19.88 -8.12
CA VAL B 148 28.85 -21.08 -8.57
C VAL B 148 29.87 -21.89 -9.36
N GLN B 149 30.59 -22.77 -8.64
CA GLN B 149 31.63 -23.57 -9.27
C GLN B 149 31.06 -24.87 -9.78
N GLY B 150 30.28 -25.55 -8.95
CA GLY B 150 29.51 -26.68 -9.41
C GLY B 150 28.21 -26.25 -10.03
N ASN B 151 27.41 -27.24 -10.41
CA ASN B 151 26.07 -26.98 -10.90
C ASN B 151 25.13 -26.61 -9.75
N ALA B 152 24.10 -25.84 -10.08
CA ALA B 152 23.10 -25.47 -9.08
C ALA B 152 21.73 -25.63 -9.73
N LEU B 153 20.97 -26.60 -9.25
CA LEU B 153 19.63 -26.79 -9.75
C LEU B 153 18.66 -26.72 -8.59
N GLY B 154 17.49 -26.12 -8.84
CA GLY B 154 16.48 -25.98 -7.81
C GLY B 154 16.83 -24.83 -6.87
N GLY B 155 16.70 -25.09 -5.57
CA GLY B 155 17.11 -24.13 -4.55
C GLY B 155 18.58 -23.71 -4.62
N GLY B 156 19.41 -24.46 -5.35
CA GLY B 156 20.75 -23.98 -5.60
C GLY B 156 20.76 -22.80 -6.56
N PHE B 157 19.86 -22.83 -7.54
CA PHE B 157 19.68 -21.67 -8.42
C PHE B 157 19.06 -20.51 -7.67
N GLU B 158 18.00 -20.79 -6.92
CA GLU B 158 17.33 -19.76 -6.13
C GLU B 158 18.33 -19.05 -5.22
N ALA B 159 19.03 -19.81 -4.39
CA ALA B 159 20.07 -19.26 -3.52
C ALA B 159 21.08 -18.41 -4.29
N ALA B 160 21.55 -18.89 -5.46
CA ALA B 160 22.47 -18.11 -6.26
C ALA B 160 21.85 -16.79 -6.68
N LEU B 161 20.56 -16.81 -7.04
CA LEU B 161 19.84 -15.61 -7.42
C LEU B 161 19.66 -14.67 -6.24
N SER B 162 19.54 -15.23 -5.02
CA SER B 162 19.45 -14.40 -3.83
C SER B 162 20.65 -13.48 -3.68
N CYS B 163 21.76 -13.80 -4.35
CA CYS B 163 22.97 -13.04 -4.18
C CYS B 163 23.02 -11.84 -5.13
N HIS B 164 23.51 -10.71 -4.61
CA HIS B 164 23.55 -9.49 -5.42
C HIS B 164 24.44 -9.71 -6.63
N THR B 165 25.57 -10.36 -6.44
CA THR B 165 26.46 -10.73 -7.53
C THR B 165 26.42 -12.24 -7.75
N ILE B 166 26.46 -12.65 -9.02
CA ILE B 166 26.52 -14.05 -9.38
C ILE B 166 27.76 -14.25 -10.26
N VAL B 167 28.68 -15.10 -9.80
CA VAL B 167 29.86 -15.46 -10.57
C VAL B 167 29.79 -16.97 -10.83
N ALA B 168 29.95 -17.35 -12.08
CA ALA B 168 29.83 -18.76 -12.44
C ALA B 168 30.84 -19.11 -13.52
N GLU B 169 31.66 -20.13 -13.25
CA GLU B 169 32.62 -20.65 -14.22
C GLU B 169 31.87 -21.17 -15.46
N GLU B 170 32.57 -21.27 -16.57
CA GLU B 170 31.87 -21.66 -17.79
C GLU B 170 31.42 -23.12 -17.71
N GLY B 171 30.36 -23.44 -18.45
CA GLY B 171 29.84 -24.79 -18.50
C GLY B 171 29.01 -25.19 -17.30
N VAL B 172 28.90 -24.33 -16.30
CA VAL B 172 28.00 -24.63 -15.20
C VAL B 172 26.55 -24.61 -15.71
N LEU B 173 25.73 -25.49 -15.16
CA LEU B 173 24.30 -25.53 -15.46
C LEU B 173 23.51 -25.08 -14.24
N MET B 174 22.49 -24.25 -14.48
CA MET B 174 21.58 -23.79 -13.45
C MET B 174 20.16 -23.86 -13.98
N GLY B 175 19.26 -24.34 -13.13
CA GLY B 175 17.88 -24.46 -13.54
C GLY B 175 17.03 -24.90 -12.38
N LEU B 176 15.73 -24.98 -12.64
CA LEU B 176 14.73 -25.37 -11.65
C LEU B 176 13.95 -26.52 -12.27
N PRO B 177 14.34 -27.76 -12.01
CA PRO B 177 13.63 -28.93 -12.58
C PRO B 177 12.49 -29.44 -11.72
N GLU B 178 12.16 -28.71 -10.63
CA GLU B 178 11.15 -29.11 -9.66
C GLU B 178 9.77 -29.39 -10.28
N VAL B 179 9.52 -28.94 -11.53
CA VAL B 179 8.27 -29.24 -12.19
C VAL B 179 8.16 -30.69 -12.61
N LEU B 180 9.25 -31.45 -12.49
CA LEU B 180 9.26 -32.85 -12.89
C LEU B 180 8.43 -33.72 -11.97
N PHE B 181 8.12 -33.24 -10.77
CA PHE B 181 7.18 -33.95 -9.92
C PHE B 181 5.94 -33.11 -9.62
N ASP B 182 5.62 -32.15 -10.50
CA ASP B 182 4.50 -31.22 -10.31
C ASP B 182 4.64 -30.40 -9.02
N LEU B 183 5.84 -29.91 -8.76
CA LEU B 183 6.10 -28.93 -7.72
C LEU B 183 6.62 -27.66 -8.38
N PHE B 184 6.76 -26.60 -7.62
CA PHE B 184 7.31 -25.36 -8.16
C PHE B 184 8.40 -24.81 -7.26
N PRO B 185 9.28 -23.95 -7.81
CA PRO B 185 10.43 -23.39 -7.05
C PRO B 185 10.07 -22.32 -6.02
N GLY B 186 9.56 -22.77 -4.87
CA GLY B 186 9.02 -21.87 -3.87
C GLY B 186 10.02 -21.33 -2.87
N MET B 187 11.31 -21.57 -3.13
CA MET B 187 12.35 -21.09 -2.20
C MET B 187 12.78 -19.66 -2.56
N GLY B 188 12.07 -19.00 -3.48
CA GLY B 188 12.36 -17.58 -3.80
C GLY B 188 12.77 -17.30 -5.23
N ALA B 189 12.60 -18.24 -6.15
CA ALA B 189 13.05 -18.01 -7.54
C ALA B 189 12.28 -16.85 -8.17
N TYR B 190 10.97 -16.83 -7.96
CA TYR B 190 10.10 -15.76 -8.52
C TYR B 190 10.62 -14.44 -7.98
N SER B 191 10.54 -14.31 -6.67
CA SER B 191 10.99 -13.12 -5.92
C SER B 191 12.34 -12.62 -6.45
N PHE B 192 13.38 -13.44 -6.35
CA PHE B 192 14.69 -12.96 -6.77
C PHE B 192 14.77 -12.86 -8.29
N LEU B 193 14.19 -13.85 -8.96
CA LEU B 193 14.18 -13.93 -10.45
C LEU B 193 13.44 -12.73 -11.03
N CYS B 194 12.57 -12.08 -10.24
CA CYS B 194 11.82 -10.95 -10.76
C CYS B 194 12.58 -9.63 -10.66
N GLN B 195 13.70 -9.55 -9.95
CA GLN B 195 14.52 -8.34 -10.02
C GLN B 195 15.29 -8.25 -11.32
N ARG B 196 15.52 -9.39 -11.96
CA ARG B 196 16.37 -9.45 -13.13
C ARG B 196 15.59 -9.39 -14.43
N ILE B 197 14.35 -9.93 -14.46
CA ILE B 197 13.53 -10.04 -15.67
C ILE B 197 12.04 -9.86 -15.32
N SER B 198 11.20 -10.02 -16.35
CA SER B 198 9.77 -9.80 -16.26
C SER B 198 9.09 -10.92 -15.46
N PRO B 199 7.98 -10.61 -14.79
CA PRO B 199 7.28 -11.67 -14.03
C PRO B 199 6.73 -12.75 -14.94
N ARG B 200 6.41 -12.43 -16.21
CA ARG B 200 5.91 -13.45 -17.14
C ARG B 200 7.02 -14.38 -17.57
N LEU B 201 8.11 -13.81 -18.10
CA LEU B 201 9.26 -14.65 -18.43
C LEU B 201 9.80 -15.38 -17.19
N ALA B 202 9.68 -14.78 -16.00
CA ALA B 202 10.08 -15.49 -14.79
C ALA B 202 9.35 -16.82 -14.68
N GLU B 203 8.02 -16.78 -14.79
CA GLU B 203 7.24 -17.99 -14.69
C GLU B 203 7.55 -18.97 -15.82
N LYS B 204 7.84 -18.44 -17.03
CA LYS B 204 8.27 -19.30 -18.12
C LYS B 204 9.43 -20.18 -17.67
N ILE B 205 10.50 -19.57 -17.17
CA ILE B 205 11.65 -20.35 -16.70
C ILE B 205 11.25 -21.30 -15.60
N MET B 206 10.32 -20.87 -14.75
CA MET B 206 10.02 -21.65 -13.55
C MET B 206 9.18 -22.88 -13.87
N LEU B 207 8.25 -22.76 -14.81
CA LEU B 207 7.39 -23.88 -15.14
C LEU B 207 7.93 -24.72 -16.30
N GLU B 208 8.89 -24.20 -17.06
CA GLU B 208 9.47 -24.94 -18.18
C GLU B 208 10.30 -26.11 -17.68
N GLY B 209 11.12 -25.89 -16.66
CA GLY B 209 11.99 -26.94 -16.17
C GLY B 209 13.28 -27.11 -16.93
N ASN B 210 13.47 -26.44 -18.06
CA ASN B 210 14.72 -26.60 -18.77
C ASN B 210 15.88 -26.02 -17.97
N LEU B 211 17.08 -26.50 -18.29
CA LEU B 211 18.32 -26.00 -17.71
C LEU B 211 19.06 -25.18 -18.77
N TYR B 212 19.55 -24.02 -18.36
CA TYR B 212 20.29 -23.14 -19.24
C TYR B 212 21.74 -23.14 -18.79
N THR B 213 22.66 -23.05 -19.75
CA THR B 213 24.06 -23.14 -19.36
C THR B 213 24.55 -21.79 -18.85
N ALA B 214 25.75 -21.81 -18.27
CA ALA B 214 26.28 -20.59 -17.65
C ALA B 214 26.19 -19.41 -18.61
N SER B 215 26.80 -19.53 -19.79
CA SER B 215 26.84 -18.38 -20.68
C SER B 215 25.45 -18.07 -21.25
N GLN B 216 24.63 -19.10 -21.47
CA GLN B 216 23.23 -18.85 -21.80
C GLN B 216 22.61 -17.93 -20.77
N LEU B 217 22.85 -18.21 -19.48
CA LEU B 217 22.27 -17.40 -18.42
C LEU B 217 22.87 -16.00 -18.35
N LYS B 218 24.11 -15.85 -18.82
CA LYS B 218 24.70 -14.51 -18.92
C LYS B 218 23.85 -13.62 -19.81
N GLU B 219 23.63 -14.04 -21.07
CA GLU B 219 22.87 -13.23 -22.03
C GLU B 219 21.45 -12.93 -21.58
N MET B 220 20.91 -13.71 -20.64
CA MET B 220 19.58 -13.41 -20.11
C MET B 220 19.60 -12.41 -18.97
N GLY B 221 20.78 -11.90 -18.59
CA GLY B 221 20.85 -11.05 -17.42
C GLY B 221 20.61 -11.76 -16.11
N LEU B 222 20.63 -13.09 -16.10
CA LEU B 222 20.45 -13.85 -14.87
C LEU B 222 21.76 -14.20 -14.18
N VAL B 223 22.88 -14.11 -14.88
CA VAL B 223 24.22 -14.39 -14.35
C VAL B 223 25.12 -13.19 -14.60
N ASP B 224 25.70 -12.65 -13.53
CA ASP B 224 26.37 -11.36 -13.65
C ASP B 224 27.72 -11.47 -14.37
N ILE B 225 28.56 -12.46 -14.04
CA ILE B 225 29.86 -12.56 -14.71
C ILE B 225 30.29 -14.02 -14.86
N VAL B 226 30.83 -14.34 -16.04
CA VAL B 226 31.31 -15.69 -16.36
C VAL B 226 32.78 -15.62 -16.74
N VAL B 227 33.50 -16.71 -16.43
CA VAL B 227 34.95 -16.77 -16.50
C VAL B 227 35.32 -18.20 -16.88
N PRO B 228 36.47 -18.43 -17.53
CA PRO B 228 36.85 -19.80 -17.89
C PRO B 228 36.78 -20.76 -16.71
N VAL B 229 36.52 -22.03 -17.04
CA VAL B 229 36.38 -23.06 -16.00
C VAL B 229 37.64 -23.06 -15.14
N GLY B 230 37.46 -23.12 -13.81
CA GLY B 230 38.57 -23.03 -12.87
C GLY B 230 39.21 -21.67 -12.66
N GLU B 231 38.50 -20.60 -13.01
CA GLU B 231 39.02 -19.25 -12.82
C GLU B 231 38.14 -18.39 -11.92
N GLY B 232 37.01 -18.90 -11.39
CA GLY B 232 36.06 -18.05 -10.69
C GLY B 232 36.59 -17.49 -9.39
N VAL B 233 37.49 -18.22 -8.72
CA VAL B 233 37.87 -17.82 -7.38
C VAL B 233 38.58 -16.48 -7.38
N ALA B 234 39.24 -16.12 -8.48
CA ALA B 234 39.78 -14.78 -8.66
C ALA B 234 38.72 -13.85 -9.22
N ALA B 235 37.89 -14.37 -10.14
CA ALA B 235 36.72 -13.63 -10.57
C ALA B 235 36.01 -13.01 -9.39
N VAL B 236 35.59 -13.83 -8.41
CA VAL B 236 35.09 -13.28 -7.17
C VAL B 236 36.05 -12.22 -6.66
N GLU B 237 37.29 -12.63 -6.38
CA GLU B 237 38.28 -11.72 -5.79
C GLU B 237 38.31 -10.38 -6.53
N GLN B 238 38.22 -10.43 -7.86
CA GLN B 238 38.01 -9.21 -8.63
C GLN B 238 36.76 -8.47 -8.14
N VAL B 239 35.61 -9.14 -8.12
CA VAL B 239 34.34 -8.49 -7.84
C VAL B 239 34.35 -7.84 -6.45
N ILE B 240 34.90 -8.52 -5.43
CA ILE B 240 35.00 -7.83 -4.14
C ILE B 240 35.83 -6.57 -4.29
N LYS B 241 37.02 -6.68 -4.88
CA LYS B 241 37.96 -5.56 -4.87
C LYS B 241 37.34 -4.32 -5.49
N GLU B 242 36.74 -4.44 -6.68
CA GLU B 242 36.13 -3.28 -7.33
C GLU B 242 35.12 -2.60 -6.42
N SER B 243 34.33 -3.39 -5.66
CA SER B 243 33.30 -2.84 -4.79
C SER B 243 33.85 -2.13 -3.56
N ARG B 244 35.08 -2.44 -3.14
CA ARG B 244 35.67 -1.79 -1.99
C ARG B 244 36.06 -0.34 -2.28
N ARG B 245 36.25 -0.01 -3.57
CA ARG B 245 36.45 1.38 -3.97
C ARG B 245 35.27 2.26 -3.61
N ILE B 246 34.06 1.69 -3.49
CA ILE B 246 32.81 2.46 -3.35
C ILE B 246 31.99 2.09 -2.11
N PRO B 247 32.59 1.94 -0.92
CA PRO B 247 31.81 1.43 0.22
C PRO B 247 30.60 2.29 0.57
N HIS B 248 30.72 3.62 0.51
CA HIS B 248 29.58 4.47 0.86
C HIS B 248 28.50 4.46 -0.24
N ALA B 249 28.92 4.51 -1.50
CA ALA B 249 27.97 4.34 -2.59
C ALA B 249 27.26 3.01 -2.50
N TRP B 250 27.99 1.93 -2.18
CA TRP B 250 27.37 0.61 -2.12
C TRP B 250 26.31 0.55 -1.03
N ALA B 251 26.66 1.02 0.18
CA ALA B 251 25.70 0.93 1.26
C ALA B 251 24.46 1.77 0.97
N ALA B 252 24.60 2.84 0.19
CA ALA B 252 23.43 3.64 -0.15
C ALA B 252 22.54 2.91 -1.16
N MET B 253 23.15 2.25 -2.14
CA MET B 253 22.34 1.45 -3.07
C MET B 253 21.60 0.34 -2.35
N ARG B 254 22.20 -0.21 -1.29
CA ARG B 254 21.49 -1.18 -0.47
C ARG B 254 20.35 -0.51 0.32
N GLU B 255 20.58 0.72 0.77
CA GLU B 255 19.52 1.47 1.46
C GLU B 255 18.40 1.86 0.50
N VAL B 256 18.76 2.36 -0.67
CA VAL B 256 17.76 2.69 -1.68
C VAL B 256 16.89 1.49 -1.97
N ASN B 257 17.48 0.30 -2.09
CA ASN B 257 16.63 -0.84 -2.38
C ASN B 257 15.78 -1.22 -1.18
N GLU B 258 16.20 -0.90 0.04
CA GLU B 258 15.33 -1.17 1.18
C GLU B 258 13.95 -0.51 1.02
N ILE B 259 13.87 0.66 0.39
CA ILE B 259 12.59 1.36 0.33
C ILE B 259 11.72 0.81 -0.80
N ALA B 260 12.24 0.76 -2.03
CA ALA B 260 11.56 0.04 -3.10
C ALA B 260 12.54 -0.91 -3.78
N THR B 261 11.99 -1.83 -4.57
CA THR B 261 12.79 -2.79 -5.34
C THR B 261 13.72 -3.60 -4.43
N MET B 262 13.10 -4.18 -3.40
CA MET B 262 13.65 -5.24 -2.57
C MET B 262 12.45 -6.12 -2.26
N VAL B 263 12.68 -7.33 -1.81
CA VAL B 263 11.60 -8.29 -1.68
C VAL B 263 11.17 -8.36 -0.22
N PRO B 264 9.92 -8.04 0.11
CA PRO B 264 9.48 -8.17 1.50
C PRO B 264 9.61 -9.61 1.95
N LEU B 265 9.88 -9.78 3.25
CA LEU B 265 9.99 -11.11 3.81
C LEU B 265 8.62 -11.75 4.00
N HIS B 266 7.60 -10.98 4.42
CA HIS B 266 6.28 -11.60 4.57
C HIS B 266 5.80 -12.15 3.26
N GLU B 267 6.12 -11.46 2.18
CA GLU B 267 5.64 -11.90 0.89
C GLU B 267 6.27 -13.24 0.53
N MET B 268 7.52 -13.44 0.95
CA MET B 268 8.18 -14.71 0.69
C MET B 268 7.65 -15.81 1.61
N MET B 269 7.47 -15.49 2.90
CA MET B 269 6.74 -16.38 3.79
C MET B 269 5.33 -16.68 3.27
N ARG B 270 4.71 -15.75 2.56
CA ARG B 270 3.38 -16.02 2.02
C ARG B 270 3.45 -17.06 0.92
N ILE B 271 4.43 -16.94 0.04
CA ILE B 271 4.55 -17.88 -1.08
C ILE B 271 4.94 -19.28 -0.59
N THR B 272 5.89 -19.39 0.34
CA THR B 272 6.20 -20.75 0.81
C THR B 272 5.02 -21.37 1.54
N GLU B 273 4.00 -20.59 1.93
CA GLU B 273 2.79 -21.23 2.45
C GLU B 273 1.96 -21.83 1.32
N ILE B 274 2.00 -21.25 0.12
CA ILE B 274 1.39 -21.91 -1.04
C ILE B 274 2.16 -23.19 -1.38
N TRP B 275 3.50 -23.07 -1.44
CA TRP B 275 4.32 -24.21 -1.85
C TRP B 275 4.16 -25.38 -0.87
N VAL B 276 4.19 -25.10 0.42
CA VAL B 276 3.96 -26.19 1.35
C VAL B 276 2.58 -26.77 1.19
N ASP B 277 1.61 -25.96 0.80
CA ASP B 277 0.30 -26.55 0.62
C ASP B 277 0.21 -27.26 -0.72
N THR B 278 1.00 -26.82 -1.69
CA THR B 278 1.01 -27.41 -3.05
C THR B 278 1.72 -28.77 -3.03
N ALA B 279 2.78 -28.88 -2.23
CA ALA B 279 3.56 -30.14 -2.11
C ALA B 279 2.77 -31.16 -1.28
N MET B 280 1.89 -30.67 -0.39
CA MET B 280 1.07 -31.55 0.47
C MET B 280 -0.02 -32.23 -0.36
N GLN B 281 -0.24 -31.74 -1.59
CA GLN B 281 -1.25 -32.30 -2.46
C GLN B 281 -0.63 -33.31 -3.44
N LEU B 282 0.70 -33.43 -3.47
CA LEU B 282 1.32 -34.29 -4.46
C LEU B 282 0.93 -35.76 -4.24
N GLY B 283 0.76 -36.48 -5.37
CA GLY B 283 0.34 -37.87 -5.36
C GLY B 283 1.50 -38.83 -5.51
N GLU B 284 1.18 -40.13 -5.44
CA GLU B 284 2.23 -41.15 -5.41
C GLU B 284 3.16 -41.03 -6.62
N LYS B 285 2.59 -40.79 -7.81
CA LYS B 285 3.42 -40.80 -9.02
C LYS B 285 4.58 -39.81 -8.91
N SER B 286 4.34 -38.68 -8.23
CA SER B 286 5.35 -37.65 -8.05
C SER B 286 6.33 -38.02 -6.94
N LEU B 287 5.82 -38.42 -5.77
CA LEU B 287 6.65 -38.91 -4.69
C LEU B 287 7.69 -39.92 -5.17
N ARG B 288 7.29 -40.79 -6.10
CA ARG B 288 8.23 -41.77 -6.63
C ARG B 288 9.25 -41.10 -7.54
N THR B 289 8.79 -40.12 -8.34
CA THR B 289 9.69 -39.39 -9.25
C THR B 289 10.82 -38.74 -8.48
N MET B 290 10.53 -38.22 -7.28
CA MET B 290 11.58 -37.70 -6.41
C MET B 290 12.54 -38.80 -6.01
N ASP B 291 12.01 -39.94 -5.59
CA ASP B 291 12.86 -41.04 -5.14
C ASP B 291 13.84 -41.44 -6.24
N ARG B 292 13.33 -41.69 -7.45
CA ARG B 292 14.21 -42.01 -8.58
C ARG B 292 15.14 -40.85 -8.88
N LEU B 293 14.68 -39.62 -8.60
CA LEU B 293 15.54 -38.46 -8.75
C LEU B 293 16.67 -38.45 -7.73
N VAL B 294 16.38 -38.82 -6.47
CA VAL B 294 17.42 -38.88 -5.43
C VAL B 294 18.55 -39.82 -5.84
N ARG B 295 18.21 -40.98 -6.42
CA ARG B 295 19.22 -41.90 -6.92
C ARG B 295 19.93 -41.33 -8.16
N ALA B 296 19.16 -40.81 -9.12
CA ALA B 296 19.72 -40.06 -10.24
C ALA B 296 20.23 -38.66 -9.86
N GLN B 297 20.06 -38.21 -8.60
CA GLN B 297 20.60 -36.94 -8.08
C GLN B 297 22.12 -37.08 -7.88
CA PRO C 31 -31.12 26.26 -11.85
C PRO C 31 -31.95 25.42 -10.90
N THR C 32 -31.28 24.86 -9.88
CA THR C 32 -31.91 24.13 -8.79
C THR C 32 -31.41 24.57 -7.42
N LEU C 33 -30.47 25.51 -7.36
CA LEU C 33 -29.95 26.02 -6.09
C LEU C 33 -29.89 27.54 -6.10
N ARG C 34 -29.84 28.08 -4.90
CA ARG C 34 -29.54 29.48 -4.64
C ARG C 34 -28.07 29.57 -4.30
N ILE C 35 -27.42 30.62 -4.78
CA ILE C 35 -26.01 30.82 -4.50
C ILE C 35 -25.84 32.23 -3.96
N THR C 36 -25.56 32.34 -2.66
CA THR C 36 -25.12 33.59 -2.06
C THR C 36 -23.60 33.68 -2.27
N GLU C 37 -23.21 34.36 -3.34
CA GLU C 37 -21.81 34.69 -3.61
C GLU C 37 -21.32 35.79 -2.67
N GLU C 38 -20.04 35.75 -2.34
CA GLU C 38 -19.41 36.76 -1.48
C GLU C 38 -17.93 36.85 -1.81
N PRO C 39 -17.55 37.16 -3.06
CA PRO C 39 -16.19 36.83 -3.53
C PRO C 39 -15.09 37.63 -2.85
N GLU C 40 -15.37 38.82 -2.36
CA GLU C 40 -14.34 39.57 -1.65
C GLU C 40 -14.01 38.90 -0.33
N ARG C 41 -14.97 38.18 0.25
CA ARG C 41 -14.76 37.41 1.47
C ARG C 41 -14.26 36.00 1.17
N ASP C 42 -14.38 35.60 -0.10
CA ASP C 42 -14.14 34.23 -0.54
C ASP C 42 -14.97 33.25 0.30
N VAL C 43 -16.26 33.57 0.39
CA VAL C 43 -17.27 32.78 1.06
C VAL C 43 -18.37 32.51 0.05
N TYR C 44 -18.91 31.30 0.01
CA TYR C 44 -19.93 30.99 -0.98
C TYR C 44 -20.98 30.07 -0.39
N TRP C 45 -22.25 30.36 -0.66
CA TRP C 45 -23.38 29.65 -0.05
C TRP C 45 -24.14 28.87 -1.10
N ILE C 46 -24.35 27.58 -0.87
CA ILE C 46 -25.06 26.72 -1.79
C ILE C 46 -26.29 26.21 -1.06
N HIS C 47 -27.43 26.86 -1.33
CA HIS C 47 -28.72 26.47 -0.77
C HIS C 47 -29.39 25.52 -1.75
N MET C 48 -29.69 24.30 -1.32
CA MET C 48 -30.35 23.35 -2.24
C MET C 48 -31.86 23.51 -2.11
N HIS C 49 -32.58 23.22 -3.21
CA HIS C 49 -34.05 23.24 -3.40
C HIS C 49 -34.59 24.64 -3.65
N ALA C 50 -33.94 25.40 -4.53
CA ALA C 50 -34.43 26.75 -4.86
C ALA C 50 -35.74 26.61 -5.64
N ASN C 51 -35.82 25.63 -6.53
CA ASN C 51 -37.05 25.39 -7.33
C ASN C 51 -38.03 24.53 -6.52
N LEU C 52 -38.29 24.92 -5.27
CA LEU C 52 -39.21 24.17 -4.39
C LEU C 52 -40.24 25.13 -3.78
N VAL C 53 -40.03 26.43 -3.90
CA VAL C 53 -41.03 27.40 -3.37
C VAL C 53 -42.15 27.44 -4.43
N ASN C 54 -41.80 27.19 -5.69
CA ASN C 54 -42.69 27.46 -6.86
C ASN C 54 -43.14 26.16 -7.52
N GLN C 55 -42.34 25.09 -7.40
CA GLN C 55 -42.66 23.79 -8.05
C GLN C 55 -43.46 22.88 -7.10
N PRO C 56 -43.45 21.54 -7.32
CA PRO C 56 -44.20 20.60 -6.48
C PRO C 56 -43.53 20.33 -5.12
N GLY C 57 -42.76 19.24 -5.02
CA GLY C 57 -42.09 18.92 -3.74
C GLY C 57 -40.84 18.08 -3.93
N ARG C 58 -40.81 16.90 -3.29
CA ARG C 58 -39.67 15.99 -3.33
C ARG C 58 -38.37 16.70 -3.00
N PRO C 59 -38.17 17.18 -1.76
CA PRO C 59 -36.85 17.76 -1.41
C PRO C 59 -35.77 16.68 -1.27
N CYS C 60 -35.42 16.03 -2.38
CA CYS C 60 -34.47 14.94 -2.37
C CYS C 60 -33.34 15.27 -3.34
N PHE C 61 -32.54 14.27 -3.72
CA PHE C 61 -31.36 14.52 -4.53
C PHE C 61 -31.64 14.19 -6.00
N ALA C 62 -32.46 15.02 -6.63
CA ALA C 62 -32.78 14.74 -8.02
C ALA C 62 -31.52 14.83 -8.89
N SER C 63 -31.58 14.13 -10.03
CA SER C 63 -30.44 14.07 -10.95
C SER C 63 -29.96 15.47 -11.31
N ARG C 64 -30.89 16.38 -11.63
CA ARG C 64 -30.54 17.74 -11.97
C ARG C 64 -29.80 18.42 -10.81
N LEU C 65 -30.34 18.27 -9.60
CA LEU C 65 -29.73 18.85 -8.40
C LEU C 65 -28.29 18.35 -8.25
N VAL C 66 -28.12 17.03 -8.20
CA VAL C 66 -26.77 16.46 -8.14
C VAL C 66 -25.91 17.02 -9.27
N ASP C 67 -26.48 17.10 -10.46
CA ASP C 67 -25.74 17.65 -11.60
C ASP C 67 -25.47 19.14 -11.43
N ASP C 68 -26.36 19.88 -10.77
CA ASP C 68 -26.08 21.29 -10.51
C ASP C 68 -25.06 21.48 -9.40
N ILE C 69 -25.04 20.59 -8.38
CA ILE C 69 -24.05 20.65 -7.30
C ILE C 69 -22.67 20.26 -7.81
N VAL C 70 -22.57 19.22 -8.63
CA VAL C 70 -21.30 18.98 -9.32
C VAL C 70 -20.91 20.19 -10.13
N ASP C 71 -21.74 20.58 -11.11
CA ASP C 71 -21.31 21.53 -12.11
C ASP C 71 -20.81 22.82 -11.48
N TYR C 72 -21.50 23.30 -10.44
CA TYR C 72 -21.07 24.50 -9.75
C TYR C 72 -19.77 24.27 -8.97
N GLN C 73 -19.55 23.07 -8.46
CA GLN C 73 -18.23 22.77 -7.88
C GLN C 73 -17.13 23.01 -8.91
N ARG C 74 -17.23 22.36 -10.07
CA ARG C 74 -16.25 22.61 -11.12
C ARG C 74 -16.10 24.10 -11.40
N GLU C 75 -17.20 24.85 -11.39
CA GLU C 75 -17.17 26.27 -11.74
C GLU C 75 -16.47 27.08 -10.66
N LEU C 76 -17.07 27.13 -9.46
CA LEU C 76 -16.44 27.74 -8.30
C LEU C 76 -15.00 27.26 -8.11
N GLY C 77 -14.78 25.95 -8.29
CA GLY C 77 -13.48 25.38 -8.01
C GLY C 77 -12.40 25.89 -8.95
N ASP C 78 -12.65 25.83 -10.25
CA ASP C 78 -11.67 26.41 -11.17
C ASP C 78 -11.47 27.88 -10.89
N ARG C 79 -12.53 28.58 -10.47
CA ARG C 79 -12.42 30.00 -10.20
C ARG C 79 -11.52 30.26 -9.01
N LEU C 80 -11.77 29.54 -7.91
CA LEU C 80 -10.96 29.70 -6.72
C LEU C 80 -9.52 29.32 -6.98
N SER C 81 -9.30 28.19 -7.66
CA SER C 81 -7.96 27.77 -8.00
C SER C 81 -7.21 28.83 -8.79
N ALA C 82 -7.78 29.25 -9.91
CA ALA C 82 -7.17 30.25 -10.77
C ALA C 82 -6.95 31.58 -10.05
N SER C 83 -7.84 31.91 -9.12
CA SER C 83 -7.62 33.09 -8.28
C SER C 83 -6.47 32.92 -7.29
N HIS C 84 -5.89 31.71 -7.17
CA HIS C 84 -4.90 31.40 -6.12
C HIS C 84 -5.45 31.72 -4.73
N ALA C 85 -6.73 31.47 -4.52
CA ALA C 85 -7.37 31.70 -3.23
C ALA C 85 -6.73 30.82 -2.17
N LEU C 86 -6.87 31.24 -0.91
CA LEU C 86 -6.36 30.48 0.23
C LEU C 86 -7.46 30.28 1.25
N SER C 87 -7.80 29.01 1.50
CA SER C 87 -8.79 28.63 2.50
C SER C 87 -10.17 29.27 2.29
N PRO C 88 -10.79 29.11 1.08
CA PRO C 88 -12.15 29.58 0.88
C PRO C 88 -13.16 28.86 1.76
N HIS C 89 -14.43 29.17 1.57
CA HIS C 89 -15.47 28.67 2.46
C HIS C 89 -16.69 28.42 1.59
N VAL C 90 -17.11 27.15 1.52
CA VAL C 90 -18.34 26.77 0.82
C VAL C 90 -19.32 26.22 1.86
N VAL C 91 -20.52 26.81 1.93
CA VAL C 91 -21.55 26.36 2.84
C VAL C 91 -22.61 25.62 2.03
N LEU C 92 -23.12 24.54 2.60
CA LEU C 92 -24.18 23.73 2.01
C LEU C 92 -25.37 23.80 2.96
N ALA C 93 -26.50 24.25 2.43
CA ALA C 93 -27.69 24.56 3.20
C ALA C 93 -28.91 24.33 2.33
N SER C 94 -30.09 24.43 2.94
CA SER C 94 -31.31 24.07 2.26
C SER C 94 -32.33 25.19 2.38
N ASP C 95 -33.08 25.42 1.31
CA ASP C 95 -34.21 26.34 1.31
C ASP C 95 -35.54 25.62 1.50
N SER C 96 -35.55 24.29 1.47
CA SER C 96 -36.79 23.57 1.72
C SER C 96 -37.04 23.46 3.22
N ASP C 97 -38.14 22.79 3.54
CA ASP C 97 -38.52 22.60 4.94
C ASP C 97 -37.50 21.77 5.69
N VAL C 98 -36.80 20.86 5.00
CA VAL C 98 -35.79 19.99 5.58
C VAL C 98 -34.44 20.27 4.90
N PHE C 99 -33.39 19.68 5.44
CA PHE C 99 -32.08 19.74 4.80
C PHE C 99 -31.95 19.03 3.45
N ASN C 100 -32.12 17.70 3.47
CA ASN C 100 -32.31 16.88 2.27
C ASN C 100 -32.78 15.51 2.68
N LEU C 101 -33.79 14.98 1.97
CA LEU C 101 -34.32 13.66 2.25
C LEU C 101 -33.48 12.55 1.61
N GLY C 102 -32.42 12.92 0.88
CA GLY C 102 -31.49 11.96 0.33
C GLY C 102 -31.75 11.65 -1.13
N GLY C 103 -31.43 10.41 -1.54
CA GLY C 103 -31.51 10.04 -2.93
C GLY C 103 -32.94 9.92 -3.43
N ASP C 104 -33.06 9.90 -4.77
CA ASP C 104 -34.34 10.00 -5.47
C ASP C 104 -34.92 8.60 -5.65
N LEU C 105 -35.71 8.17 -4.65
CA LEU C 105 -36.35 6.87 -4.70
C LEU C 105 -37.26 6.74 -5.92
N GLU C 106 -37.83 7.86 -6.38
CA GLU C 106 -38.64 7.84 -7.58
C GLU C 106 -37.80 7.52 -8.81
N LEU C 107 -36.50 7.83 -8.78
CA LEU C 107 -35.68 7.47 -9.95
C LEU C 107 -35.28 5.99 -9.85
N PHE C 108 -35.29 5.44 -8.63
CA PHE C 108 -34.93 4.02 -8.48
C PHE C 108 -36.03 3.00 -8.76
N CYS C 109 -37.30 3.43 -8.66
CA CYS C 109 -38.52 2.65 -9.03
C CYS C 109 -38.83 3.11 -10.46
N ARG C 110 -38.11 2.49 -11.40
CA ARG C 110 -37.86 2.88 -12.79
C ARG C 110 -36.59 2.20 -13.19
N LEU C 111 -35.45 2.74 -12.75
CA LEU C 111 -34.17 2.22 -13.20
C LEU C 111 -33.93 0.79 -12.70
N ILE C 112 -34.46 0.41 -11.54
CA ILE C 112 -34.36 -1.01 -11.21
C ILE C 112 -35.37 -1.84 -12.00
N ARG C 113 -36.65 -1.46 -11.96
CA ARG C 113 -37.67 -2.18 -12.73
C ARG C 113 -37.29 -2.28 -14.20
N GLU C 114 -36.87 -1.15 -14.80
CA GLU C 114 -36.36 -1.13 -16.17
C GLU C 114 -35.03 -1.85 -16.29
N GLY C 115 -34.31 -2.02 -15.18
CA GLY C 115 -33.04 -2.71 -15.15
C GLY C 115 -31.89 -2.02 -15.85
N ASP C 116 -31.96 -0.72 -16.15
CA ASP C 116 -30.84 -0.06 -16.83
C ASP C 116 -29.74 0.21 -15.82
N ARG C 117 -28.85 -0.76 -15.64
CA ARG C 117 -27.82 -0.61 -14.62
C ARG C 117 -26.86 0.52 -14.96
N ALA C 118 -26.53 0.66 -16.25
CA ALA C 118 -25.51 1.62 -16.65
C ALA C 118 -25.86 3.01 -16.13
N ARG C 119 -27.10 3.44 -16.34
CA ARG C 119 -27.50 4.80 -15.98
C ARG C 119 -27.63 4.96 -14.48
N LEU C 120 -28.04 3.90 -13.78
CA LEU C 120 -28.13 3.97 -12.32
C LEU C 120 -26.75 4.19 -11.71
N LEU C 121 -25.76 3.41 -12.13
CA LEU C 121 -24.38 3.67 -11.71
C LEU C 121 -24.01 5.11 -11.97
N ASP C 122 -24.35 5.64 -13.14
CA ASP C 122 -24.10 7.05 -13.44
C ASP C 122 -24.65 7.98 -12.36
N TYR C 123 -25.85 7.69 -11.86
CA TYR C 123 -26.42 8.53 -10.81
C TYR C 123 -25.52 8.52 -9.57
N ALA C 124 -25.16 7.33 -9.11
CA ALA C 124 -24.32 7.21 -7.91
C ALA C 124 -22.93 7.82 -8.14
N GLN C 125 -22.33 7.58 -9.30
CA GLN C 125 -21.02 8.14 -9.58
C GLN C 125 -21.05 9.66 -9.44
N ARG C 126 -22.03 10.31 -10.04
CA ARG C 126 -22.15 11.76 -9.89
C ARG C 126 -22.52 12.14 -8.46
N CYS C 127 -23.30 11.30 -7.78
CA CYS C 127 -23.58 11.57 -6.37
C CYS C 127 -22.31 11.46 -5.55
N VAL C 128 -21.49 10.45 -5.82
CA VAL C 128 -20.23 10.30 -5.09
C VAL C 128 -19.31 11.49 -5.36
N ARG C 129 -19.16 11.88 -6.61
CA ARG C 129 -18.31 13.03 -6.89
C ARG C 129 -18.81 14.24 -6.11
N GLY C 130 -20.13 14.39 -6.02
CA GLY C 130 -20.73 15.45 -5.26
C GLY C 130 -20.48 15.67 -3.79
N VAL C 131 -20.56 14.58 -3.02
CA VAL C 131 -20.21 14.66 -1.61
C VAL C 131 -18.70 14.69 -1.39
N HIS C 132 -17.94 14.13 -2.32
CA HIS C 132 -16.50 14.00 -2.17
C HIS C 132 -15.78 15.32 -2.35
N ALA C 133 -16.28 16.16 -3.27
CA ALA C 133 -15.69 17.47 -3.45
C ALA C 133 -15.75 18.27 -2.16
N PHE C 134 -16.88 18.17 -1.46
CA PHE C 134 -17.04 18.85 -0.18
C PHE C 134 -16.04 18.34 0.83
N HIS C 135 -15.91 17.02 0.95
CA HIS C 135 -14.87 16.42 1.77
C HIS C 135 -13.49 16.97 1.42
N ALA C 136 -13.16 17.00 0.12
CA ALA C 136 -11.80 17.33 -0.31
C ALA C 136 -11.58 18.83 -0.56
N GLY C 137 -12.47 19.70 -0.08
CA GLY C 137 -12.27 21.13 -0.27
C GLY C 137 -12.26 21.61 -1.72
N LEU C 138 -12.94 20.87 -2.62
CA LEU C 138 -13.04 21.21 -4.06
C LEU C 138 -11.67 21.32 -4.73
N GLY C 139 -10.68 20.60 -4.20
CA GLY C 139 -9.33 20.72 -4.75
C GLY C 139 -8.75 22.10 -4.65
N THR C 140 -9.26 22.91 -3.72
CA THR C 140 -8.74 24.25 -3.52
C THR C 140 -8.49 24.48 -2.03
N ARG C 141 -8.58 23.38 -1.26
CA ARG C 141 -8.40 23.35 0.21
C ARG C 141 -9.43 24.28 0.86
N ALA C 142 -10.67 24.26 0.34
CA ALA C 142 -11.77 25.10 0.88
C ALA C 142 -12.41 24.39 2.06
N HIS C 143 -12.91 25.16 3.04
CA HIS C 143 -13.55 24.62 4.24
C HIS C 143 -15.05 24.47 4.08
N SER C 144 -15.54 23.26 3.88
CA SER C 144 -16.97 23.08 3.66
C SER C 144 -17.68 23.00 4.99
N ILE C 145 -18.93 23.51 5.01
CA ILE C 145 -19.75 23.55 6.23
C ILE C 145 -21.17 23.21 5.85
N ALA C 146 -21.78 22.31 6.62
CA ALA C 146 -23.14 21.88 6.40
C ALA C 146 -24.02 22.64 7.37
N LEU C 147 -25.14 23.15 6.87
CA LEU C 147 -26.07 23.92 7.68
C LEU C 147 -27.39 23.16 7.70
N VAL C 148 -27.66 22.44 8.78
CA VAL C 148 -28.77 21.48 8.80
C VAL C 148 -29.98 22.14 9.44
N GLN C 149 -30.68 22.93 8.62
CA GLN C 149 -31.92 23.58 9.02
C GLN C 149 -33.00 22.56 9.34
N GLY C 150 -33.12 21.53 8.50
CA GLY C 150 -34.18 20.55 8.65
C GLY C 150 -33.64 19.13 8.59
N ASN C 151 -34.55 18.18 8.75
CA ASN C 151 -34.20 16.77 8.81
C ASN C 151 -33.34 16.37 7.62
N ALA C 152 -32.28 15.59 7.87
CA ALA C 152 -31.37 15.18 6.82
C ALA C 152 -31.21 13.65 6.81
N LEU C 153 -31.98 12.99 5.94
CA LEU C 153 -32.10 11.54 5.92
C LEU C 153 -31.50 10.97 4.64
N GLY C 154 -30.93 9.77 4.76
CA GLY C 154 -30.30 9.13 3.61
C GLY C 154 -29.18 9.98 3.06
N GLY C 155 -29.14 10.10 1.73
CA GLY C 155 -28.11 10.89 1.08
C GLY C 155 -27.93 12.28 1.67
N GLY C 156 -28.98 12.84 2.27
CA GLY C 156 -28.81 14.11 2.96
C GLY C 156 -27.85 14.01 4.13
N PHE C 157 -27.93 12.90 4.87
CA PHE C 157 -27.02 12.71 5.99
C PHE C 157 -25.59 12.47 5.51
N GLU C 158 -25.42 11.86 4.35
CA GLU C 158 -24.08 11.71 3.80
C GLU C 158 -23.52 13.07 3.40
N ALA C 159 -24.28 13.83 2.59
CA ALA C 159 -23.89 15.18 2.21
C ALA C 159 -23.46 15.99 3.42
N ALA C 160 -24.26 15.95 4.49
CA ALA C 160 -23.89 16.61 5.73
C ALA C 160 -22.54 16.13 6.25
N LEU C 161 -22.38 14.79 6.40
CA LEU C 161 -21.16 14.20 6.96
C LEU C 161 -19.95 14.45 6.07
N SER C 162 -20.19 14.69 4.78
CA SER C 162 -19.10 14.95 3.85
C SER C 162 -18.39 16.29 4.16
N CYS C 163 -19.14 17.28 4.66
CA CYS C 163 -18.54 18.58 4.99
C CYS C 163 -17.61 18.48 6.19
N HIS C 164 -16.65 19.41 6.26
CA HIS C 164 -15.69 19.40 7.37
C HIS C 164 -16.35 19.77 8.68
N THR C 165 -17.31 20.67 8.65
CA THR C 165 -17.99 21.10 9.85
C THR C 165 -19.47 20.83 9.62
N ILE C 166 -20.17 20.46 10.68
CA ILE C 166 -21.62 20.24 10.62
C ILE C 166 -22.25 21.13 11.69
N VAL C 167 -23.07 22.08 11.25
CA VAL C 167 -23.84 22.95 12.11
C VAL C 167 -25.30 22.53 12.01
N ALA C 168 -25.92 22.25 13.16
CA ALA C 168 -27.31 21.81 13.15
C ALA C 168 -28.10 22.44 14.28
N GLU C 169 -29.37 22.77 14.00
CA GLU C 169 -30.32 23.32 14.94
C GLU C 169 -30.87 22.24 15.87
N GLU C 170 -31.46 22.68 16.99
CA GLU C 170 -32.07 21.75 17.93
C GLU C 170 -33.27 21.05 17.30
N GLY C 171 -33.49 19.80 17.71
CA GLY C 171 -34.65 19.06 17.27
C GLY C 171 -34.64 18.65 15.81
N VAL C 172 -33.48 18.54 15.20
CA VAL C 172 -33.38 18.02 13.84
C VAL C 172 -32.98 16.55 13.92
N LEU C 173 -33.54 15.75 13.03
CA LEU C 173 -33.28 14.33 12.93
C LEU C 173 -32.37 14.06 11.75
N MET C 174 -31.38 13.22 11.96
CA MET C 174 -30.55 12.73 10.86
C MET C 174 -30.44 11.22 11.02
N GLY C 175 -30.32 10.52 9.90
CA GLY C 175 -30.21 9.07 9.97
C GLY C 175 -30.30 8.47 8.58
N LEU C 176 -30.16 7.15 8.52
CA LEU C 176 -30.18 6.40 7.27
C LEU C 176 -31.37 5.45 7.25
N PRO C 177 -32.48 5.82 6.60
CA PRO C 177 -33.67 4.98 6.62
C PRO C 177 -33.67 3.90 5.54
N GLU C 178 -32.84 4.06 4.51
CA GLU C 178 -32.75 3.16 3.37
C GLU C 178 -32.63 1.69 3.74
N VAL C 179 -32.15 1.40 4.95
CA VAL C 179 -32.03 0.02 5.40
C VAL C 179 -33.40 -0.57 5.67
N LEU C 180 -34.43 0.26 5.83
CA LEU C 180 -35.76 -0.26 6.11
C LEU C 180 -36.40 -0.92 4.90
N PHE C 181 -35.93 -0.61 3.68
CA PHE C 181 -36.39 -1.35 2.51
C PHE C 181 -35.26 -2.20 1.90
N ASP C 182 -34.31 -2.62 2.73
CA ASP C 182 -33.23 -3.56 2.36
C ASP C 182 -32.18 -2.89 1.50
N LEU C 183 -32.02 -1.58 1.62
CA LEU C 183 -30.86 -0.95 1.00
C LEU C 183 -29.82 -0.57 2.05
N PHE C 184 -28.67 -0.17 1.54
CA PHE C 184 -27.61 0.25 2.44
C PHE C 184 -27.08 1.58 1.95
N PRO C 185 -26.80 2.50 2.88
CA PRO C 185 -26.21 3.80 2.54
C PRO C 185 -24.87 3.71 1.81
N GLY C 186 -24.81 4.02 0.52
CA GLY C 186 -23.59 3.75 -0.23
C GLY C 186 -23.05 4.90 -1.05
N MET C 187 -23.65 6.08 -0.89
CA MET C 187 -23.14 7.32 -1.45
C MET C 187 -22.27 8.10 -0.46
N GLY C 188 -21.56 7.40 0.43
CA GLY C 188 -20.57 8.05 1.27
C GLY C 188 -20.55 7.67 2.73
N ALA C 189 -21.66 7.08 3.22
CA ALA C 189 -21.83 6.88 4.66
C ALA C 189 -20.59 6.24 5.30
N TYR C 190 -20.27 4.99 4.94
CA TYR C 190 -19.09 4.36 5.53
C TYR C 190 -17.90 5.29 5.49
N SER C 191 -17.62 5.87 4.33
CA SER C 191 -16.42 6.67 4.17
C SER C 191 -16.32 7.75 5.26
N PHE C 192 -17.31 8.67 5.32
CA PHE C 192 -17.21 9.82 6.22
C PHE C 192 -17.52 9.51 7.68
N LEU C 193 -18.27 8.43 7.97
CA LEU C 193 -18.51 8.02 9.37
C LEU C 193 -17.21 7.59 10.06
N CYS C 194 -16.44 6.71 9.40
CA CYS C 194 -15.25 6.15 10.02
C CYS C 194 -14.22 7.21 10.35
N GLN C 195 -14.37 8.41 9.79
CA GLN C 195 -13.55 9.54 10.17
C GLN C 195 -13.83 10.01 11.59
N ARG C 196 -15.01 9.74 12.10
CA ARG C 196 -15.45 10.22 13.40
C ARG C 196 -15.51 9.13 14.46
N ILE C 197 -15.89 7.90 14.10
CA ILE C 197 -16.13 6.84 15.07
C ILE C 197 -15.58 5.51 14.55
N SER C 198 -15.77 4.45 15.35
CA SER C 198 -15.21 3.16 14.96
C SER C 198 -16.05 2.56 13.82
N PRO C 199 -15.41 1.81 12.92
CA PRO C 199 -16.16 1.26 11.79
C PRO C 199 -17.15 0.19 12.22
N ARG C 200 -17.02 -0.35 13.44
CA ARG C 200 -18.09 -1.18 13.98
C ARG C 200 -19.25 -0.33 14.49
N LEU C 201 -18.98 0.90 14.92
CA LEU C 201 -20.05 1.86 15.19
C LEU C 201 -20.67 2.38 13.89
N ALA C 202 -19.84 2.59 12.86
CA ALA C 202 -20.37 3.06 11.60
C ALA C 202 -21.41 2.10 11.07
N GLU C 203 -21.05 0.81 11.02
CA GLU C 203 -21.92 -0.23 10.45
C GLU C 203 -23.19 -0.38 11.27
N LYS C 204 -23.06 -0.38 12.61
CA LYS C 204 -24.25 -0.47 13.46
C LYS C 204 -25.21 0.66 13.15
N ILE C 205 -24.67 1.86 12.87
CA ILE C 205 -25.52 3.02 12.67
C ILE C 205 -26.30 2.89 11.37
N MET C 206 -25.61 2.48 10.30
CA MET C 206 -26.28 2.27 9.00
C MET C 206 -27.33 1.17 9.10
N LEU C 207 -26.91 -0.02 9.51
CA LEU C 207 -27.77 -1.20 9.43
C LEU C 207 -28.96 -1.10 10.35
N GLU C 208 -28.81 -0.46 11.50
CA GLU C 208 -29.94 -0.32 12.40
C GLU C 208 -31.06 0.52 11.78
N GLY C 209 -30.69 1.44 10.89
CA GLY C 209 -31.63 2.40 10.31
C GLY C 209 -32.42 3.20 11.32
N ASN C 210 -31.74 3.81 12.28
CA ASN C 210 -32.38 4.63 13.30
C ASN C 210 -32.17 6.09 12.97
N LEU C 211 -33.06 6.92 13.48
CA LEU C 211 -32.89 8.38 13.43
C LEU C 211 -32.39 8.87 14.78
N TYR C 212 -31.51 9.85 14.76
CA TYR C 212 -30.96 10.39 15.98
C TYR C 212 -31.19 11.90 15.97
N THR C 213 -31.51 12.44 17.15
CA THR C 213 -31.68 13.87 17.31
C THR C 213 -30.33 14.57 17.28
N ALA C 214 -30.35 15.83 16.86
CA ALA C 214 -29.14 16.62 16.73
C ALA C 214 -28.32 16.60 18.03
N SER C 215 -28.99 16.82 19.16
CA SER C 215 -28.26 16.92 20.42
C SER C 215 -27.44 15.66 20.69
N GLN C 216 -28.09 14.49 20.62
CA GLN C 216 -27.38 13.26 20.91
C GLN C 216 -26.36 12.93 19.81
N LEU C 217 -26.64 13.33 18.58
CA LEU C 217 -25.69 13.09 17.50
C LEU C 217 -24.36 13.78 17.77
N LYS C 218 -24.42 15.05 18.24
CA LYS C 218 -23.24 15.81 18.58
C LYS C 218 -22.51 15.17 19.75
N GLU C 219 -23.25 14.55 20.67
CA GLU C 219 -22.60 13.69 21.66
C GLU C 219 -21.79 12.58 20.98
N MET C 220 -22.37 11.94 19.96
CA MET C 220 -21.71 10.86 19.24
C MET C 220 -20.53 11.32 18.40
N GLY C 221 -20.18 12.59 18.42
CA GLY C 221 -19.11 13.10 17.59
C GLY C 221 -19.48 13.38 16.16
N LEU C 222 -20.74 13.20 15.79
CA LEU C 222 -21.07 13.29 14.38
C LEU C 222 -21.44 14.73 13.98
N VAL C 223 -22.37 15.35 14.72
CA VAL C 223 -22.64 16.77 14.51
C VAL C 223 -21.62 17.58 15.28
N ASP C 224 -21.18 18.68 14.67
CA ASP C 224 -20.12 19.50 15.27
C ASP C 224 -20.70 20.47 16.30
N ILE C 225 -21.79 21.15 15.95
CA ILE C 225 -22.24 22.33 16.68
C ILE C 225 -23.77 22.33 16.76
N VAL C 226 -24.28 22.37 18.00
CA VAL C 226 -25.71 22.29 18.30
C VAL C 226 -26.15 23.63 18.86
N VAL C 227 -27.21 24.18 18.26
CA VAL C 227 -27.68 25.52 18.69
C VAL C 227 -29.21 25.55 18.66
N PRO C 228 -29.82 26.63 19.20
CA PRO C 228 -31.27 26.76 19.25
C PRO C 228 -31.86 27.02 17.87
N VAL C 229 -33.15 26.75 17.71
CA VAL C 229 -33.79 26.96 16.38
C VAL C 229 -33.82 28.45 16.07
N GLY C 230 -33.43 28.81 14.85
CA GLY C 230 -33.40 30.20 14.36
C GLY C 230 -31.98 30.70 14.19
N GLU C 231 -31.09 30.32 15.12
CA GLU C 231 -29.67 30.75 15.07
C GLU C 231 -29.15 29.62 14.18
N GLY C 232 -29.60 29.60 12.91
CA GLY C 232 -29.00 28.79 11.83
C GLY C 232 -27.76 29.46 11.26
N VAL C 233 -27.94 30.64 10.64
CA VAL C 233 -26.81 31.40 10.04
C VAL C 233 -25.95 31.99 11.17
N ALA C 234 -26.55 32.17 12.35
CA ALA C 234 -25.83 32.72 13.51
C ALA C 234 -24.53 31.97 13.80
N ALA C 235 -24.63 30.64 13.92
CA ALA C 235 -23.48 29.81 14.32
C ALA C 235 -22.58 29.50 13.15
N VAL C 236 -23.16 29.28 11.98
CA VAL C 236 -22.36 29.17 10.76
C VAL C 236 -21.54 30.44 10.58
N GLU C 237 -22.18 31.61 10.79
CA GLU C 237 -21.50 32.88 10.56
C GLU C 237 -20.27 33.02 11.46
N GLN C 238 -20.38 32.55 12.71
CA GLN C 238 -19.24 32.54 13.63
C GLN C 238 -18.17 31.56 13.19
N VAL C 239 -18.56 30.35 12.77
CA VAL C 239 -17.56 29.38 12.32
C VAL C 239 -16.73 29.97 11.18
N ILE C 240 -17.38 30.62 10.22
CA ILE C 240 -16.63 31.30 9.18
C ILE C 240 -15.65 32.29 9.80
N LYS C 241 -16.07 33.02 10.84
CA LYS C 241 -15.20 34.03 11.43
C LYS C 241 -13.96 33.41 12.05
N GLU C 242 -14.16 32.36 12.84
CA GLU C 242 -13.03 31.72 13.51
C GLU C 242 -12.07 31.09 12.50
N SER C 243 -12.57 30.61 11.37
CA SER C 243 -11.75 29.83 10.46
C SER C 243 -10.76 30.72 9.71
N ARG C 244 -11.24 31.84 9.14
CA ARG C 244 -10.40 32.81 8.43
C ARG C 244 -9.49 33.54 9.38
N ARG C 245 -9.76 33.47 10.67
CA ARG C 245 -8.75 33.86 11.63
C ARG C 245 -7.45 33.07 11.45
N ILE C 246 -7.50 31.88 10.83
CA ILE C 246 -6.28 31.10 10.65
C ILE C 246 -6.20 30.46 9.26
N PRO C 247 -6.14 31.26 8.19
CA PRO C 247 -6.08 30.66 6.84
C PRO C 247 -4.93 29.68 6.63
N HIS C 248 -3.72 29.95 7.11
CA HIS C 248 -2.57 29.12 6.72
C HIS C 248 -2.59 27.74 7.38
N ALA C 249 -3.06 27.66 8.64
CA ALA C 249 -3.17 26.37 9.31
C ALA C 249 -4.23 25.49 8.67
N TRP C 250 -5.35 26.09 8.26
CA TRP C 250 -6.36 25.30 7.58
C TRP C 250 -5.80 24.66 6.32
N ALA C 251 -5.04 25.43 5.54
CA ALA C 251 -4.48 24.87 4.31
C ALA C 251 -3.51 23.76 4.63
N ALA C 252 -2.60 23.98 5.59
CA ALA C 252 -1.67 22.93 5.97
C ALA C 252 -2.42 21.68 6.43
N MET C 253 -3.32 21.80 7.42
CA MET C 253 -4.04 20.63 7.90
C MET C 253 -4.86 19.98 6.81
N ARG C 254 -5.41 20.78 5.90
CA ARG C 254 -6.08 20.23 4.74
C ARG C 254 -5.13 19.32 3.95
N GLU C 255 -3.88 19.75 3.78
CA GLU C 255 -2.93 19.01 2.95
C GLU C 255 -2.43 17.77 3.66
N VAL C 256 -2.25 17.85 4.98
CA VAL C 256 -1.84 16.68 5.74
C VAL C 256 -2.89 15.58 5.61
N ASN C 257 -4.17 15.95 5.61
CA ASN C 257 -5.20 14.89 5.49
C ASN C 257 -5.16 14.30 4.08
N GLU C 258 -4.30 14.85 3.22
CA GLU C 258 -4.23 14.32 1.84
C GLU C 258 -3.08 13.32 1.79
N ILE C 259 -2.17 13.38 2.76
CA ILE C 259 -1.07 12.38 2.72
C ILE C 259 -1.72 11.05 3.12
N ALA C 260 -2.47 11.00 4.23
CA ALA C 260 -3.02 9.68 4.62
C ALA C 260 -4.40 9.66 5.28
N THR C 261 -5.19 10.71 5.29
CA THR C 261 -6.47 10.55 6.04
C THR C 261 -7.70 10.84 5.17
N MET C 262 -7.49 11.27 3.93
CA MET C 262 -8.58 11.65 3.00
C MET C 262 -9.12 10.37 2.40
N VAL C 263 -10.43 10.27 2.40
CA VAL C 263 -11.01 9.05 1.77
C VAL C 263 -10.77 9.18 0.27
N PRO C 264 -10.07 8.23 -0.37
CA PRO C 264 -9.74 8.33 -1.78
C PRO C 264 -10.98 8.29 -2.67
N LEU C 265 -10.95 9.10 -3.72
CA LEU C 265 -12.05 9.14 -4.67
C LEU C 265 -12.30 7.75 -5.27
N HIS C 266 -11.24 7.08 -5.72
CA HIS C 266 -11.42 5.78 -6.36
C HIS C 266 -11.96 4.74 -5.38
N GLU C 267 -11.59 4.83 -4.11
CA GLU C 267 -12.16 3.93 -3.11
C GLU C 267 -13.67 4.13 -2.96
N MET C 268 -14.15 5.35 -3.25
CA MET C 268 -15.57 5.64 -3.13
C MET C 268 -16.34 5.18 -4.37
N MET C 269 -15.72 5.27 -5.55
CA MET C 269 -16.33 4.71 -6.73
C MET C 269 -16.49 3.21 -6.57
N ARG C 270 -15.46 2.54 -6.06
CA ARG C 270 -15.54 1.10 -5.86
C ARG C 270 -16.74 0.77 -4.97
N ILE C 271 -17.01 1.59 -3.96
CA ILE C 271 -18.13 1.25 -3.09
C ILE C 271 -19.47 1.44 -3.81
N THR C 272 -19.58 2.39 -4.76
CA THR C 272 -20.88 2.57 -5.40
C THR C 272 -21.22 1.36 -6.24
N GLU C 273 -20.23 0.79 -6.95
CA GLU C 273 -20.37 -0.47 -7.67
C GLU C 273 -21.08 -1.54 -6.85
N ILE C 274 -20.72 -1.70 -5.57
CA ILE C 274 -21.47 -2.62 -4.73
C ILE C 274 -22.90 -2.12 -4.57
N TRP C 275 -23.08 -0.81 -4.32
CA TRP C 275 -24.40 -0.23 -4.01
C TRP C 275 -25.39 -0.47 -5.15
N VAL C 276 -24.99 -0.16 -6.40
CA VAL C 276 -25.89 -0.40 -7.53
C VAL C 276 -26.02 -1.89 -7.81
N ASP C 277 -24.95 -2.66 -7.66
CA ASP C 277 -25.13 -4.11 -7.79
C ASP C 277 -26.03 -4.68 -6.70
N THR C 278 -26.13 -4.01 -5.54
CA THR C 278 -27.17 -4.36 -4.56
C THR C 278 -28.55 -3.91 -5.03
N ALA C 279 -28.63 -2.78 -5.75
CA ALA C 279 -29.93 -2.19 -6.08
C ALA C 279 -30.68 -3.01 -7.14
N MET C 280 -29.98 -3.69 -8.04
CA MET C 280 -30.71 -4.45 -9.05
C MET C 280 -31.46 -5.62 -8.45
N GLN C 281 -30.99 -6.14 -7.32
CA GLN C 281 -31.58 -7.32 -6.70
C GLN C 281 -32.77 -6.99 -5.81
N LEU C 282 -33.34 -5.80 -5.92
CA LEU C 282 -34.47 -5.45 -5.08
C LEU C 282 -35.73 -6.11 -5.62
N GLY C 283 -36.56 -6.59 -4.69
CA GLY C 283 -37.81 -7.25 -5.03
C GLY C 283 -39.01 -6.37 -4.75
N GLU C 284 -40.13 -6.64 -5.44
CA GLU C 284 -41.33 -5.84 -5.30
C GLU C 284 -41.69 -5.55 -3.84
N LYS C 285 -41.27 -6.41 -2.89
CA LYS C 285 -41.47 -6.11 -1.48
C LYS C 285 -40.85 -4.77 -1.11
N SER C 286 -39.56 -4.62 -1.42
CA SER C 286 -38.86 -3.36 -1.18
C SER C 286 -39.43 -2.23 -2.04
N LEU C 287 -39.47 -2.41 -3.36
CA LEU C 287 -39.87 -1.31 -4.23
C LEU C 287 -41.31 -0.85 -3.96
N ARG C 288 -42.19 -1.74 -3.50
CA ARG C 288 -43.50 -1.30 -3.03
C ARG C 288 -43.37 -0.21 -1.96
N THR C 289 -42.51 -0.47 -0.96
CA THR C 289 -42.32 0.48 0.14
C THR C 289 -41.78 1.82 -0.36
N MET C 290 -40.91 1.81 -1.37
CA MET C 290 -40.38 3.07 -1.87
C MET C 290 -41.49 3.92 -2.48
N ASP C 291 -42.40 3.30 -3.23
CA ASP C 291 -43.55 4.06 -3.74
C ASP C 291 -44.33 4.66 -2.58
N ARG C 292 -44.46 3.91 -1.49
CA ARG C 292 -45.14 4.45 -0.32
C ARG C 292 -44.37 5.60 0.31
N LEU C 293 -43.03 5.48 0.31
CA LEU C 293 -42.19 6.57 0.80
C LEU C 293 -42.26 7.77 -0.13
N VAL C 294 -42.22 7.54 -1.45
CA VAL C 294 -42.25 8.67 -2.37
C VAL C 294 -43.51 9.51 -2.15
N ARG C 295 -44.67 8.87 -1.92
CA ARG C 295 -45.91 9.64 -1.81
C ARG C 295 -46.02 10.37 -0.48
N ALA C 296 -45.35 9.88 0.57
CA ALA C 296 -45.43 10.58 1.84
C ALA C 296 -44.61 11.87 1.86
N GLN C 297 -43.80 12.13 0.84
CA GLN C 297 -42.91 13.30 0.80
C GLN C 297 -43.35 14.23 -0.31
CA PRO D 31 -17.49 -34.86 18.02
C PRO D 31 -17.40 -34.08 19.35
N THR D 32 -16.34 -33.27 19.49
CA THR D 32 -16.27 -32.25 20.54
C THR D 32 -17.22 -31.08 20.30
N LEU D 33 -17.80 -31.00 19.11
CA LEU D 33 -18.75 -29.97 18.76
C LEU D 33 -20.16 -30.54 18.79
N ARG D 34 -21.09 -29.75 19.31
CA ARG D 34 -22.51 -30.05 19.23
C ARG D 34 -23.16 -29.09 18.23
N ILE D 35 -22.91 -29.37 16.95
CA ILE D 35 -23.51 -28.59 15.88
C ILE D 35 -25.03 -28.71 15.93
N THR D 36 -25.69 -27.75 15.31
CA THR D 36 -27.13 -27.86 15.11
C THR D 36 -27.48 -27.31 13.73
N GLU D 37 -28.07 -28.14 12.91
CA GLU D 37 -28.39 -27.73 11.56
C GLU D 37 -29.75 -27.07 11.54
N GLU D 38 -29.88 -26.04 10.74
CA GLU D 38 -31.25 -25.60 10.53
C GLU D 38 -31.45 -25.00 9.14
N PRO D 39 -31.27 -25.79 8.07
CA PRO D 39 -31.15 -25.20 6.72
C PRO D 39 -32.44 -24.60 6.17
N GLU D 40 -33.54 -24.58 6.93
CA GLU D 40 -34.75 -23.95 6.40
C GLU D 40 -34.70 -22.44 6.56
N ARG D 41 -34.08 -21.98 7.64
CA ARG D 41 -33.87 -20.57 7.95
C ARG D 41 -32.44 -20.12 7.66
N ASP D 42 -31.56 -21.05 7.26
CA ASP D 42 -30.14 -20.81 7.05
C ASP D 42 -29.50 -20.20 8.31
N VAL D 43 -29.49 -21.03 9.37
CA VAL D 43 -29.06 -20.66 10.71
C VAL D 43 -28.45 -21.89 11.37
N TYR D 44 -27.20 -21.79 11.81
CA TYR D 44 -26.40 -22.95 12.20
C TYR D 44 -25.70 -22.64 13.53
N TRP D 45 -26.09 -23.37 14.57
CA TRP D 45 -25.65 -23.10 15.92
C TRP D 45 -24.57 -24.10 16.31
N ILE D 46 -23.37 -23.59 16.59
CA ILE D 46 -22.25 -24.42 16.98
C ILE D 46 -22.07 -24.32 18.48
N HIS D 47 -22.19 -25.44 19.18
CA HIS D 47 -22.04 -25.48 20.63
C HIS D 47 -20.75 -26.20 21.01
N MET D 48 -19.86 -25.48 21.70
CA MET D 48 -18.54 -25.99 22.06
C MET D 48 -18.61 -26.86 23.32
N HIS D 49 -17.60 -27.71 23.47
CA HIS D 49 -17.46 -28.60 24.63
C HIS D 49 -18.60 -29.60 24.71
N ALA D 50 -19.11 -30.03 23.55
CA ALA D 50 -20.09 -31.10 23.52
C ALA D 50 -19.58 -32.35 24.21
N ASN D 51 -18.26 -32.54 24.20
CA ASN D 51 -17.69 -33.69 24.86
C ASN D 51 -17.68 -33.53 26.36
N LEU D 52 -17.53 -32.31 26.87
CA LEU D 52 -17.33 -32.16 28.30
C LEU D 52 -18.57 -32.47 29.13
N VAL D 53 -19.73 -32.58 28.48
CA VAL D 53 -20.92 -33.10 29.16
C VAL D 53 -20.63 -34.47 29.78
N ASN D 54 -19.77 -35.27 29.14
CA ASN D 54 -19.48 -36.64 29.54
C ASN D 54 -17.98 -36.87 29.86
N GLN D 55 -17.29 -35.82 30.31
CA GLN D 55 -15.83 -35.78 30.27
C GLN D 55 -15.35 -34.97 31.47
N PRO D 56 -14.02 -34.97 31.74
CA PRO D 56 -13.55 -34.46 33.05
C PRO D 56 -13.77 -32.97 33.27
N GLY D 57 -13.33 -32.14 32.32
CA GLY D 57 -13.36 -30.70 32.51
C GLY D 57 -12.35 -30.01 31.60
N ARG D 58 -11.88 -28.85 32.07
CA ARG D 58 -11.12 -27.89 31.28
C ARG D 58 -11.73 -27.55 29.91
N PRO D 59 -12.94 -26.92 29.88
CA PRO D 59 -13.39 -26.29 28.62
C PRO D 59 -12.33 -25.33 28.12
N CYS D 60 -11.79 -25.53 26.93
CA CYS D 60 -10.84 -24.56 26.40
C CYS D 60 -10.68 -24.84 24.91
N PHE D 61 -9.62 -24.34 24.31
CA PHE D 61 -9.41 -24.49 22.87
C PHE D 61 -8.35 -25.55 22.61
N ALA D 62 -8.71 -26.79 22.94
CA ALA D 62 -7.86 -27.94 22.64
C ALA D 62 -7.95 -28.28 21.17
N SER D 63 -6.84 -28.75 20.60
CA SER D 63 -6.77 -28.96 19.15
C SER D 63 -7.96 -29.77 18.66
N ARG D 64 -8.43 -30.73 19.46
CA ARG D 64 -9.70 -31.38 19.16
C ARG D 64 -10.77 -30.33 18.80
N LEU D 65 -11.07 -29.43 19.74
CA LEU D 65 -12.08 -28.41 19.50
C LEU D 65 -11.65 -27.46 18.38
N VAL D 66 -10.38 -27.04 18.40
CA VAL D 66 -9.85 -26.16 17.36
C VAL D 66 -9.88 -26.77 15.98
N ASP D 67 -9.83 -28.10 15.90
CA ASP D 67 -9.77 -28.78 14.61
C ASP D 67 -11.18 -29.07 14.18
N ASP D 68 -12.09 -29.21 15.15
CA ASP D 68 -13.50 -29.45 14.82
C ASP D 68 -14.19 -28.19 14.31
N ILE D 69 -13.88 -27.02 14.91
CA ILE D 69 -14.49 -25.77 14.44
C ILE D 69 -14.01 -25.46 13.04
N VAL D 70 -12.69 -25.47 12.84
CA VAL D 70 -12.12 -25.26 11.51
C VAL D 70 -12.78 -26.20 10.50
N ASP D 71 -12.83 -27.49 10.86
CA ASP D 71 -13.33 -28.54 9.95
C ASP D 71 -14.76 -28.25 9.52
N TYR D 72 -15.66 -28.10 10.50
CA TYR D 72 -17.04 -27.70 10.22
C TYR D 72 -17.09 -26.44 9.36
N GLN D 73 -16.17 -25.50 9.59
CA GLN D 73 -16.19 -24.23 8.90
C GLN D 73 -16.06 -24.40 7.39
N ARG D 74 -15.03 -25.14 6.93
CA ARG D 74 -14.94 -25.44 5.51
C ARG D 74 -16.21 -26.12 5.03
N GLU D 75 -16.67 -27.15 5.74
CA GLU D 75 -17.89 -27.87 5.38
C GLU D 75 -19.16 -27.05 5.18
N LEU D 76 -19.45 -26.12 6.08
CA LEU D 76 -20.65 -25.30 5.96
C LEU D 76 -20.26 -24.14 5.06
N GLY D 77 -18.96 -23.89 4.87
CA GLY D 77 -18.53 -22.86 3.94
C GLY D 77 -18.84 -23.19 2.49
N ASP D 78 -18.60 -24.45 2.09
CA ASP D 78 -18.96 -24.89 0.74
C ASP D 78 -20.44 -25.25 0.62
N ARG D 79 -21.04 -25.79 1.69
CA ARG D 79 -22.47 -26.11 1.64
C ARG D 79 -23.29 -24.85 1.38
N LEU D 80 -23.03 -23.80 2.16
CA LEU D 80 -23.77 -22.55 2.00
C LEU D 80 -23.40 -21.84 0.70
N SER D 81 -22.12 -21.92 0.31
CA SER D 81 -21.71 -21.34 -0.95
C SER D 81 -22.41 -22.01 -2.13
N ALA D 82 -22.46 -23.35 -2.14
CA ALA D 82 -23.02 -24.09 -3.26
C ALA D 82 -24.52 -23.87 -3.39
N SER D 83 -25.22 -23.79 -2.25
CA SER D 83 -26.64 -23.47 -2.20
C SER D 83 -26.93 -21.98 -2.40
N HIS D 84 -25.92 -21.14 -2.65
CA HIS D 84 -26.09 -19.72 -2.97
C HIS D 84 -26.82 -18.94 -1.89
N ALA D 85 -26.82 -19.45 -0.66
CA ALA D 85 -27.58 -18.87 0.45
C ALA D 85 -27.15 -17.44 0.69
N LEU D 86 -28.11 -16.52 0.61
CA LEU D 86 -27.87 -15.10 0.81
C LEU D 86 -28.01 -14.76 2.29
N SER D 87 -26.92 -14.25 2.86
CA SER D 87 -26.84 -13.85 4.26
C SER D 87 -27.19 -15.02 5.17
N PRO D 88 -26.43 -16.11 5.11
CA PRO D 88 -26.60 -17.15 6.12
C PRO D 88 -26.23 -16.62 7.50
N HIS D 89 -26.75 -17.27 8.53
CA HIS D 89 -26.38 -17.00 9.91
C HIS D 89 -25.54 -18.15 10.46
N VAL D 90 -24.51 -17.81 11.21
CA VAL D 90 -23.73 -18.76 11.97
C VAL D 90 -23.59 -18.23 13.39
N VAL D 91 -23.89 -19.09 14.36
CA VAL D 91 -23.82 -18.73 15.77
C VAL D 91 -22.72 -19.56 16.40
N LEU D 92 -21.87 -18.92 17.20
CA LEU D 92 -20.94 -19.63 18.06
C LEU D 92 -21.46 -19.54 19.48
N ALA D 93 -21.50 -20.69 20.16
CA ALA D 93 -22.11 -20.78 21.47
C ALA D 93 -21.30 -21.80 22.26
N SER D 94 -21.92 -22.39 23.27
CA SER D 94 -21.20 -23.25 24.19
C SER D 94 -22.20 -24.08 25.00
N ASP D 95 -21.87 -25.37 25.18
CA ASP D 95 -22.62 -26.27 26.06
C ASP D 95 -22.09 -26.31 27.48
N SER D 96 -20.93 -25.72 27.74
CA SER D 96 -20.31 -25.76 29.06
C SER D 96 -20.93 -24.70 29.97
N ASP D 97 -20.49 -24.67 31.23
CA ASP D 97 -20.88 -23.63 32.18
C ASP D 97 -20.18 -22.30 31.92
N VAL D 98 -19.09 -22.32 31.16
CA VAL D 98 -18.42 -21.11 30.70
C VAL D 98 -18.46 -21.13 29.18
N PHE D 99 -17.89 -20.08 28.56
CA PHE D 99 -17.76 -19.99 27.12
C PHE D 99 -16.54 -20.78 26.62
N ASN D 100 -15.36 -20.39 27.10
CA ASN D 100 -14.08 -20.94 26.67
C ASN D 100 -13.00 -20.33 27.57
N LEU D 101 -11.99 -21.13 27.88
CA LEU D 101 -10.95 -20.68 28.79
C LEU D 101 -9.70 -20.20 28.09
N GLY D 102 -9.45 -20.63 26.85
CA GLY D 102 -8.30 -20.15 26.10
C GLY D 102 -7.44 -21.26 25.51
N GLY D 103 -6.15 -20.99 25.32
CA GLY D 103 -5.27 -22.02 24.81
C GLY D 103 -5.26 -23.25 25.72
N ASP D 104 -5.03 -24.42 25.13
CA ASP D 104 -4.80 -25.64 25.91
C ASP D 104 -3.46 -25.48 26.62
N LEU D 105 -3.50 -25.26 27.94
CA LEU D 105 -2.30 -24.84 28.65
C LEU D 105 -1.29 -25.96 28.77
N GLU D 106 -1.76 -27.20 28.99
CA GLU D 106 -0.83 -28.32 29.09
C GLU D 106 -0.11 -28.53 27.77
N LEU D 107 -0.82 -28.30 26.66
CA LEU D 107 -0.20 -28.36 25.33
C LEU D 107 0.99 -27.43 25.23
N PHE D 108 0.81 -26.17 25.64
CA PHE D 108 1.87 -25.17 25.56
C PHE D 108 3.13 -25.66 26.27
N CYS D 109 3.01 -25.97 27.57
CA CYS D 109 4.16 -26.44 28.35
C CYS D 109 4.90 -27.54 27.63
N ARG D 110 4.17 -28.61 27.27
CA ARG D 110 4.76 -29.69 26.51
C ARG D 110 5.53 -29.15 25.32
N LEU D 111 4.82 -28.46 24.42
CA LEU D 111 5.43 -28.01 23.17
C LEU D 111 6.62 -27.07 23.41
N ILE D 112 6.48 -26.12 24.34
CA ILE D 112 7.57 -25.21 24.61
C ILE D 112 8.76 -25.97 25.15
N ARG D 113 8.52 -26.92 26.06
CA ARG D 113 9.61 -27.68 26.66
C ARG D 113 10.36 -28.50 25.63
N GLU D 114 9.64 -29.28 24.81
CA GLU D 114 10.30 -30.10 23.81
C GLU D 114 10.99 -29.29 22.72
N GLY D 115 10.94 -27.95 22.78
CA GLY D 115 11.54 -27.12 21.76
C GLY D 115 10.81 -27.16 20.43
N ASP D 116 9.55 -27.60 20.45
CA ASP D 116 8.81 -27.88 19.23
C ASP D 116 8.02 -26.63 18.85
N ARG D 117 8.72 -25.65 18.28
CA ARG D 117 8.00 -24.48 17.82
C ARG D 117 7.13 -24.82 16.61
N ALA D 118 7.60 -25.72 15.73
CA ALA D 118 6.84 -26.07 14.54
C ALA D 118 5.43 -26.50 14.91
N ARG D 119 5.34 -27.26 15.97
CA ARG D 119 4.05 -27.79 16.36
C ARG D 119 3.18 -26.69 16.97
N LEU D 120 3.82 -25.78 17.73
CA LEU D 120 3.12 -24.67 18.36
C LEU D 120 2.59 -23.69 17.33
N LEU D 121 3.46 -23.24 16.41
CA LEU D 121 3.03 -22.38 15.33
C LEU D 121 1.84 -22.98 14.63
N ASP D 122 1.90 -24.28 14.34
CA ASP D 122 0.80 -24.96 13.67
C ASP D 122 -0.52 -24.77 14.41
N TYR D 123 -0.53 -25.05 15.72
CA TYR D 123 -1.77 -24.92 16.48
C TYR D 123 -2.25 -23.48 16.53
N ALA D 124 -1.32 -22.53 16.69
CA ALA D 124 -1.65 -21.11 16.56
C ALA D 124 -2.36 -20.83 15.23
N GLN D 125 -1.70 -21.15 14.11
CA GLN D 125 -2.28 -20.92 12.78
C GLN D 125 -3.69 -21.54 12.64
N ARG D 126 -3.89 -22.75 13.16
CA ARG D 126 -5.22 -23.33 13.14
C ARG D 126 -6.23 -22.44 13.87
N CYS D 127 -5.77 -21.80 14.97
CA CYS D 127 -6.63 -20.90 15.74
C CYS D 127 -6.99 -19.66 14.94
N VAL D 128 -5.99 -19.00 14.34
CA VAL D 128 -6.26 -17.82 13.51
C VAL D 128 -7.25 -18.15 12.41
N ARG D 129 -7.09 -19.32 11.77
CA ARG D 129 -8.03 -19.75 10.74
C ARG D 129 -9.43 -19.88 11.31
N GLY D 130 -9.55 -20.53 12.47
CA GLY D 130 -10.81 -20.60 13.19
C GLY D 130 -11.63 -19.36 13.46
N VAL D 131 -10.97 -18.29 13.91
CA VAL D 131 -11.70 -17.10 14.34
C VAL D 131 -11.88 -16.32 13.05
N HIS D 132 -10.84 -16.25 12.22
CA HIS D 132 -10.92 -15.43 11.01
C HIS D 132 -12.14 -15.79 10.19
N ALA D 133 -12.60 -17.03 10.26
CA ALA D 133 -13.77 -17.44 9.49
C ALA D 133 -15.03 -16.75 9.98
N PHE D 134 -15.18 -16.62 11.31
CA PHE D 134 -16.34 -15.92 11.85
C PHE D 134 -16.30 -14.44 11.46
N HIS D 135 -15.09 -13.87 11.48
CA HIS D 135 -14.92 -12.48 11.14
C HIS D 135 -15.10 -12.23 9.64
N ALA D 136 -14.85 -13.24 8.82
CA ALA D 136 -15.01 -13.14 7.37
C ALA D 136 -16.29 -13.78 6.86
N GLY D 137 -17.21 -14.16 7.74
CA GLY D 137 -18.47 -14.76 7.30
C GLY D 137 -18.30 -15.98 6.41
N LEU D 138 -17.34 -16.86 6.75
CA LEU D 138 -17.10 -18.16 6.10
C LEU D 138 -16.94 -18.08 4.59
N GLY D 139 -16.39 -16.99 4.07
CA GLY D 139 -16.30 -16.81 2.63
C GLY D 139 -17.65 -16.81 1.95
N THR D 140 -18.73 -16.72 2.74
CA THR D 140 -20.10 -16.63 2.25
C THR D 140 -20.83 -15.36 2.71
N ARG D 141 -20.12 -14.34 3.19
CA ARG D 141 -20.74 -13.12 3.75
C ARG D 141 -21.86 -13.45 4.75
N ALA D 142 -21.61 -14.45 5.59
CA ALA D 142 -22.55 -14.76 6.65
C ALA D 142 -22.50 -13.70 7.76
N HIS D 143 -23.57 -13.66 8.55
CA HIS D 143 -23.63 -12.91 9.78
C HIS D 143 -23.30 -13.86 10.93
N SER D 144 -22.12 -13.69 11.55
CA SER D 144 -21.70 -14.54 12.65
C SER D 144 -22.02 -13.87 13.98
N ILE D 145 -22.77 -14.55 14.83
CA ILE D 145 -23.19 -14.03 16.14
C ILE D 145 -22.47 -14.82 17.22
N ALA D 146 -22.09 -14.16 18.31
CA ALA D 146 -21.51 -14.82 19.46
C ALA D 146 -22.48 -14.76 20.64
N LEU D 147 -22.78 -15.91 21.24
CA LEU D 147 -23.67 -15.98 22.40
C LEU D 147 -22.88 -16.42 23.61
N VAL D 148 -22.45 -15.45 24.41
CA VAL D 148 -21.55 -15.70 25.53
C VAL D 148 -22.40 -15.80 26.79
N GLN D 149 -22.69 -17.04 27.20
CA GLN D 149 -23.51 -17.32 28.40
C GLN D 149 -22.61 -17.57 29.62
N GLY D 150 -21.30 -17.68 29.42
CA GLY D 150 -20.39 -17.93 30.53
C GLY D 150 -19.06 -17.24 30.31
N ASN D 151 -18.13 -17.41 31.26
CA ASN D 151 -16.90 -16.63 31.21
C ASN D 151 -16.11 -16.95 29.94
N ALA D 152 -15.44 -15.95 29.38
CA ALA D 152 -14.80 -16.11 28.07
C ALA D 152 -13.41 -15.49 28.12
N LEU D 153 -12.53 -16.12 28.86
CA LEU D 153 -11.19 -15.58 29.02
C LEU D 153 -10.32 -15.93 27.80
N GLY D 154 -9.18 -15.25 27.71
CA GLY D 154 -8.14 -15.60 26.75
C GLY D 154 -8.61 -15.64 25.31
N GLY D 155 -8.16 -16.66 24.59
CA GLY D 155 -8.66 -16.89 23.25
C GLY D 155 -10.17 -17.02 23.19
N GLY D 156 -10.79 -17.44 24.30
CA GLY D 156 -12.25 -17.38 24.37
C GLY D 156 -12.79 -15.99 24.09
N PHE D 157 -12.13 -14.96 24.62
CA PHE D 157 -12.51 -13.58 24.29
C PHE D 157 -12.18 -13.26 22.83
N GLU D 158 -11.00 -13.66 22.36
CA GLU D 158 -10.73 -13.57 20.93
C GLU D 158 -11.79 -14.31 20.12
N ALA D 159 -12.15 -15.53 20.56
CA ALA D 159 -13.21 -16.26 19.89
C ALA D 159 -14.49 -15.44 19.86
N ALA D 160 -14.81 -14.80 20.98
CA ALA D 160 -16.04 -14.01 21.06
C ALA D 160 -15.97 -12.71 20.26
N LEU D 161 -14.79 -12.06 20.18
CA LEU D 161 -14.65 -10.83 19.42
C LEU D 161 -14.54 -11.04 17.92
N SER D 162 -14.45 -12.28 17.45
CA SER D 162 -14.39 -12.49 16.00
C SER D 162 -15.77 -12.42 15.36
N CYS D 163 -16.81 -12.75 16.11
CA CYS D 163 -18.15 -12.71 15.56
C CYS D 163 -18.58 -11.27 15.37
N HIS D 164 -19.55 -11.08 14.50
CA HIS D 164 -20.01 -9.75 14.18
C HIS D 164 -20.86 -9.14 15.30
N THR D 165 -21.67 -9.93 15.97
CA THR D 165 -22.61 -9.47 16.98
C THR D 165 -22.39 -10.24 18.27
N ILE D 166 -22.24 -9.53 19.38
CA ILE D 166 -21.81 -10.15 20.62
C ILE D 166 -22.93 -10.00 21.64
N VAL D 167 -23.71 -11.06 21.81
CA VAL D 167 -24.72 -11.16 22.86
C VAL D 167 -24.11 -11.79 24.09
N ALA D 168 -24.05 -11.04 25.20
CA ALA D 168 -23.60 -11.61 26.47
C ALA D 168 -24.72 -11.57 27.48
N GLU D 169 -24.56 -12.35 28.55
CA GLU D 169 -25.44 -12.30 29.71
C GLU D 169 -24.95 -11.30 30.74
N GLU D 170 -25.91 -10.74 31.46
CA GLU D 170 -25.56 -9.97 32.65
C GLU D 170 -24.75 -10.86 33.57
N GLY D 171 -23.69 -10.30 34.13
CA GLY D 171 -22.87 -11.04 35.05
C GLY D 171 -21.70 -11.77 34.45
N VAL D 172 -21.68 -12.01 33.13
CA VAL D 172 -20.57 -12.76 32.56
C VAL D 172 -19.28 -11.97 32.79
N LEU D 173 -18.16 -12.69 32.88
CA LEU D 173 -16.86 -12.02 32.96
C LEU D 173 -16.06 -12.38 31.73
N MET D 174 -15.45 -11.36 31.13
CA MET D 174 -14.68 -11.46 29.90
C MET D 174 -13.33 -10.79 30.13
N GLY D 175 -12.40 -11.00 29.21
CA GLY D 175 -11.10 -10.37 29.36
C GLY D 175 -10.02 -11.38 29.07
N LEU D 176 -8.76 -10.97 29.13
CA LEU D 176 -7.67 -11.84 28.72
C LEU D 176 -6.51 -11.81 29.71
N PRO D 177 -6.25 -12.92 30.46
CA PRO D 177 -5.27 -12.88 31.55
C PRO D 177 -3.98 -13.58 31.17
N GLU D 178 -3.81 -13.82 29.88
CA GLU D 178 -2.59 -14.42 29.39
C GLU D 178 -1.35 -13.62 29.73
N VAL D 179 -1.51 -12.35 30.11
CA VAL D 179 -0.34 -11.53 30.40
C VAL D 179 0.21 -11.81 31.79
N LEU D 180 -0.52 -12.56 32.62
CA LEU D 180 0.03 -12.92 33.91
C LEU D 180 1.10 -14.02 33.81
N PHE D 181 1.31 -14.59 32.63
CA PHE D 181 2.35 -15.57 32.40
C PHE D 181 3.47 -15.02 31.51
N ASP D 182 3.52 -13.71 31.31
CA ASP D 182 4.45 -13.05 30.37
C ASP D 182 4.21 -13.50 28.94
N LEU D 183 2.96 -13.72 28.59
CA LEU D 183 2.59 -13.87 27.19
C LEU D 183 1.53 -12.83 26.85
N PHE D 184 1.01 -12.89 25.62
CA PHE D 184 -0.12 -12.03 25.29
C PHE D 184 -1.11 -12.76 24.39
N PRO D 185 -2.21 -12.11 23.95
CA PRO D 185 -3.20 -12.81 23.11
C PRO D 185 -2.96 -12.70 21.60
N GLY D 186 -2.01 -13.50 21.15
CA GLY D 186 -1.67 -13.63 19.72
C GLY D 186 -2.64 -14.60 19.06
N MET D 187 -3.46 -14.06 18.19
CA MET D 187 -4.51 -14.73 17.40
C MET D 187 -5.05 -13.51 16.67
N GLY D 188 -6.16 -12.97 17.19
CA GLY D 188 -6.70 -11.69 16.69
C GLY D 188 -6.47 -10.67 17.79
N ALA D 189 -7.52 -10.44 18.56
CA ALA D 189 -7.54 -9.54 19.74
C ALA D 189 -7.07 -8.13 19.40
N TYR D 190 -5.85 -7.97 18.85
CA TYR D 190 -5.38 -6.59 18.57
C TYR D 190 -5.99 -6.26 17.23
N SER D 191 -6.41 -7.29 16.51
CA SER D 191 -7.02 -7.07 15.22
C SER D 191 -8.52 -6.87 15.36
N PHE D 192 -9.17 -7.66 16.23
CA PHE D 192 -10.61 -7.53 16.44
C PHE D 192 -10.95 -6.36 17.35
N LEU D 193 -10.06 -6.04 18.30
CA LEU D 193 -10.29 -4.92 19.19
C LEU D 193 -10.15 -3.60 18.43
N CYS D 194 -9.16 -3.50 17.53
CA CYS D 194 -8.93 -2.29 16.73
C CYS D 194 -10.12 -1.96 15.83
N GLN D 195 -11.11 -2.82 15.79
CA GLN D 195 -12.30 -2.53 15.00
C GLN D 195 -13.31 -1.74 15.79
N ARG D 196 -13.31 -1.90 17.11
CA ARG D 196 -14.23 -1.16 17.95
C ARG D 196 -13.56 0.00 18.70
N ILE D 197 -12.24 -0.01 18.89
CA ILE D 197 -11.52 0.96 19.70
C ILE D 197 -10.17 1.31 19.04
N SER D 198 -9.39 2.16 19.71
CA SER D 198 -8.15 2.64 19.09
C SER D 198 -6.99 1.71 19.39
N PRO D 199 -5.90 1.82 18.63
CA PRO D 199 -4.76 0.92 18.91
C PRO D 199 -4.21 1.07 20.30
N ARG D 200 -4.09 2.31 20.82
CA ARG D 200 -3.58 2.52 22.19
C ARG D 200 -4.42 1.75 23.19
N LEU D 201 -5.75 1.93 23.12
CA LEU D 201 -6.61 1.33 24.11
C LEU D 201 -6.71 -0.19 23.92
N ALA D 202 -6.72 -0.66 22.67
CA ALA D 202 -6.60 -2.10 22.42
C ALA D 202 -5.35 -2.66 23.08
N GLU D 203 -4.20 -1.97 22.90
CA GLU D 203 -3.00 -2.37 23.62
C GLU D 203 -3.25 -2.39 25.12
N LYS D 204 -3.87 -1.33 25.67
CA LYS D 204 -4.09 -1.28 27.12
C LYS D 204 -4.90 -2.48 27.58
N ILE D 205 -6.02 -2.76 26.92
CA ILE D 205 -6.83 -3.94 27.26
C ILE D 205 -6.00 -5.20 27.18
N MET D 206 -5.14 -5.31 26.17
CA MET D 206 -4.32 -6.51 26.07
C MET D 206 -3.35 -6.61 27.23
N LEU D 207 -2.43 -5.64 27.33
CA LEU D 207 -1.33 -5.78 28.27
C LEU D 207 -1.74 -5.54 29.71
N GLU D 208 -2.89 -4.90 29.95
CA GLU D 208 -3.25 -4.67 31.36
C GLU D 208 -3.70 -5.96 32.04
N GLY D 209 -4.18 -6.92 31.26
CA GLY D 209 -4.59 -8.19 31.80
C GLY D 209 -5.67 -8.04 32.85
N ASN D 210 -6.73 -7.36 32.51
CA ASN D 210 -7.78 -7.10 33.48
C ASN D 210 -9.05 -7.79 33.00
N LEU D 211 -9.85 -8.31 33.93
CA LEU D 211 -11.13 -8.89 33.57
C LEU D 211 -12.24 -7.85 33.62
N TYR D 212 -13.36 -8.16 32.95
CA TYR D 212 -14.39 -7.14 32.77
C TYR D 212 -15.76 -7.80 32.77
N THR D 213 -16.79 -7.04 33.14
CA THR D 213 -18.15 -7.57 33.13
C THR D 213 -18.87 -7.08 31.90
N ALA D 214 -19.87 -7.86 31.47
CA ALA D 214 -20.57 -7.58 30.22
C ALA D 214 -21.10 -6.17 30.18
N SER D 215 -21.57 -5.67 31.33
CA SER D 215 -22.06 -4.30 31.39
C SER D 215 -20.96 -3.31 31.01
N GLN D 216 -19.75 -3.52 31.55
CA GLN D 216 -18.61 -2.65 31.23
C GLN D 216 -18.27 -2.76 29.75
N LEU D 217 -18.18 -4.00 29.25
CA LEU D 217 -17.84 -4.23 27.85
C LEU D 217 -18.89 -3.67 26.92
N LYS D 218 -20.15 -3.55 27.37
CA LYS D 218 -21.14 -2.84 26.58
C LYS D 218 -20.80 -1.37 26.54
N GLU D 219 -20.38 -0.82 27.69
CA GLU D 219 -19.99 0.58 27.73
C GLU D 219 -18.84 0.83 26.77
N MET D 220 -17.83 -0.02 26.79
CA MET D 220 -16.72 0.27 25.90
C MET D 220 -17.04 -0.08 24.45
N GLY D 221 -18.29 -0.42 24.13
CA GLY D 221 -18.62 -0.91 22.79
C GLY D 221 -17.90 -2.18 22.35
N LEU D 222 -17.36 -2.94 23.29
CA LEU D 222 -16.76 -4.24 23.02
C LEU D 222 -17.76 -5.39 23.07
N VAL D 223 -19.00 -5.13 23.49
CA VAL D 223 -20.09 -6.11 23.44
C VAL D 223 -21.29 -5.38 22.88
N ASP D 224 -22.07 -6.07 22.04
CA ASP D 224 -23.09 -5.41 21.26
C ASP D 224 -24.38 -5.27 22.02
N ILE D 225 -24.85 -6.34 22.65
CA ILE D 225 -26.06 -6.20 23.45
C ILE D 225 -26.05 -7.19 24.63
N VAL D 226 -26.23 -6.67 25.84
CA VAL D 226 -26.23 -7.47 27.07
C VAL D 226 -27.68 -7.60 27.54
N VAL D 227 -28.16 -8.83 27.65
CA VAL D 227 -29.55 -9.10 27.96
C VAL D 227 -29.60 -9.71 29.35
N PRO D 228 -30.77 -9.83 30.00
CA PRO D 228 -30.79 -10.18 31.44
C PRO D 228 -30.43 -11.63 31.70
N VAL D 229 -30.66 -12.07 32.94
CA VAL D 229 -30.16 -13.37 33.38
C VAL D 229 -30.81 -14.48 32.54
N GLY D 230 -29.97 -15.32 31.93
CA GLY D 230 -30.46 -16.49 31.19
C GLY D 230 -31.32 -16.24 29.98
N GLU D 231 -31.54 -14.97 29.61
CA GLU D 231 -32.36 -14.58 28.46
C GLU D 231 -31.53 -14.50 27.16
N GLY D 232 -30.26 -14.89 27.20
CA GLY D 232 -29.40 -14.71 26.04
C GLY D 232 -29.77 -15.60 24.87
N VAL D 233 -30.34 -16.77 25.16
CA VAL D 233 -30.70 -17.69 24.09
C VAL D 233 -31.64 -17.03 23.10
N ALA D 234 -32.77 -16.51 23.60
CA ALA D 234 -33.76 -15.87 22.74
C ALA D 234 -33.31 -14.50 22.25
N ALA D 235 -32.30 -13.91 22.88
CA ALA D 235 -31.73 -12.67 22.36
C ALA D 235 -31.19 -12.89 20.95
N VAL D 236 -30.26 -13.84 20.80
CA VAL D 236 -29.75 -14.20 19.49
C VAL D 236 -30.89 -14.55 18.54
N GLU D 237 -31.99 -15.10 19.06
CA GLU D 237 -33.15 -15.33 18.20
C GLU D 237 -33.73 -14.01 17.70
N GLN D 238 -33.75 -12.99 18.57
CA GLN D 238 -34.23 -11.67 18.17
C GLN D 238 -33.33 -11.07 17.09
N VAL D 239 -32.01 -11.17 17.28
CA VAL D 239 -31.07 -10.68 16.28
C VAL D 239 -31.34 -11.32 14.93
N ILE D 240 -31.54 -12.64 14.92
CA ILE D 240 -31.76 -13.36 13.68
C ILE D 240 -32.99 -12.83 12.96
N LYS D 241 -34.08 -12.59 13.72
CA LYS D 241 -35.29 -12.06 13.09
C LYS D 241 -34.99 -10.76 12.35
N GLU D 242 -34.31 -9.81 13.01
CA GLU D 242 -34.05 -8.51 12.39
C GLU D 242 -32.95 -8.58 11.34
N SER D 243 -31.87 -9.33 11.60
CA SER D 243 -30.82 -9.44 10.58
C SER D 243 -31.35 -10.06 9.31
N ARG D 244 -32.31 -10.99 9.40
CA ARG D 244 -32.84 -11.59 8.20
C ARG D 244 -33.77 -10.64 7.44
N ARG D 245 -34.22 -9.55 8.08
CA ARG D 245 -35.05 -8.54 7.41
C ARG D 245 -34.26 -7.74 6.39
N ILE D 246 -32.94 -7.69 6.51
CA ILE D 246 -32.11 -6.91 5.58
C ILE D 246 -31.07 -7.78 4.89
N PRO D 247 -31.48 -8.82 4.17
CA PRO D 247 -30.46 -9.77 3.67
C PRO D 247 -29.56 -9.19 2.60
N HIS D 248 -30.09 -8.40 1.66
CA HIS D 248 -29.22 -7.82 0.65
C HIS D 248 -28.32 -6.74 1.24
N ALA D 249 -28.82 -5.98 2.21
CA ALA D 249 -27.99 -4.93 2.80
C ALA D 249 -26.82 -5.53 3.58
N TRP D 250 -27.08 -6.60 4.37
CA TRP D 250 -26.00 -7.24 5.11
C TRP D 250 -24.90 -7.73 4.18
N ALA D 251 -25.28 -8.23 3.00
CA ALA D 251 -24.28 -8.75 2.08
C ALA D 251 -23.36 -7.65 1.58
N ALA D 252 -23.90 -6.44 1.36
CA ALA D 252 -23.06 -5.35 0.85
C ALA D 252 -22.15 -4.80 1.94
N MET D 253 -22.63 -4.73 3.18
CA MET D 253 -21.74 -4.43 4.30
C MET D 253 -20.51 -5.34 4.28
N ARG D 254 -20.71 -6.65 4.50
CA ARG D 254 -19.58 -7.56 4.59
C ARG D 254 -18.63 -7.37 3.41
N GLU D 255 -19.18 -7.20 2.22
CA GLU D 255 -18.30 -6.95 1.08
C GLU D 255 -17.59 -5.61 1.24
N VAL D 256 -18.29 -4.59 1.73
CA VAL D 256 -17.70 -3.25 1.86
C VAL D 256 -16.61 -3.22 2.92
N ASN D 257 -16.80 -3.92 4.05
CA ASN D 257 -15.70 -4.01 5.00
C ASN D 257 -14.51 -4.69 4.36
N GLU D 258 -14.78 -5.69 3.51
CA GLU D 258 -13.77 -6.59 3.00
C GLU D 258 -12.79 -5.91 2.04
N ILE D 259 -13.17 -4.78 1.43
CA ILE D 259 -12.22 -3.96 0.68
C ILE D 259 -11.73 -2.77 1.49
N ALA D 260 -12.29 -2.55 2.69
CA ALA D 260 -11.90 -1.42 3.54
C ALA D 260 -11.23 -1.94 4.80
N THR D 261 -11.98 -2.26 5.86
CA THR D 261 -11.45 -2.43 7.21
C THR D 261 -11.29 -3.89 7.68
N MET D 262 -11.74 -4.89 6.91
CA MET D 262 -11.59 -6.27 7.35
C MET D 262 -10.12 -6.68 7.36
N VAL D 263 -9.73 -7.42 8.39
CA VAL D 263 -8.31 -7.76 8.60
C VAL D 263 -7.92 -8.87 7.62
N PRO D 264 -6.84 -8.68 6.87
CA PRO D 264 -6.37 -9.76 5.98
C PRO D 264 -5.89 -10.97 6.77
N LEU D 265 -6.12 -12.15 6.19
CA LEU D 265 -5.73 -13.42 6.80
C LEU D 265 -4.21 -13.52 6.99
N HIS D 266 -3.45 -13.24 5.93
CA HIS D 266 -2.00 -13.31 6.04
C HIS D 266 -1.44 -12.31 7.03
N GLU D 267 -2.20 -11.25 7.38
CA GLU D 267 -1.64 -10.30 8.35
C GLU D 267 -1.73 -10.85 9.77
N MET D 268 -2.82 -11.55 10.09
CA MET D 268 -2.92 -12.30 11.34
C MET D 268 -1.86 -13.40 11.42
N MET D 269 -1.55 -14.01 10.29
CA MET D 269 -0.51 -15.03 10.27
C MET D 269 0.81 -14.49 10.78
N ARG D 270 1.13 -13.24 10.48
CA ARG D 270 2.40 -12.69 10.95
C ARG D 270 2.40 -12.49 12.45
N ILE D 271 1.24 -12.23 13.02
CA ILE D 271 1.21 -12.01 14.45
C ILE D 271 1.55 -13.29 15.19
N THR D 272 0.97 -14.43 14.79
CA THR D 272 1.29 -15.70 15.43
C THR D 272 2.78 -16.04 15.34
N GLU D 273 3.39 -15.87 14.16
CA GLU D 273 4.84 -15.98 14.06
C GLU D 273 5.47 -15.24 15.23
N ILE D 274 5.10 -13.96 15.40
CA ILE D 274 5.56 -13.17 16.54
C ILE D 274 5.13 -13.81 17.86
N TRP D 275 3.88 -14.27 17.92
CA TRP D 275 3.40 -14.95 19.13
C TRP D 275 4.17 -16.24 19.39
N VAL D 276 4.42 -17.05 18.33
CA VAL D 276 5.04 -18.34 18.62
C VAL D 276 6.49 -18.15 19.02
N ASP D 277 7.16 -17.12 18.50
CA ASP D 277 8.52 -16.95 19.01
C ASP D 277 8.53 -16.39 20.43
N THR D 278 7.38 -15.91 20.91
CA THR D 278 7.36 -15.32 22.25
C THR D 278 7.15 -16.39 23.30
N ALA D 279 6.16 -17.26 23.08
CA ALA D 279 6.01 -18.47 23.91
C ALA D 279 7.30 -19.30 23.97
N MET D 280 8.10 -19.32 22.89
CA MET D 280 9.29 -20.14 22.83
C MET D 280 10.41 -19.66 23.77
N GLN D 281 10.33 -18.43 24.27
CA GLN D 281 11.31 -17.90 25.21
C GLN D 281 10.82 -17.86 26.66
N LEU D 282 9.66 -18.45 26.94
CA LEU D 282 8.98 -18.31 28.22
C LEU D 282 9.75 -19.04 29.32
N GLY D 283 10.32 -18.29 30.26
CA GLY D 283 11.13 -18.88 31.30
C GLY D 283 10.37 -19.90 32.15
N GLU D 284 11.11 -20.47 33.11
CA GLU D 284 10.51 -21.50 33.97
C GLU D 284 9.48 -20.90 34.91
N LYS D 285 9.78 -19.71 35.48
CA LYS D 285 8.84 -19.03 36.38
C LYS D 285 7.46 -18.89 35.75
N SER D 286 7.41 -18.50 34.48
CA SER D 286 6.14 -18.48 33.76
C SER D 286 5.62 -19.91 33.55
N LEU D 287 6.51 -20.84 33.22
CA LEU D 287 6.08 -22.21 32.90
C LEU D 287 5.39 -22.87 34.10
N ARG D 288 5.99 -22.75 35.29
CA ARG D 288 5.35 -23.28 36.50
C ARG D 288 3.99 -22.65 36.71
N THR D 289 3.86 -21.34 36.42
CA THR D 289 2.59 -20.65 36.56
C THR D 289 1.51 -21.23 35.66
N MET D 290 1.86 -21.54 34.40
CA MET D 290 0.94 -22.29 33.54
C MET D 290 0.58 -23.62 34.17
N ASP D 291 1.61 -24.38 34.56
CA ASP D 291 1.40 -25.62 35.29
C ASP D 291 0.62 -25.36 36.57
N ARG D 292 0.82 -24.18 37.18
CA ARG D 292 0.00 -23.78 38.32
C ARG D 292 -1.49 -23.69 37.91
N LEU D 293 -1.77 -23.11 36.75
CA LEU D 293 -3.13 -23.09 36.23
C LEU D 293 -3.58 -24.44 35.70
N VAL D 294 -2.65 -25.37 35.46
CA VAL D 294 -3.02 -26.69 34.95
C VAL D 294 -3.72 -27.51 36.03
N ARG D 295 -3.16 -27.49 37.25
CA ARG D 295 -3.75 -28.22 38.38
C ARG D 295 -5.22 -27.83 38.57
N ALA D 296 -5.50 -26.52 38.56
CA ALA D 296 -6.85 -25.96 38.67
C ALA D 296 -7.10 -25.01 37.50
N GLN D 297 -7.50 -25.55 36.34
CA GLN D 297 -7.96 -24.71 35.20
C GLN D 297 -9.47 -24.83 35.02
CA PRO E 31 -25.12 -17.62 -28.99
C PRO E 31 -24.39 -16.83 -30.07
N THR E 32 -23.42 -16.01 -29.65
CA THR E 32 -22.47 -15.38 -30.55
C THR E 32 -21.16 -16.14 -30.65
N LEU E 33 -21.04 -17.29 -29.97
CA LEU E 33 -19.80 -18.04 -29.91
C LEU E 33 -20.04 -19.51 -30.26
N ARG E 34 -18.92 -20.22 -30.45
CA ARG E 34 -18.92 -21.65 -30.70
C ARG E 34 -18.21 -22.35 -29.53
N ILE E 35 -18.98 -23.01 -28.68
CA ILE E 35 -18.43 -23.65 -27.49
C ILE E 35 -18.02 -25.07 -27.82
N THR E 36 -17.07 -25.61 -27.05
CA THR E 36 -16.49 -26.94 -27.31
C THR E 36 -16.25 -27.61 -25.94
N GLU E 37 -17.33 -28.13 -25.37
CA GLU E 37 -17.37 -28.93 -24.15
C GLU E 37 -16.51 -30.18 -24.27
N GLU E 38 -15.42 -30.23 -23.52
CA GLU E 38 -14.59 -31.44 -23.41
C GLU E 38 -14.42 -31.84 -21.94
N PRO E 39 -15.52 -31.99 -21.20
CA PRO E 39 -15.40 -32.09 -19.73
C PRO E 39 -14.59 -33.28 -19.26
N GLU E 40 -14.46 -34.34 -20.07
CA GLU E 40 -13.64 -35.48 -19.65
C GLU E 40 -12.21 -35.05 -19.32
N ARG E 41 -11.61 -34.19 -20.14
CA ARG E 41 -10.24 -33.73 -19.90
C ARG E 41 -10.18 -32.29 -19.36
N ASP E 42 -11.33 -31.64 -19.15
CA ASP E 42 -11.41 -30.28 -18.62
C ASP E 42 -10.66 -29.30 -19.51
N VAL E 43 -11.05 -29.25 -20.79
CA VAL E 43 -10.56 -28.29 -21.77
C VAL E 43 -11.80 -27.66 -22.42
N TYR E 44 -11.72 -26.36 -22.72
CA TYR E 44 -12.90 -25.61 -23.17
C TYR E 44 -12.51 -24.57 -24.22
N TRP E 45 -13.14 -24.64 -25.39
CA TRP E 45 -12.82 -23.75 -26.50
C TRP E 45 -13.92 -22.71 -26.70
N ILE E 46 -13.52 -21.46 -26.95
CA ILE E 46 -14.45 -20.37 -27.14
C ILE E 46 -14.14 -19.72 -28.49
N HIS E 47 -14.93 -20.06 -29.51
CA HIS E 47 -14.66 -19.63 -30.88
C HIS E 47 -15.51 -18.41 -31.19
N MET E 48 -14.85 -17.27 -31.34
CA MET E 48 -15.56 -16.00 -31.45
C MET E 48 -16.16 -15.85 -32.84
N HIS E 49 -17.15 -14.95 -32.92
CA HIS E 49 -17.80 -14.55 -34.17
C HIS E 49 -18.51 -15.72 -34.85
N ALA E 50 -18.94 -16.72 -34.07
CA ALA E 50 -19.58 -17.90 -34.66
C ALA E 50 -20.78 -17.52 -35.51
N ASN E 51 -21.37 -16.35 -35.23
CA ASN E 51 -22.56 -15.87 -35.98
C ASN E 51 -22.10 -14.85 -37.05
N LEU E 52 -20.80 -14.82 -37.32
CA LEU E 52 -20.23 -13.89 -38.33
C LEU E 52 -20.02 -14.62 -39.65
N VAL E 53 -20.99 -15.45 -40.05
CA VAL E 53 -20.91 -16.23 -41.33
C VAL E 53 -22.25 -16.10 -42.07
N ASN E 54 -22.97 -15.01 -41.80
CA ASN E 54 -24.29 -14.72 -42.45
C ASN E 54 -24.57 -13.21 -42.35
N ARG E 58 -18.27 -6.47 -39.94
CA ARG E 58 -18.04 -6.06 -38.52
C ARG E 58 -17.82 -7.27 -37.61
N PRO E 59 -16.68 -7.99 -37.72
CA PRO E 59 -16.38 -9.12 -36.86
C PRO E 59 -15.43 -8.68 -35.73
N CYS E 60 -15.60 -7.44 -35.25
CA CYS E 60 -14.74 -6.88 -34.18
C CYS E 60 -15.24 -7.31 -32.79
N PHE E 61 -15.65 -6.35 -31.96
CA PHE E 61 -16.14 -6.65 -30.59
C PHE E 61 -17.53 -6.03 -30.37
N ALA E 62 -18.57 -6.68 -30.90
CA ALA E 62 -19.95 -6.24 -30.74
C ALA E 62 -20.40 -6.51 -29.31
N SER E 63 -21.27 -5.63 -28.79
CA SER E 63 -21.73 -5.80 -27.42
C SER E 63 -22.24 -7.22 -27.17
N ARG E 64 -23.01 -7.76 -28.12
CA ARG E 64 -23.48 -9.14 -27.97
C ARG E 64 -22.32 -10.10 -27.83
N LEU E 65 -21.26 -9.90 -28.63
CA LEU E 65 -20.08 -10.74 -28.50
C LEU E 65 -19.50 -10.64 -27.10
N VAL E 66 -19.06 -9.44 -26.70
CA VAL E 66 -18.47 -9.27 -25.37
C VAL E 66 -19.48 -9.67 -24.29
N ASP E 67 -20.73 -9.19 -24.43
CA ASP E 67 -21.75 -9.49 -23.42
C ASP E 67 -21.88 -10.99 -23.21
N ASP E 68 -21.95 -11.75 -24.30
CA ASP E 68 -21.99 -13.19 -24.12
C ASP E 68 -20.67 -13.77 -23.64
N ILE E 69 -19.53 -13.10 -23.83
CA ILE E 69 -18.27 -13.71 -23.42
C ILE E 69 -18.16 -13.78 -21.91
N VAL E 70 -18.58 -12.72 -21.21
CA VAL E 70 -18.58 -12.81 -19.74
C VAL E 70 -19.59 -13.85 -19.30
N ASP E 71 -20.71 -13.95 -20.02
CA ASP E 71 -21.79 -14.85 -19.65
C ASP E 71 -21.29 -16.30 -19.56
N TYR E 72 -20.49 -16.72 -20.54
CA TYR E 72 -19.88 -18.05 -20.48
C TYR E 72 -18.93 -18.15 -19.29
N GLN E 73 -18.09 -17.13 -19.08
CA GLN E 73 -17.10 -17.18 -18.01
C GLN E 73 -17.78 -17.31 -16.66
N ARG E 74 -18.91 -16.61 -16.50
CA ARG E 74 -19.65 -16.71 -15.25
C ARG E 74 -20.19 -18.12 -15.07
N GLU E 75 -20.81 -18.68 -16.11
CA GLU E 75 -21.43 -20.00 -15.99
C GLU E 75 -20.39 -21.11 -15.96
N LEU E 76 -19.38 -21.03 -16.85
CA LEU E 76 -18.31 -22.02 -16.86
C LEU E 76 -17.51 -22.00 -15.56
N GLY E 77 -17.25 -20.80 -15.03
CA GLY E 77 -16.45 -20.71 -13.82
C GLY E 77 -17.09 -21.40 -12.63
N ASP E 78 -18.43 -21.30 -12.51
CA ASP E 78 -19.13 -21.94 -11.40
C ASP E 78 -19.15 -23.46 -11.56
N ARG E 79 -19.34 -23.94 -12.80
CA ARG E 79 -19.21 -25.36 -13.07
C ARG E 79 -17.89 -25.90 -12.54
N LEU E 80 -16.79 -25.21 -12.85
CA LEU E 80 -15.48 -25.70 -12.42
C LEU E 80 -15.20 -25.38 -10.96
N SER E 81 -15.82 -24.34 -10.40
CA SER E 81 -15.63 -24.08 -8.97
C SER E 81 -16.38 -25.10 -8.14
N ALA E 82 -17.57 -25.51 -8.58
CA ALA E 82 -18.37 -26.47 -7.83
C ALA E 82 -17.94 -27.90 -8.08
N SER E 83 -17.31 -28.19 -9.21
CA SER E 83 -16.72 -29.49 -9.48
C SER E 83 -15.30 -29.60 -8.91
N HIS E 84 -14.78 -28.51 -8.36
CA HIS E 84 -13.48 -28.51 -7.69
C HIS E 84 -12.35 -28.91 -8.65
N ALA E 85 -12.43 -28.44 -9.89
CA ALA E 85 -11.48 -28.87 -10.90
C ALA E 85 -10.11 -28.22 -10.70
N LEU E 86 -9.06 -29.03 -10.83
CA LEU E 86 -7.68 -28.58 -10.76
C LEU E 86 -7.21 -28.26 -12.18
N SER E 87 -6.54 -27.11 -12.34
CA SER E 87 -5.93 -26.68 -13.59
C SER E 87 -6.85 -26.94 -14.79
N PRO E 88 -8.01 -26.27 -14.86
CA PRO E 88 -8.79 -26.23 -16.11
C PRO E 88 -8.00 -25.64 -17.27
N HIS E 89 -8.61 -25.68 -18.44
CA HIS E 89 -7.99 -25.18 -19.65
C HIS E 89 -9.03 -24.45 -20.49
N VAL E 90 -8.79 -23.16 -20.75
CA VAL E 90 -9.70 -22.32 -21.57
C VAL E 90 -8.90 -21.76 -22.76
N VAL E 91 -9.47 -21.83 -23.96
CA VAL E 91 -8.77 -21.34 -25.19
C VAL E 91 -9.65 -20.26 -25.87
N LEU E 92 -9.00 -19.29 -26.52
CA LEU E 92 -9.71 -18.19 -27.22
C LEU E 92 -9.32 -18.23 -28.71
N ALA E 93 -10.28 -18.52 -29.59
CA ALA E 93 -10.02 -18.59 -31.02
C ALA E 93 -11.16 -17.94 -31.78
N SER E 94 -10.95 -17.69 -33.07
CA SER E 94 -11.85 -16.87 -33.86
C SER E 94 -12.19 -17.55 -35.18
N ASP E 95 -13.50 -17.67 -35.45
CA ASP E 95 -14.03 -18.14 -36.73
C ASP E 95 -14.19 -16.99 -37.71
N SER E 96 -13.14 -16.22 -37.90
CA SER E 96 -13.12 -15.25 -38.97
C SER E 96 -11.73 -15.29 -39.61
N ASP E 97 -11.59 -14.56 -40.72
CA ASP E 97 -10.27 -14.42 -41.34
C ASP E 97 -9.31 -13.70 -40.40
N VAL E 98 -9.84 -13.00 -39.40
CA VAL E 98 -9.05 -12.31 -38.39
C VAL E 98 -9.41 -12.84 -36.99
N PHE E 99 -8.54 -12.54 -36.03
CA PHE E 99 -8.86 -12.83 -34.64
C PHE E 99 -9.95 -11.90 -34.15
N ASN E 100 -9.68 -10.59 -34.19
CA ASN E 100 -10.60 -9.55 -33.77
C ASN E 100 -9.95 -8.27 -34.33
N LEU E 101 -10.71 -7.16 -34.32
CA LEU E 101 -10.25 -5.86 -34.83
C LEU E 101 -10.64 -4.85 -33.77
N GLY E 102 -11.25 -5.30 -32.66
CA GLY E 102 -11.34 -4.44 -31.48
C GLY E 102 -12.71 -3.90 -31.19
N GLY E 103 -12.76 -2.72 -30.58
CA GLY E 103 -14.05 -2.14 -30.24
C GLY E 103 -14.89 -1.85 -31.48
N ASP E 104 -16.22 -1.87 -31.28
CA ASP E 104 -17.18 -1.50 -32.31
C ASP E 104 -17.17 0.01 -32.44
N LEU E 105 -16.40 0.52 -33.39
CA LEU E 105 -16.31 1.96 -33.58
C LEU E 105 -17.70 2.54 -33.83
N GLU E 106 -18.61 1.75 -34.40
CA GLU E 106 -19.97 2.22 -34.61
C GLU E 106 -20.70 2.44 -33.29
N LEU E 107 -20.45 1.60 -32.29
CA LEU E 107 -21.06 1.83 -30.99
C LEU E 107 -20.50 3.09 -30.33
N PHE E 108 -19.19 3.33 -30.48
CA PHE E 108 -18.58 4.52 -29.90
C PHE E 108 -19.20 5.77 -30.50
N CYS E 109 -19.19 5.86 -31.84
CA CYS E 109 -19.60 7.07 -32.55
C CYS E 109 -21.01 7.52 -32.15
N ARG E 110 -21.98 6.60 -32.19
CA ARG E 110 -23.30 6.93 -31.70
C ARG E 110 -23.23 7.46 -30.28
N LEU E 111 -22.60 6.68 -29.39
CA LEU E 111 -22.60 6.99 -27.97
C LEU E 111 -21.94 8.34 -27.70
N ILE E 112 -20.79 8.57 -28.29
CA ILE E 112 -20.15 9.89 -28.15
C ILE E 112 -21.10 10.99 -28.60
N ARG E 113 -21.78 10.79 -29.74
CA ARG E 113 -22.65 11.87 -30.25
C ARG E 113 -23.81 12.13 -29.29
N GLU E 114 -24.51 11.06 -28.86
CA GLU E 114 -25.61 11.24 -27.90
C GLU E 114 -25.12 11.55 -26.49
N GLY E 115 -23.80 11.49 -26.25
CA GLY E 115 -23.24 11.73 -24.93
C GLY E 115 -23.64 10.73 -23.87
N ASP E 116 -24.09 9.56 -24.31
CA ASP E 116 -24.50 8.50 -23.36
C ASP E 116 -23.08 8.10 -22.94
N ARG E 117 -22.49 8.81 -22.00
CA ARG E 117 -21.29 8.35 -21.26
C ARG E 117 -21.59 7.11 -20.40
N ALA E 118 -22.68 7.16 -19.65
CA ALA E 118 -23.13 6.03 -18.82
C ALA E 118 -23.10 4.74 -19.63
N ARG E 119 -23.76 4.70 -20.79
CA ARG E 119 -23.81 3.44 -21.57
C ARG E 119 -22.46 3.13 -22.21
N LEU E 120 -21.57 4.12 -22.29
CA LEU E 120 -20.25 3.87 -22.86
C LEU E 120 -19.30 3.31 -21.81
N LEU E 121 -19.26 3.97 -20.65
CA LEU E 121 -18.53 3.41 -19.52
C LEU E 121 -18.99 1.98 -19.26
N ASP E 122 -20.30 1.74 -19.29
CA ASP E 122 -20.80 0.39 -19.03
C ASP E 122 -20.29 -0.62 -20.03
N TYR E 123 -20.05 -0.20 -21.27
CA TYR E 123 -19.44 -1.10 -22.25
C TYR E 123 -18.02 -1.49 -21.81
N ALA E 124 -17.21 -0.50 -21.44
CA ALA E 124 -15.84 -0.79 -21.01
C ALA E 124 -15.81 -1.62 -19.75
N GLN E 125 -16.75 -1.39 -18.83
CA GLN E 125 -16.85 -2.24 -17.65
C GLN E 125 -17.07 -3.69 -18.03
N ARG E 126 -18.10 -3.96 -18.84
CA ARG E 126 -18.31 -5.32 -19.35
C ARG E 126 -17.13 -5.79 -20.19
N CYS E 127 -16.58 -4.91 -21.02
CA CYS E 127 -15.42 -5.29 -21.82
C CYS E 127 -14.26 -5.71 -20.93
N VAL E 128 -13.99 -4.95 -19.85
CA VAL E 128 -12.81 -5.23 -19.02
C VAL E 128 -13.03 -6.43 -18.10
N ARG E 129 -14.25 -6.61 -17.59
CA ARG E 129 -14.60 -7.87 -16.92
C ARG E 129 -14.18 -9.08 -17.76
N GLY E 130 -14.30 -8.96 -19.08
CA GLY E 130 -14.00 -10.07 -19.98
C GLY E 130 -12.54 -10.45 -19.94
N VAL E 131 -11.66 -9.54 -20.37
CA VAL E 131 -10.23 -9.85 -20.40
C VAL E 131 -9.73 -10.29 -19.02
N HIS E 132 -10.16 -9.59 -17.95
CA HIS E 132 -9.62 -9.89 -16.63
C HIS E 132 -9.89 -11.32 -16.23
N ALA E 133 -11.12 -11.80 -16.45
CA ALA E 133 -11.43 -13.19 -16.12
C ALA E 133 -10.50 -14.15 -16.84
N PHE E 134 -10.16 -13.88 -18.10
CA PHE E 134 -9.15 -14.71 -18.78
C PHE E 134 -7.84 -14.67 -18.01
N HIS E 135 -7.46 -13.49 -17.53
CA HIS E 135 -6.15 -13.26 -16.94
C HIS E 135 -6.05 -13.81 -15.51
N ALA E 136 -7.16 -13.83 -14.78
CA ALA E 136 -7.24 -14.41 -13.44
C ALA E 136 -7.77 -15.84 -13.47
N GLY E 137 -7.73 -16.49 -14.62
CA GLY E 137 -8.08 -17.91 -14.69
C GLY E 137 -9.51 -18.24 -14.33
N LEU E 138 -10.43 -17.30 -14.55
CA LEU E 138 -11.86 -17.58 -14.39
C LEU E 138 -12.24 -17.95 -12.97
N GLY E 139 -11.52 -17.38 -11.99
CA GLY E 139 -11.88 -17.54 -10.59
C GLY E 139 -11.64 -18.96 -10.12
N THR E 140 -10.99 -19.74 -10.98
CA THR E 140 -10.81 -21.17 -10.74
C THR E 140 -9.41 -21.60 -11.17
N ARG E 141 -8.52 -20.62 -11.33
CA ARG E 141 -7.10 -20.83 -11.66
C ARG E 141 -6.94 -21.66 -12.93
N ALA E 142 -7.81 -21.44 -13.90
CA ALA E 142 -7.63 -22.12 -15.17
C ALA E 142 -6.44 -21.52 -15.91
N HIS E 143 -6.16 -22.08 -17.07
CA HIS E 143 -5.00 -21.73 -17.89
C HIS E 143 -5.56 -21.17 -19.19
N SER E 144 -5.72 -19.85 -19.23
CA SER E 144 -6.18 -19.22 -20.44
C SER E 144 -5.13 -19.34 -21.52
N ILE E 145 -5.58 -19.69 -22.74
CA ILE E 145 -4.72 -19.78 -23.92
C ILE E 145 -5.36 -18.97 -25.06
N ALA E 146 -4.52 -18.21 -25.78
CA ALA E 146 -4.95 -17.38 -26.89
C ALA E 146 -4.45 -17.97 -28.20
N LEU E 147 -5.38 -18.48 -29.02
CA LEU E 147 -5.09 -18.93 -30.38
C LEU E 147 -5.39 -17.80 -31.34
N VAL E 148 -4.35 -17.21 -31.90
CA VAL E 148 -4.46 -16.10 -32.83
C VAL E 148 -4.44 -16.72 -34.22
N GLN E 149 -5.64 -16.94 -34.75
CA GLN E 149 -5.77 -17.46 -36.09
C GLN E 149 -5.72 -16.35 -37.13
N GLY E 150 -6.22 -15.17 -36.81
CA GLY E 150 -6.14 -14.07 -37.75
C GLY E 150 -5.65 -12.81 -37.07
N ASN E 151 -5.76 -11.67 -37.77
CA ASN E 151 -5.26 -10.40 -37.25
C ASN E 151 -5.82 -10.12 -35.86
N ALA E 152 -4.97 -9.53 -35.02
CA ALA E 152 -5.34 -9.14 -33.65
C ALA E 152 -4.95 -7.67 -33.44
N LEU E 153 -5.51 -6.82 -34.27
CA LEU E 153 -5.21 -5.39 -34.21
C LEU E 153 -6.37 -4.70 -33.52
N GLY E 154 -6.07 -4.04 -32.41
CA GLY E 154 -7.02 -3.21 -31.70
C GLY E 154 -7.30 -3.76 -30.32
N GLY E 155 -8.51 -3.50 -29.84
CA GLY E 155 -8.99 -4.15 -28.62
C GLY E 155 -8.73 -5.65 -28.61
N GLY E 156 -8.69 -6.28 -29.79
CA GLY E 156 -8.42 -7.71 -29.84
C GLY E 156 -7.01 -8.07 -29.42
N PHE E 157 -6.07 -7.14 -29.57
CA PHE E 157 -4.72 -7.39 -29.07
C PHE E 157 -4.70 -7.48 -27.55
N GLU E 158 -5.41 -6.56 -26.88
CA GLU E 158 -5.59 -6.67 -25.44
C GLU E 158 -6.09 -8.06 -25.06
N ALA E 159 -7.20 -8.50 -25.68
CA ALA E 159 -7.81 -9.79 -25.36
C ALA E 159 -6.86 -10.94 -25.69
N ALA E 160 -6.05 -10.80 -26.72
CA ALA E 160 -5.01 -11.79 -26.96
C ALA E 160 -4.00 -11.77 -25.83
N LEU E 161 -3.60 -10.55 -25.41
CA LEU E 161 -2.58 -10.36 -24.39
C LEU E 161 -3.02 -10.80 -23.00
N SER E 162 -4.34 -10.81 -22.74
CA SER E 162 -4.85 -11.11 -21.41
C SER E 162 -4.72 -12.58 -21.06
N CYS E 163 -4.36 -13.43 -22.01
CA CYS E 163 -4.19 -14.84 -21.73
C CYS E 163 -2.80 -15.13 -21.19
N HIS E 164 -2.71 -16.19 -20.38
CA HIS E 164 -1.41 -16.63 -19.91
C HIS E 164 -0.51 -17.05 -21.07
N THR E 165 -1.05 -17.81 -22.01
CA THR E 165 -0.27 -18.31 -23.13
C THR E 165 -0.90 -17.79 -24.41
N ILE E 166 -0.06 -17.46 -25.37
CA ILE E 166 -0.49 -16.89 -26.64
C ILE E 166 0.17 -17.69 -27.77
N VAL E 167 -0.66 -18.33 -28.60
CA VAL E 167 -0.19 -19.14 -29.73
C VAL E 167 -0.61 -18.44 -31.04
N ALA E 168 0.38 -18.15 -31.90
CA ALA E 168 0.14 -17.34 -33.10
C ALA E 168 0.87 -17.91 -34.31
N GLU E 169 0.16 -17.98 -35.44
CA GLU E 169 0.72 -18.49 -36.69
C GLU E 169 1.56 -17.40 -37.38
N GLU E 170 2.49 -17.84 -38.24
CA GLU E 170 3.34 -16.89 -38.93
C GLU E 170 2.49 -15.94 -39.80
N GLY E 171 2.99 -14.71 -39.98
CA GLY E 171 2.36 -13.77 -40.88
C GLY E 171 1.27 -12.90 -40.27
N VAL E 172 0.65 -13.35 -39.18
CA VAL E 172 -0.40 -12.55 -38.52
C VAL E 172 0.13 -11.17 -38.09
N LEU E 173 -0.80 -10.24 -37.93
CA LEU E 173 -0.44 -8.88 -37.54
C LEU E 173 -1.26 -8.48 -36.32
N MET E 174 -0.60 -7.83 -35.37
CA MET E 174 -1.24 -7.37 -34.15
C MET E 174 -0.70 -5.98 -33.83
N GLY E 175 -1.59 -5.09 -33.41
CA GLY E 175 -1.23 -3.71 -33.12
C GLY E 175 -2.40 -2.98 -32.50
N LEU E 176 -2.13 -1.74 -32.08
CA LEU E 176 -3.16 -0.91 -31.47
C LEU E 176 -3.37 0.34 -32.31
N PRO E 177 -4.24 0.27 -33.32
CA PRO E 177 -4.48 1.45 -34.15
C PRO E 177 -5.42 2.47 -33.50
N GLU E 178 -5.88 2.21 -32.26
CA GLU E 178 -6.75 3.15 -31.56
C GLU E 178 -6.19 4.56 -31.48
N VAL E 179 -4.87 4.72 -31.65
CA VAL E 179 -4.26 6.05 -31.60
C VAL E 179 -4.58 6.85 -32.86
N LEU E 180 -4.97 6.17 -33.94
CA LEU E 180 -5.34 6.88 -35.17
C LEU E 180 -6.56 7.77 -34.96
N PHE E 181 -7.39 7.49 -33.96
CA PHE E 181 -8.55 8.32 -33.63
C PHE E 181 -8.29 9.24 -32.44
N ASP E 182 -7.03 9.59 -32.16
CA ASP E 182 -6.66 10.41 -31.00
C ASP E 182 -7.17 9.76 -29.72
N LEU E 183 -7.29 8.44 -29.76
CA LEU E 183 -7.62 7.65 -28.59
C LEU E 183 -6.46 6.71 -28.28
N PHE E 184 -6.66 5.88 -27.27
CA PHE E 184 -5.66 4.87 -26.86
C PHE E 184 -6.41 3.62 -26.42
N PRO E 185 -5.76 2.43 -26.39
CA PRO E 185 -6.45 1.20 -26.02
C PRO E 185 -6.64 1.15 -24.51
N GLY E 186 -7.74 1.68 -24.02
CA GLY E 186 -7.94 1.76 -22.56
C GLY E 186 -8.56 0.53 -21.94
N MET E 187 -8.63 -0.59 -22.66
CA MET E 187 -9.23 -1.77 -22.02
C MET E 187 -8.20 -2.90 -21.89
N GLY E 188 -7.41 -2.86 -20.83
CA GLY E 188 -6.43 -3.90 -20.47
C GLY E 188 -5.13 -3.93 -21.25
N ALA E 189 -4.95 -3.11 -22.27
CA ALA E 189 -3.71 -3.15 -23.06
C ALA E 189 -2.52 -2.86 -22.17
N TYR E 190 -2.48 -1.68 -21.58
CA TYR E 190 -1.29 -1.30 -20.84
C TYR E 190 -1.04 -2.19 -19.65
N SER E 191 -2.09 -2.62 -18.97
CA SER E 191 -1.90 -3.44 -17.79
C SER E 191 -1.28 -4.79 -18.14
N PHE E 192 -1.66 -5.39 -19.30
CA PHE E 192 -1.12 -6.71 -19.69
C PHE E 192 0.27 -6.58 -20.32
N LEU E 193 0.49 -5.55 -21.12
CA LEU E 193 1.83 -5.28 -21.67
C LEU E 193 2.89 -5.16 -20.56
N CYS E 194 2.54 -4.53 -19.42
CA CYS E 194 3.45 -4.33 -18.29
C CYS E 194 3.68 -5.58 -17.49
N GLN E 195 3.15 -6.72 -17.95
CA GLN E 195 3.48 -8.01 -17.40
C GLN E 195 4.66 -8.65 -18.12
N ARG E 196 4.99 -8.14 -19.32
CA ARG E 196 5.97 -8.68 -20.22
C ARG E 196 7.15 -7.76 -20.50
N ILE E 197 6.94 -6.44 -20.56
CA ILE E 197 8.01 -5.50 -20.92
C ILE E 197 7.95 -4.26 -20.03
N SER E 198 8.86 -3.33 -20.28
CA SER E 198 8.95 -2.14 -19.44
C SER E 198 7.83 -1.17 -19.78
N PRO E 199 7.30 -0.48 -18.78
CA PRO E 199 6.20 0.46 -19.03
C PRO E 199 6.54 1.53 -20.06
N ARG E 200 7.83 1.92 -20.12
CA ARG E 200 8.29 2.91 -21.13
C ARG E 200 8.11 2.30 -22.53
N LEU E 201 8.39 1.00 -22.65
CA LEU E 201 8.23 0.27 -23.91
C LEU E 201 6.77 0.01 -24.22
N ALA E 202 5.96 -0.23 -23.19
CA ALA E 202 4.53 -0.43 -23.37
C ALA E 202 3.85 0.86 -23.84
N GLU E 203 4.24 2.00 -23.27
CA GLU E 203 3.70 3.26 -23.76
C GLU E 203 4.02 3.45 -25.24
N LYS E 204 5.27 3.18 -25.65
CA LYS E 204 5.62 3.35 -27.07
C LYS E 204 4.69 2.54 -27.96
N ILE E 205 4.58 1.24 -27.70
CA ILE E 205 3.82 0.33 -28.56
C ILE E 205 2.39 0.82 -28.73
N MET E 206 1.78 1.34 -27.66
CA MET E 206 0.38 1.75 -27.73
C MET E 206 0.21 3.05 -28.49
N LEU E 207 1.02 4.06 -28.16
CA LEU E 207 0.90 5.37 -28.80
C LEU E 207 1.57 5.44 -30.16
N GLU E 208 2.44 4.50 -30.51
CA GLU E 208 2.96 4.46 -31.86
C GLU E 208 1.95 3.88 -32.83
N GLY E 209 1.04 3.05 -32.34
CA GLY E 209 0.05 2.45 -33.21
C GLY E 209 0.60 1.54 -34.29
N ASN E 210 1.79 0.98 -34.08
CA ASN E 210 2.44 0.17 -35.09
C ASN E 210 1.93 -1.27 -35.06
N LEU E 211 1.90 -1.90 -36.23
CA LEU E 211 1.51 -3.30 -36.35
C LEU E 211 2.78 -4.13 -36.45
N TYR E 212 2.90 -5.13 -35.59
CA TYR E 212 4.06 -6.01 -35.62
C TYR E 212 3.61 -7.40 -36.05
N THR E 213 4.53 -8.15 -36.64
CA THR E 213 4.27 -9.52 -37.08
C THR E 213 4.48 -10.51 -35.94
N ALA E 214 3.96 -11.72 -36.16
CA ALA E 214 4.06 -12.77 -35.15
C ALA E 214 5.51 -12.95 -34.70
N SER E 215 6.38 -13.31 -35.64
CA SER E 215 7.79 -13.53 -35.34
C SER E 215 8.43 -12.29 -34.72
N GLN E 216 8.03 -11.09 -35.13
CA GLN E 216 8.49 -9.89 -34.45
C GLN E 216 8.08 -9.92 -32.98
N LEU E 217 6.77 -10.06 -32.72
CA LEU E 217 6.27 -10.08 -31.35
C LEU E 217 6.82 -11.26 -30.56
N LYS E 218 7.10 -12.38 -31.21
CA LYS E 218 7.84 -13.43 -30.52
C LYS E 218 9.17 -12.89 -30.01
N GLU E 219 9.92 -12.24 -30.89
CA GLU E 219 11.24 -11.74 -30.52
C GLU E 219 11.14 -10.66 -29.44
N MET E 220 10.13 -9.78 -29.52
CA MET E 220 9.93 -8.78 -28.49
C MET E 220 9.40 -9.37 -27.18
N GLY E 221 9.13 -10.67 -27.13
CA GLY E 221 8.58 -11.26 -25.92
C GLY E 221 7.13 -10.94 -25.67
N LEU E 222 6.40 -10.51 -26.70
CA LEU E 222 4.96 -10.27 -26.59
C LEU E 222 4.14 -11.46 -27.03
N VAL E 223 4.68 -12.37 -27.84
CA VAL E 223 4.01 -13.60 -28.23
C VAL E 223 4.83 -14.76 -27.71
N ASP E 224 4.14 -15.82 -27.29
CA ASP E 224 4.87 -16.94 -26.70
C ASP E 224 5.54 -17.80 -27.77
N ILE E 225 4.78 -18.30 -28.76
CA ILE E 225 5.37 -19.14 -29.80
C ILE E 225 4.64 -18.95 -31.13
N VAL E 226 5.37 -19.21 -32.22
CA VAL E 226 4.91 -19.06 -33.59
C VAL E 226 5.09 -20.38 -34.33
N VAL E 227 4.09 -20.76 -35.14
CA VAL E 227 4.14 -22.04 -35.90
C VAL E 227 3.68 -21.79 -37.34
N PRO E 228 3.79 -22.78 -38.26
CA PRO E 228 3.37 -22.62 -39.65
C PRO E 228 1.84 -22.53 -39.79
N VAL E 229 1.38 -21.95 -40.91
CA VAL E 229 -0.09 -21.80 -41.18
C VAL E 229 -0.74 -23.17 -40.98
N GLY E 230 -1.71 -23.26 -40.08
CA GLY E 230 -2.41 -24.55 -39.86
C GLY E 230 -1.96 -25.30 -38.63
N GLU E 231 -0.97 -24.78 -37.88
CA GLU E 231 -0.52 -25.49 -36.64
C GLU E 231 -1.22 -24.88 -35.42
N GLY E 232 -2.26 -24.08 -35.65
CA GLY E 232 -3.03 -23.43 -34.57
C GLY E 232 -3.45 -24.39 -33.49
N VAL E 233 -4.31 -25.36 -33.81
CA VAL E 233 -4.80 -26.30 -32.76
C VAL E 233 -3.72 -27.35 -32.46
N ALA E 234 -2.80 -27.54 -33.38
CA ALA E 234 -1.69 -28.50 -33.18
C ALA E 234 -0.78 -27.95 -32.09
N ALA E 235 -0.39 -26.68 -32.20
CA ALA E 235 0.50 -26.09 -31.19
C ALA E 235 -0.22 -25.88 -29.86
N VAL E 236 -1.49 -25.49 -29.91
CA VAL E 236 -2.29 -25.34 -28.70
C VAL E 236 -2.35 -26.65 -27.94
N GLU E 237 -2.74 -27.72 -28.65
CA GLU E 237 -2.87 -29.02 -28.02
C GLU E 237 -1.55 -29.54 -27.46
N GLN E 238 -0.42 -29.04 -27.98
CA GLN E 238 0.88 -29.33 -27.37
C GLN E 238 0.99 -28.69 -25.99
N VAL E 239 0.63 -27.40 -25.90
CA VAL E 239 0.70 -26.66 -24.64
C VAL E 239 -0.23 -27.27 -23.59
N ILE E 240 -1.42 -27.70 -24.02
CA ILE E 240 -2.35 -28.32 -23.07
C ILE E 240 -1.77 -29.60 -22.52
N LYS E 241 -1.12 -30.39 -23.38
CA LYS E 241 -0.50 -31.63 -22.93
C LYS E 241 0.56 -31.34 -21.87
N GLU E 242 1.54 -30.50 -22.20
CA GLU E 242 2.60 -30.20 -21.23
C GLU E 242 2.07 -29.43 -20.01
N SER E 243 0.94 -28.74 -20.14
CA SER E 243 0.34 -28.05 -19.00
C SER E 243 -0.37 -29.01 -18.04
N ARG E 244 -0.98 -30.08 -18.55
CA ARG E 244 -1.67 -31.05 -17.69
C ARG E 244 -0.71 -32.04 -17.06
N ARG E 245 0.56 -32.02 -17.49
CA ARG E 245 1.65 -32.70 -16.81
C ARG E 245 2.04 -32.01 -15.49
N ILE E 246 1.63 -30.77 -15.28
CA ILE E 246 1.99 -30.02 -14.07
C ILE E 246 0.77 -29.28 -13.52
N PRO E 247 -0.33 -29.97 -13.18
CA PRO E 247 -1.55 -29.25 -12.80
C PRO E 247 -1.45 -28.46 -11.49
N HIS E 248 -0.75 -28.98 -10.47
CA HIS E 248 -0.65 -28.25 -9.21
C HIS E 248 0.32 -27.09 -9.33
N ALA E 249 1.30 -27.21 -10.21
CA ALA E 249 2.24 -26.13 -10.41
C ALA E 249 1.58 -24.96 -11.10
N TRP E 250 0.61 -25.19 -11.99
CA TRP E 250 -0.14 -24.06 -12.52
C TRP E 250 -0.95 -23.38 -11.41
N ALA E 251 -1.64 -24.18 -10.59
CA ALA E 251 -2.46 -23.62 -9.51
C ALA E 251 -1.61 -22.87 -8.48
N ALA E 252 -0.47 -23.42 -8.07
CA ALA E 252 0.41 -22.67 -7.19
C ALA E 252 0.88 -21.38 -7.86
N MET E 253 1.32 -21.46 -9.11
CA MET E 253 1.87 -20.31 -9.80
C MET E 253 0.81 -19.24 -10.03
N ARG E 254 -0.40 -19.64 -10.40
CA ARG E 254 -1.50 -18.69 -10.49
C ARG E 254 -1.70 -17.96 -9.16
N GLU E 255 -1.73 -18.71 -8.07
CA GLU E 255 -2.01 -18.15 -6.75
C GLU E 255 -0.85 -17.30 -6.25
N VAL E 256 0.39 -17.73 -6.51
CA VAL E 256 1.53 -16.87 -6.24
C VAL E 256 1.39 -15.56 -7.00
N ASN E 257 1.19 -15.65 -8.31
CA ASN E 257 0.97 -14.48 -9.14
C ASN E 257 -0.16 -13.62 -8.58
N GLU E 258 -1.25 -14.26 -8.18
CA GLU E 258 -2.40 -13.50 -7.74
C GLU E 258 -2.05 -12.61 -6.57
N ILE E 259 -1.26 -13.12 -5.62
CA ILE E 259 -0.88 -12.28 -4.48
C ILE E 259 0.30 -11.38 -4.78
N ALA E 260 1.07 -11.67 -5.82
CA ALA E 260 2.21 -10.82 -6.14
C ALA E 260 2.16 -9.77 -7.23
N THR E 261 1.79 -10.21 -8.43
CA THR E 261 2.05 -9.50 -9.67
C THR E 261 0.77 -9.40 -10.48
N MET E 262 -0.28 -10.12 -10.10
CA MET E 262 -1.53 -10.05 -10.83
C MET E 262 -2.03 -8.60 -10.89
N VAL E 263 -2.52 -8.20 -12.06
CA VAL E 263 -3.27 -6.96 -12.20
C VAL E 263 -4.60 -7.01 -11.45
N PRO E 264 -4.81 -6.14 -10.47
CA PRO E 264 -6.09 -6.10 -9.76
C PRO E 264 -7.19 -5.58 -10.67
N LEU E 265 -8.40 -6.16 -10.54
CA LEU E 265 -9.49 -5.76 -11.42
C LEU E 265 -9.88 -4.30 -11.18
N HIS E 266 -9.90 -3.86 -9.93
CA HIS E 266 -10.23 -2.47 -9.66
C HIS E 266 -9.24 -1.53 -10.32
N GLU E 267 -7.97 -1.90 -10.39
CA GLU E 267 -7.02 -1.10 -11.13
C GLU E 267 -7.47 -0.94 -12.57
N MET E 268 -7.95 -2.03 -13.17
CA MET E 268 -8.44 -2.00 -14.54
C MET E 268 -9.63 -1.05 -14.70
N MET E 269 -10.50 -0.98 -13.69
CA MET E 269 -11.65 -0.07 -13.78
C MET E 269 -11.23 1.39 -13.76
N ARG E 270 -10.13 1.72 -13.09
CA ARG E 270 -9.64 3.09 -13.09
C ARG E 270 -9.22 3.52 -14.49
N ILE E 271 -8.46 2.67 -15.18
CA ILE E 271 -7.99 3.06 -16.51
C ILE E 271 -9.17 3.21 -17.46
N THR E 272 -10.24 2.43 -17.26
CA THR E 272 -11.39 2.54 -18.16
C THR E 272 -12.10 3.89 -18.01
N GLU E 273 -12.18 4.42 -16.78
CA GLU E 273 -12.77 5.74 -16.59
C GLU E 273 -12.00 6.79 -17.38
N ILE E 274 -10.67 6.73 -17.33
CA ILE E 274 -9.84 7.65 -18.11
C ILE E 274 -10.15 7.54 -19.60
N TRP E 275 -10.21 6.31 -20.12
CA TRP E 275 -10.42 6.08 -21.55
C TRP E 275 -11.79 6.55 -22.00
N VAL E 276 -12.78 6.50 -21.11
CA VAL E 276 -14.10 6.98 -21.47
C VAL E 276 -14.13 8.51 -21.50
N ASP E 277 -13.60 9.14 -20.45
CA ASP E 277 -13.59 10.61 -20.41
C ASP E 277 -12.69 11.22 -21.48
N THR E 278 -11.81 10.41 -22.06
CA THR E 278 -11.03 10.85 -23.22
C THR E 278 -11.76 10.58 -24.52
N ALA E 279 -12.51 9.48 -24.60
CA ALA E 279 -13.34 9.23 -25.78
C ALA E 279 -14.47 10.24 -25.92
N MET E 280 -15.01 10.75 -24.79
CA MET E 280 -16.14 11.66 -24.87
C MET E 280 -15.74 13.03 -25.37
N GLN E 281 -14.48 13.40 -25.17
CA GLN E 281 -13.95 14.68 -25.62
C GLN E 281 -13.47 14.61 -27.06
N LEU E 282 -13.57 13.46 -27.70
CA LEU E 282 -13.16 13.33 -29.09
C LEU E 282 -13.97 14.27 -29.99
N GLY E 283 -13.26 14.93 -30.94
CA GLY E 283 -13.90 15.79 -31.91
C GLY E 283 -14.42 15.03 -33.15
N GLU E 284 -15.13 15.77 -34.01
CA GLU E 284 -15.76 15.15 -35.18
C GLU E 284 -14.73 14.55 -36.13
N LYS E 285 -13.53 15.15 -36.21
CA LYS E 285 -12.49 14.65 -37.10
C LYS E 285 -12.13 13.21 -36.77
N SER E 286 -11.92 12.90 -35.49
CA SER E 286 -11.65 11.53 -35.07
C SER E 286 -12.86 10.63 -35.28
N LEU E 287 -14.06 11.11 -34.95
CA LEU E 287 -15.25 10.35 -35.28
C LEU E 287 -15.32 10.12 -36.79
N ARG E 288 -14.96 11.14 -37.57
CA ARG E 288 -15.04 11.02 -39.02
C ARG E 288 -14.09 9.93 -39.54
N THR E 289 -12.85 9.92 -39.04
CA THR E 289 -11.91 8.87 -39.43
C THR E 289 -12.31 7.51 -38.88
N MET E 290 -13.15 7.46 -37.84
CA MET E 290 -13.62 6.18 -37.34
C MET E 290 -14.43 5.44 -38.41
N ASP E 291 -15.30 6.17 -39.11
CA ASP E 291 -16.13 5.56 -40.15
C ASP E 291 -15.30 5.08 -41.35
N ARG E 292 -14.11 5.63 -41.56
CA ARG E 292 -13.27 5.17 -42.66
C ARG E 292 -12.87 3.71 -42.47
N LEU E 293 -12.25 3.40 -41.32
CA LEU E 293 -11.90 2.01 -41.04
C LEU E 293 -13.16 1.15 -40.88
N VAL E 294 -14.29 1.77 -40.53
CA VAL E 294 -15.54 1.04 -40.32
C VAL E 294 -16.06 0.43 -41.62
N ARG E 295 -16.01 1.19 -42.72
CA ARG E 295 -16.34 0.60 -44.02
C ARG E 295 -15.32 -0.47 -44.40
N ALA E 296 -14.03 -0.22 -44.14
CA ALA E 296 -12.99 -1.19 -44.49
C ALA E 296 -12.96 -2.36 -43.52
N GLN E 297 -13.41 -2.15 -42.28
CA GLN E 297 -13.53 -3.18 -41.25
C GLN E 297 -14.22 -4.44 -41.79
CA PRO F 31 18.84 34.68 -16.48
C PRO F 31 19.98 33.73 -16.90
N THR F 32 19.88 32.47 -16.49
CA THR F 32 20.89 31.48 -16.86
C THR F 32 20.47 30.60 -18.03
N LEU F 33 19.18 30.35 -18.17
CA LEU F 33 18.63 29.63 -19.31
C LEU F 33 18.06 30.63 -20.32
N ARG F 34 17.75 30.12 -21.52
CA ARG F 34 17.28 30.92 -22.64
C ARG F 34 15.95 30.36 -23.16
N ILE F 35 14.88 30.64 -22.39
CA ILE F 35 13.55 30.11 -22.68
C ILE F 35 13.01 30.72 -23.98
N THR F 36 12.40 29.88 -24.81
CA THR F 36 11.90 30.28 -26.12
C THR F 36 10.37 30.28 -26.12
N GLU F 37 9.80 31.47 -26.13
CA GLU F 37 8.35 31.66 -26.16
C GLU F 37 7.82 31.22 -27.53
N GLU F 38 6.87 30.29 -27.54
CA GLU F 38 6.19 29.89 -28.77
C GLU F 38 4.73 29.57 -28.44
N PRO F 39 3.99 30.54 -27.90
CA PRO F 39 2.75 30.22 -27.18
C PRO F 39 1.55 29.89 -28.05
N GLU F 40 1.56 30.20 -29.34
CA GLU F 40 0.45 29.74 -30.18
C GLU F 40 0.64 28.28 -30.55
N ARG F 41 1.88 27.88 -30.77
CA ARG F 41 2.25 26.50 -31.03
C ARG F 41 2.26 25.66 -29.76
N ASP F 42 2.36 26.30 -28.60
CA ASP F 42 2.48 25.64 -27.30
C ASP F 42 3.70 24.73 -27.24
N VAL F 43 4.86 25.31 -27.53
CA VAL F 43 6.15 24.62 -27.48
C VAL F 43 7.14 25.57 -26.82
N TYR F 44 7.93 25.06 -25.88
CA TYR F 44 8.81 25.91 -25.08
C TYR F 44 10.18 25.24 -25.06
N TRP F 45 11.23 26.01 -25.36
CA TRP F 45 12.59 25.50 -25.45
C TRP F 45 13.41 26.05 -24.29
N ILE F 46 13.73 25.18 -23.33
CA ILE F 46 14.65 25.53 -22.26
C ILE F 46 16.04 25.11 -22.74
N HIS F 47 16.81 26.08 -23.22
CA HIS F 47 18.22 25.90 -23.55
C HIS F 47 19.06 26.28 -22.34
N MET F 48 19.80 25.31 -21.80
CA MET F 48 20.63 25.51 -20.62
C MET F 48 21.97 26.15 -21.00
N HIS F 49 22.78 26.45 -19.97
CA HIS F 49 24.12 27.03 -20.14
C HIS F 49 24.10 28.17 -21.15
N ALA F 50 23.06 29.01 -21.07
CA ALA F 50 23.03 30.19 -21.94
C ALA F 50 24.06 31.23 -21.50
N ASN F 51 24.50 31.15 -20.24
CA ASN F 51 25.62 31.93 -19.75
C ASN F 51 26.95 31.17 -19.83
N LEU F 52 27.09 30.21 -20.76
CA LEU F 52 28.33 29.44 -20.86
C LEU F 52 29.34 30.08 -21.81
N VAL F 53 28.88 30.59 -22.96
CA VAL F 53 29.78 31.27 -23.87
C VAL F 53 30.13 32.68 -23.37
N ASN F 54 29.36 33.22 -22.42
CA ASN F 54 29.60 34.57 -21.88
C ASN F 54 30.23 34.57 -20.47
N GLN F 55 30.85 33.45 -20.03
CA GLN F 55 31.44 33.36 -18.70
C GLN F 55 32.63 32.38 -18.73
N PRO F 56 33.34 32.13 -17.59
CA PRO F 56 34.45 31.15 -17.61
C PRO F 56 34.60 29.66 -17.87
N GLY F 57 33.72 28.84 -17.32
CA GLY F 57 33.53 27.49 -17.81
C GLY F 57 32.81 26.61 -16.82
N ARG F 58 32.90 25.31 -17.07
CA ARG F 58 32.18 24.24 -16.39
C ARG F 58 30.67 24.44 -16.53
N PRO F 59 30.05 23.76 -17.50
CA PRO F 59 28.58 23.79 -17.72
C PRO F 59 27.87 22.77 -16.85
N CYS F 60 27.84 23.03 -15.56
CA CYS F 60 27.28 22.11 -14.59
C CYS F 60 25.94 22.63 -14.11
N PHE F 61 25.30 21.85 -13.25
CA PHE F 61 24.03 22.25 -12.63
C PHE F 61 24.29 23.18 -11.44
N ALA F 62 24.62 24.44 -11.74
CA ALA F 62 24.87 25.37 -10.67
C ALA F 62 23.54 25.80 -10.03
N SER F 63 23.64 26.50 -8.88
CA SER F 63 22.44 26.94 -8.18
C SER F 63 21.56 27.85 -9.02
N ARG F 64 22.16 28.71 -9.85
CA ARG F 64 21.37 29.53 -10.77
C ARG F 64 20.58 28.64 -11.72
N LEU F 65 21.24 27.64 -12.30
CA LEU F 65 20.54 26.70 -13.18
C LEU F 65 19.41 26.00 -12.44
N VAL F 66 19.73 25.34 -11.32
CA VAL F 66 18.69 24.58 -10.62
C VAL F 66 17.56 25.51 -10.18
N ASP F 67 17.89 26.63 -9.54
CA ASP F 67 16.81 27.47 -9.01
C ASP F 67 16.07 28.18 -10.13
N ASP F 68 16.71 28.45 -11.26
CA ASP F 68 15.97 29.09 -12.33
C ASP F 68 15.20 28.10 -13.17
N ILE F 69 15.73 26.89 -13.40
CA ILE F 69 14.92 25.87 -14.06
C ILE F 69 13.70 25.54 -13.21
N VAL F 70 13.91 25.36 -11.91
CA VAL F 70 12.82 25.04 -11.00
C VAL F 70 11.78 26.16 -10.98
N ASP F 71 12.23 27.40 -10.73
CA ASP F 71 11.33 28.54 -10.58
C ASP F 71 10.60 28.87 -11.89
N TYR F 72 11.23 28.58 -13.02
CA TYR F 72 10.54 28.72 -14.31
C TYR F 72 9.41 27.70 -14.47
N GLN F 73 9.62 26.46 -14.01
CA GLN F 73 8.60 25.43 -14.11
C GLN F 73 7.26 25.90 -13.57
N ARG F 74 7.24 26.39 -12.32
CA ARG F 74 5.96 26.84 -11.76
C ARG F 74 5.34 27.95 -12.59
N GLU F 75 6.17 28.81 -13.20
CA GLU F 75 5.66 29.86 -14.06
C GLU F 75 4.97 29.27 -15.29
N LEU F 76 5.72 28.54 -16.13
CA LEU F 76 5.09 27.82 -17.22
C LEU F 76 4.00 26.86 -16.72
N GLY F 77 4.05 26.45 -15.44
CA GLY F 77 3.02 25.61 -14.88
C GLY F 77 1.65 26.28 -14.93
N ASP F 78 1.47 27.36 -14.16
CA ASP F 78 0.16 28.03 -14.10
C ASP F 78 -0.19 28.68 -15.43
N ARG F 79 0.82 29.08 -16.22
CA ARG F 79 0.55 29.59 -17.55
C ARG F 79 -0.26 28.57 -18.35
N LEU F 80 0.31 27.37 -18.56
CA LEU F 80 -0.43 26.31 -19.24
C LEU F 80 -1.62 25.79 -18.44
N SER F 81 -1.64 25.99 -17.12
CA SER F 81 -2.74 25.47 -16.31
C SER F 81 -3.96 26.39 -16.34
N ALA F 82 -3.72 27.71 -16.26
CA ALA F 82 -4.79 28.67 -16.48
C ALA F 82 -5.31 28.60 -17.90
N SER F 83 -4.40 28.53 -18.89
CA SER F 83 -4.70 28.42 -20.30
C SER F 83 -5.50 27.18 -20.67
N HIS F 84 -5.69 26.28 -19.71
CA HIS F 84 -6.42 25.03 -19.89
C HIS F 84 -5.84 24.20 -21.04
N ALA F 85 -4.51 24.24 -21.17
CA ALA F 85 -3.83 23.58 -22.29
C ALA F 85 -3.90 22.06 -22.19
N LEU F 86 -3.86 21.40 -23.35
CA LEU F 86 -3.95 19.94 -23.46
C LEU F 86 -2.75 19.41 -24.21
N SER F 87 -1.94 18.61 -23.54
CA SER F 87 -0.67 18.13 -24.05
C SER F 87 0.28 19.24 -24.52
N PRO F 88 0.65 20.17 -23.62
CA PRO F 88 1.79 21.06 -23.91
C PRO F 88 3.08 20.29 -24.16
N HIS F 89 4.03 20.94 -24.83
CA HIS F 89 5.30 20.31 -25.20
C HIS F 89 6.46 21.12 -24.64
N VAL F 90 7.32 20.46 -23.85
CA VAL F 90 8.47 21.11 -23.24
C VAL F 90 9.73 20.38 -23.67
N VAL F 91 10.60 21.08 -24.39
CA VAL F 91 11.84 20.51 -24.90
C VAL F 91 12.99 21.07 -24.07
N LEU F 92 14.02 20.23 -23.88
CA LEU F 92 15.18 20.61 -23.10
C LEU F 92 16.44 20.40 -23.94
N ALA F 93 17.25 21.46 -24.05
CA ALA F 93 18.56 21.41 -24.69
C ALA F 93 19.46 22.40 -23.95
N SER F 94 20.61 22.73 -24.54
CA SER F 94 21.52 23.72 -23.96
C SER F 94 22.40 24.31 -25.05
N ASP F 95 22.84 25.56 -24.81
CA ASP F 95 23.66 26.31 -25.76
C ASP F 95 25.16 26.02 -25.61
N SER F 96 25.55 25.22 -24.62
CA SER F 96 26.92 24.73 -24.57
C SER F 96 27.08 23.49 -25.46
N ASP F 97 28.34 23.18 -25.76
CA ASP F 97 28.70 22.02 -26.56
C ASP F 97 28.52 20.70 -25.81
N VAL F 98 28.00 20.73 -24.58
CA VAL F 98 27.75 19.53 -23.79
C VAL F 98 26.33 19.62 -23.24
N PHE F 99 25.68 18.47 -23.09
CA PHE F 99 24.34 18.50 -22.50
C PHE F 99 24.41 18.95 -21.06
N ASN F 100 25.26 18.33 -20.25
CA ASN F 100 25.02 18.44 -18.84
C ASN F 100 26.18 17.88 -18.03
N LEU F 101 26.34 18.43 -16.83
CA LEU F 101 27.34 17.97 -15.89
C LEU F 101 26.68 17.53 -14.60
N GLY F 102 27.32 16.57 -13.94
CA GLY F 102 26.74 15.94 -12.75
C GLY F 102 26.41 16.92 -11.64
N GLY F 103 26.80 18.17 -11.76
CA GLY F 103 26.65 19.06 -10.66
C GLY F 103 27.98 19.72 -10.39
N ASP F 104 27.99 20.53 -9.34
CA ASP F 104 29.11 21.41 -9.01
C ASP F 104 29.92 20.75 -7.90
N LEU F 105 31.10 20.22 -8.25
CA LEU F 105 31.89 19.49 -7.27
C LEU F 105 32.50 20.44 -6.23
N GLU F 106 32.89 21.64 -6.67
CA GLU F 106 33.32 22.69 -5.74
C GLU F 106 32.25 22.96 -4.70
N LEU F 107 31.04 23.25 -5.18
CA LEU F 107 29.89 23.37 -4.31
C LEU F 107 29.80 22.19 -3.34
N PHE F 108 29.97 20.97 -3.87
CA PHE F 108 29.95 19.76 -3.05
C PHE F 108 31.07 19.79 -2.02
N CYS F 109 32.32 19.95 -2.48
CA CYS F 109 33.47 19.90 -1.57
C CYS F 109 33.38 20.98 -0.50
N ARG F 110 33.12 22.22 -0.91
CA ARG F 110 32.95 23.31 0.06
C ARG F 110 31.82 23.02 1.05
N LEU F 111 30.68 22.50 0.56
CA LEU F 111 29.55 22.25 1.45
C LEU F 111 29.78 21.05 2.36
N ILE F 112 30.58 20.07 1.92
CA ILE F 112 30.99 18.96 2.79
C ILE F 112 32.11 19.40 3.72
N ARG F 113 33.05 20.22 3.23
CA ARG F 113 34.15 20.68 4.07
C ARG F 113 33.65 21.48 5.26
N GLU F 114 32.74 22.43 5.03
CA GLU F 114 32.14 23.15 6.16
C GLU F 114 31.15 22.30 6.95
N GLY F 115 30.85 21.08 6.48
CA GLY F 115 29.92 20.20 7.17
C GLY F 115 28.50 20.71 7.29
N ASP F 116 27.90 21.21 6.22
CA ASP F 116 26.56 21.79 6.29
C ASP F 116 25.55 20.84 5.63
N ARG F 117 24.81 20.09 6.44
CA ARG F 117 23.79 19.22 5.89
C ARG F 117 22.58 20.03 5.46
N ALA F 118 22.14 20.96 6.32
CA ALA F 118 21.00 21.81 5.99
C ALA F 118 21.15 22.40 4.60
N ARG F 119 22.34 22.89 4.28
CA ARG F 119 22.55 23.59 3.02
C ARG F 119 22.69 22.61 1.85
N LEU F 120 23.43 21.52 2.02
CA LEU F 120 23.53 20.54 0.93
C LEU F 120 22.19 19.88 0.63
N LEU F 121 21.43 19.51 1.66
CA LEU F 121 20.13 18.89 1.42
C LEU F 121 19.20 19.81 0.63
N ASP F 122 19.28 21.14 0.86
CA ASP F 122 18.47 22.06 0.07
C ASP F 122 18.78 21.95 -1.41
N TYR F 123 20.07 22.03 -1.78
CA TYR F 123 20.42 21.96 -3.20
C TYR F 123 19.91 20.67 -3.85
N ALA F 124 20.08 19.52 -3.19
CA ALA F 124 19.60 18.27 -3.77
C ALA F 124 18.08 18.25 -3.86
N GLN F 125 17.39 18.59 -2.77
CA GLN F 125 15.93 18.65 -2.78
C GLN F 125 15.43 19.49 -3.95
N ARG F 126 15.99 20.70 -4.12
CA ARG F 126 15.64 21.55 -5.26
C ARG F 126 15.95 20.86 -6.59
N CYS F 127 17.02 20.08 -6.64
CA CYS F 127 17.33 19.33 -7.86
C CYS F 127 16.21 18.36 -8.18
N VAL F 128 15.73 17.65 -7.16
CA VAL F 128 14.65 16.68 -7.35
C VAL F 128 13.41 17.36 -7.91
N ARG F 129 13.02 18.50 -7.33
CA ARG F 129 11.90 19.31 -7.80
C ARG F 129 12.00 19.54 -9.30
N GLY F 130 13.18 19.97 -9.75
CA GLY F 130 13.39 20.21 -11.16
C GLY F 130 13.18 18.97 -12.00
N VAL F 131 13.89 17.89 -11.68
CA VAL F 131 13.82 16.68 -12.50
C VAL F 131 12.44 16.04 -12.41
N HIS F 132 11.80 16.11 -11.24
CA HIS F 132 10.48 15.49 -11.13
C HIS F 132 9.48 16.20 -12.03
N ALA F 133 9.67 17.50 -12.23
CA ALA F 133 8.77 18.28 -13.08
C ALA F 133 8.67 17.68 -14.48
N PHE F 134 9.82 17.44 -15.13
CA PHE F 134 9.78 16.85 -16.46
C PHE F 134 9.15 15.47 -16.45
N HIS F 135 9.28 14.75 -15.34
CA HIS F 135 8.66 13.43 -15.23
C HIS F 135 7.13 13.52 -15.25
N ALA F 136 6.57 14.54 -14.58
CA ALA F 136 5.14 14.60 -14.31
C ALA F 136 4.38 15.53 -15.27
N GLY F 137 5.05 16.09 -16.27
CA GLY F 137 4.40 17.06 -17.14
C GLY F 137 3.99 18.38 -16.49
N LEU F 138 4.72 18.84 -15.47
CA LEU F 138 4.54 20.17 -14.87
C LEU F 138 3.11 20.43 -14.41
N GLY F 139 2.42 19.42 -13.89
CA GLY F 139 1.04 19.61 -13.50
C GLY F 139 0.03 19.60 -14.63
N THR F 140 0.48 19.62 -15.89
CA THR F 140 -0.39 19.79 -17.05
C THR F 140 -0.27 18.66 -18.08
N ARG F 141 0.27 17.50 -17.71
CA ARG F 141 0.41 16.38 -18.64
C ARG F 141 1.23 16.75 -19.88
N ALA F 142 2.26 17.55 -19.66
CA ALA F 142 3.15 18.00 -20.73
C ALA F 142 3.95 16.83 -21.30
N HIS F 143 4.62 17.07 -22.42
CA HIS F 143 5.42 16.05 -23.09
C HIS F 143 6.86 16.54 -23.09
N SER F 144 7.59 16.24 -22.01
CA SER F 144 8.99 16.62 -21.91
C SER F 144 9.81 15.85 -22.93
N ILE F 145 10.85 16.50 -23.44
CA ILE F 145 11.75 15.89 -24.41
C ILE F 145 13.13 16.48 -24.22
N ALA F 146 14.13 15.62 -24.26
CA ALA F 146 15.53 16.03 -24.17
C ALA F 146 16.15 15.93 -25.56
N LEU F 147 16.46 17.09 -26.14
CA LEU F 147 17.26 17.16 -27.36
C LEU F 147 18.73 17.23 -26.95
N VAL F 148 19.49 16.20 -27.28
CA VAL F 148 20.90 16.17 -26.92
C VAL F 148 21.67 17.24 -27.69
N GLN F 149 22.31 18.13 -26.94
CA GLN F 149 23.18 19.14 -27.47
C GLN F 149 24.59 18.95 -26.91
N GLY F 150 25.05 17.68 -26.88
CA GLY F 150 26.36 17.33 -26.37
C GLY F 150 26.24 16.30 -25.27
N ASN F 151 27.28 16.22 -24.45
CA ASN F 151 27.43 15.12 -23.51
C ASN F 151 26.65 15.36 -22.22
N ALA F 152 26.12 14.28 -21.65
CA ALA F 152 25.29 14.35 -20.45
C ALA F 152 25.88 13.42 -19.39
N LEU F 153 26.60 13.97 -18.42
CA LEU F 153 27.23 13.05 -17.44
C LEU F 153 26.69 13.26 -16.03
N GLY F 154 26.63 12.19 -15.24
CA GLY F 154 26.10 12.22 -13.86
C GLY F 154 24.68 12.76 -13.88
N GLY F 155 24.41 13.78 -13.06
CA GLY F 155 23.11 14.49 -12.98
C GLY F 155 22.57 14.94 -14.33
N GLY F 156 23.39 15.32 -15.30
CA GLY F 156 22.82 15.63 -16.62
C GLY F 156 22.05 14.42 -17.12
N PHE F 157 22.65 13.24 -17.08
CA PHE F 157 21.99 12.01 -17.58
C PHE F 157 20.65 11.85 -16.90
N GLU F 158 20.60 12.04 -15.58
CA GLU F 158 19.36 11.96 -14.78
C GLU F 158 18.32 12.83 -15.50
N ALA F 159 18.64 14.10 -15.75
CA ALA F 159 17.73 15.04 -16.42
C ALA F 159 17.22 14.42 -17.73
N ALA F 160 18.13 13.93 -18.56
CA ALA F 160 17.77 13.29 -19.84
C ALA F 160 16.73 12.19 -19.61
N LEU F 161 16.93 11.34 -18.61
CA LEU F 161 16.01 10.22 -18.30
C LEU F 161 14.72 10.70 -17.65
N SER F 162 14.65 11.96 -17.18
CA SER F 162 13.41 12.47 -16.55
C SER F 162 12.36 12.73 -17.62
N CYS F 163 12.81 13.09 -18.82
CA CYS F 163 11.88 13.42 -19.94
C CYS F 163 11.36 12.17 -20.63
N HIS F 164 10.09 12.18 -20.99
CA HIS F 164 9.41 11.03 -21.64
C HIS F 164 10.22 10.57 -22.85
N THR F 165 10.29 11.40 -23.88
CA THR F 165 11.07 11.01 -25.08
C THR F 165 12.48 11.56 -24.94
N ILE F 166 13.48 10.80 -25.41
CA ILE F 166 14.89 11.26 -25.32
C ILE F 166 15.50 11.16 -26.72
N VAL F 167 15.76 12.32 -27.33
CA VAL F 167 16.37 12.41 -28.68
C VAL F 167 17.83 12.77 -28.47
N ALA F 168 18.75 12.06 -29.11
CA ALA F 168 20.17 12.37 -28.88
C ALA F 168 20.91 12.44 -30.22
N GLU F 169 22.03 13.16 -30.25
CA GLU F 169 22.82 13.28 -31.50
C GLU F 169 23.68 12.01 -31.66
N GLU F 170 24.09 11.70 -32.89
CA GLU F 170 24.90 10.48 -33.13
C GLU F 170 26.29 10.66 -32.52
N GLY F 171 26.75 9.66 -31.77
CA GLY F 171 28.10 9.69 -31.15
C GLY F 171 28.10 10.33 -29.78
N VAL F 172 26.99 10.97 -29.39
CA VAL F 172 26.92 11.67 -28.07
C VAL F 172 27.25 10.70 -26.95
N LEU F 173 28.07 11.14 -26.00
CA LEU F 173 28.42 10.31 -24.84
C LEU F 173 27.66 10.84 -23.63
N MET F 174 27.19 9.92 -22.79
CA MET F 174 26.48 10.29 -21.54
C MET F 174 26.44 9.05 -20.66
N GLY F 175 26.43 9.26 -19.36
CA GLY F 175 26.39 8.17 -18.36
C GLY F 175 26.64 8.73 -16.97
N LEU F 176 26.46 7.90 -15.93
CA LEU F 176 26.61 8.40 -14.54
C LEU F 176 27.86 7.81 -13.86
N PRO F 177 29.01 8.51 -13.86
CA PRO F 177 30.24 8.04 -13.22
C PRO F 177 30.50 8.81 -11.91
N GLU F 178 29.51 8.86 -11.02
CA GLU F 178 29.64 9.60 -9.73
C GLU F 178 30.24 8.68 -8.66
N VAL F 179 30.63 7.47 -9.05
CA VAL F 179 31.24 6.47 -8.13
C VAL F 179 32.76 6.57 -8.21
N LEU F 180 33.28 7.41 -9.11
CA LEU F 180 34.74 7.61 -9.21
C LEU F 180 35.22 7.98 -7.82
N PHE F 181 34.46 8.82 -7.12
CA PHE F 181 34.81 9.28 -5.75
C PHE F 181 33.88 8.67 -4.70
N ASP F 182 33.43 7.43 -4.91
CA ASP F 182 32.53 6.74 -3.94
C ASP F 182 31.29 7.59 -3.69
N LEU F 183 30.50 7.84 -4.74
CA LEU F 183 29.23 8.59 -4.64
C LEU F 183 28.22 7.97 -5.59
N PHE F 184 26.98 8.49 -5.62
CA PHE F 184 25.98 7.94 -6.55
C PHE F 184 24.94 9.01 -6.91
N PRO F 185 24.24 8.89 -8.06
CA PRO F 185 23.29 9.89 -8.51
C PRO F 185 21.96 9.75 -7.77
N GLY F 186 21.72 10.62 -6.79
CA GLY F 186 20.49 10.47 -5.99
C GLY F 186 19.43 11.50 -6.28
N MET F 187 19.08 11.73 -7.55
CA MET F 187 17.93 12.63 -7.73
C MET F 187 16.93 12.01 -8.73
N GLY F 188 17.09 10.71 -9.02
CA GLY F 188 16.10 10.02 -9.86
C GLY F 188 16.64 8.99 -10.84
N ALA F 189 17.95 8.83 -10.94
CA ALA F 189 18.62 7.98 -11.93
C ALA F 189 18.14 6.60 -11.62
N TYR F 190 17.92 6.36 -10.33
CA TYR F 190 17.42 4.97 -10.17
C TYR F 190 15.98 4.89 -10.65
N SER F 191 15.10 5.68 -10.03
CA SER F 191 13.69 5.58 -10.35
C SER F 191 13.43 5.81 -11.83
N PHE F 192 14.18 6.71 -12.47
CA PHE F 192 13.94 6.98 -13.89
C PHE F 192 14.40 5.81 -14.77
N LEU F 193 15.46 5.11 -14.37
CA LEU F 193 15.94 3.99 -15.16
C LEU F 193 15.07 2.76 -15.00
N CYS F 194 14.41 2.61 -13.85
CA CYS F 194 13.44 1.53 -13.65
C CYS F 194 12.13 1.81 -14.36
N GLN F 195 12.10 2.83 -15.23
CA GLN F 195 11.00 3.01 -16.15
C GLN F 195 11.29 2.40 -17.50
N ARG F 196 12.55 2.07 -17.77
CA ARG F 196 12.93 1.40 -19.02
C ARG F 196 13.58 0.05 -18.81
N ILE F 197 14.35 -0.13 -17.74
CA ILE F 197 15.02 -1.40 -17.50
C ILE F 197 14.71 -1.91 -16.11
N SER F 198 15.43 -2.92 -15.69
CA SER F 198 15.19 -3.62 -14.44
C SER F 198 15.98 -2.99 -13.30
N PRO F 199 15.56 -3.25 -12.07
CA PRO F 199 16.34 -2.71 -10.94
C PRO F 199 17.74 -3.28 -10.87
N ARG F 200 17.93 -4.59 -11.17
CA ARG F 200 19.28 -5.14 -11.14
C ARG F 200 20.15 -4.54 -12.23
N LEU F 201 19.60 -4.36 -13.44
CA LEU F 201 20.30 -3.60 -14.46
C LEU F 201 20.61 -2.17 -13.99
N ALA F 202 19.56 -1.41 -13.65
CA ALA F 202 19.76 -0.05 -13.16
C ALA F 202 20.91 0.00 -12.16
N GLU F 203 20.82 -0.83 -11.12
CA GLU F 203 21.90 -0.96 -10.14
C GLU F 203 23.26 -1.07 -10.80
N LYS F 204 23.39 -2.00 -11.76
CA LYS F 204 24.66 -2.25 -12.44
C LYS F 204 25.20 -0.98 -13.09
N ILE F 205 24.38 -0.30 -13.91
CA ILE F 205 24.91 0.90 -14.59
C ILE F 205 25.33 1.96 -13.59
N MET F 206 24.53 2.15 -12.53
CA MET F 206 24.87 3.13 -11.50
C MET F 206 26.24 2.83 -10.89
N LEU F 207 26.42 1.64 -10.32
CA LEU F 207 27.64 1.37 -9.58
C LEU F 207 28.83 1.07 -10.49
N GLU F 208 28.58 0.49 -11.66
CA GLU F 208 29.68 0.26 -12.60
C GLU F 208 30.29 1.57 -13.03
N GLY F 209 29.48 2.61 -13.16
CA GLY F 209 29.95 3.94 -13.51
C GLY F 209 30.67 4.03 -14.84
N ASN F 210 30.02 3.54 -15.90
CA ASN F 210 30.58 3.55 -17.25
C ASN F 210 29.80 4.52 -18.14
N LEU F 211 30.40 4.85 -19.28
CA LEU F 211 29.79 5.73 -20.28
C LEU F 211 29.47 4.91 -21.52
N TYR F 212 28.28 5.11 -22.07
CA TYR F 212 27.90 4.37 -23.25
C TYR F 212 27.53 5.36 -24.34
N THR F 213 27.93 5.07 -25.58
CA THR F 213 27.59 5.96 -26.66
C THR F 213 26.12 5.78 -27.07
N ALA F 214 25.56 6.83 -27.68
CA ALA F 214 24.16 6.80 -28.10
C ALA F 214 23.83 5.57 -28.94
N SER F 215 24.80 5.04 -29.70
CA SER F 215 24.56 3.85 -30.49
C SER F 215 24.20 2.66 -29.61
N GLN F 216 25.01 2.41 -28.58
CA GLN F 216 24.64 1.40 -27.61
C GLN F 216 23.43 1.86 -26.81
N LEU F 217 23.48 3.08 -26.28
CA LEU F 217 22.49 3.55 -25.31
C LEU F 217 21.07 3.43 -25.83
N LYS F 218 20.86 3.75 -27.11
CA LYS F 218 19.54 3.56 -27.71
C LYS F 218 19.24 2.07 -27.86
N GLU F 219 20.20 1.30 -28.35
CA GLU F 219 20.02 -0.13 -28.44
C GLU F 219 19.71 -0.76 -27.09
N MET F 220 20.04 -0.07 -25.99
CA MET F 220 19.81 -0.54 -24.63
C MET F 220 18.40 -0.27 -24.12
N GLY F 221 17.55 0.40 -24.89
CA GLY F 221 16.26 0.83 -24.40
C GLY F 221 16.30 2.08 -23.53
N LEU F 222 17.49 2.67 -23.34
CA LEU F 222 17.61 3.87 -22.52
C LEU F 222 17.28 5.16 -23.31
N VAL F 223 18.08 5.48 -24.34
CA VAL F 223 17.77 6.67 -25.14
C VAL F 223 16.55 6.38 -26.00
N ASP F 224 15.80 7.42 -26.34
CA ASP F 224 14.62 7.16 -27.16
C ASP F 224 14.91 7.24 -28.66
N ILE F 225 15.58 8.28 -29.12
CA ILE F 225 15.82 8.40 -30.55
C ILE F 225 17.13 9.13 -30.83
N VAL F 226 17.95 8.53 -31.71
CA VAL F 226 19.31 8.98 -31.97
C VAL F 226 19.39 9.33 -33.46
N VAL F 227 19.36 10.62 -33.79
CA VAL F 227 19.55 11.09 -35.16
C VAL F 227 21.02 11.45 -35.35
N PRO F 228 21.52 11.66 -36.58
CA PRO F 228 22.94 11.99 -36.75
C PRO F 228 23.26 13.45 -36.40
N VAL F 229 24.52 13.77 -36.60
CA VAL F 229 25.00 15.12 -36.29
C VAL F 229 24.29 16.11 -37.19
N GLY F 230 23.70 17.13 -36.59
CA GLY F 230 23.05 18.20 -37.32
C GLY F 230 21.58 17.97 -37.63
N GLU F 231 21.11 16.73 -37.63
CA GLU F 231 19.69 16.44 -37.80
C GLU F 231 18.94 16.44 -36.49
N GLY F 232 19.55 16.95 -35.41
CA GLY F 232 18.94 16.97 -34.09
C GLY F 232 17.54 17.52 -34.13
N VAL F 233 17.41 18.81 -34.46
CA VAL F 233 16.14 19.53 -34.48
C VAL F 233 15.12 18.88 -35.42
N ALA F 234 15.57 18.10 -36.41
CA ALA F 234 14.64 17.31 -37.21
C ALA F 234 13.79 16.47 -36.29
N ALA F 235 14.44 15.51 -35.62
CA ALA F 235 13.71 14.59 -34.76
C ALA F 235 12.98 15.35 -33.67
N VAL F 236 13.63 16.36 -33.09
CA VAL F 236 13.00 17.13 -32.02
C VAL F 236 11.69 17.73 -32.48
N GLU F 237 11.65 18.24 -33.70
CA GLU F 237 10.36 18.71 -34.19
C GLU F 237 9.52 17.55 -34.68
N GLN F 238 10.19 16.51 -35.19
CA GLN F 238 9.51 15.29 -35.60
C GLN F 238 8.68 14.71 -34.48
N VAL F 239 9.27 14.57 -33.29
CA VAL F 239 8.52 14.06 -32.15
C VAL F 239 7.36 15.00 -31.81
N ILE F 240 7.60 16.31 -31.85
CA ILE F 240 6.50 17.26 -31.68
C ILE F 240 5.50 17.15 -32.83
N LYS F 241 5.97 16.79 -34.02
CA LYS F 241 5.04 16.55 -35.11
C LYS F 241 4.06 15.44 -34.74
N GLU F 242 4.56 14.23 -34.53
CA GLU F 242 3.65 13.13 -34.26
C GLU F 242 3.02 13.22 -32.89
N SER F 243 3.68 13.86 -31.92
CA SER F 243 3.05 13.94 -30.61
C SER F 243 1.80 14.81 -30.67
N ARG F 244 1.92 16.02 -31.24
CA ARG F 244 0.79 16.95 -31.37
C ARG F 244 -0.26 16.36 -32.28
N ARG F 245 0.03 15.21 -32.87
CA ARG F 245 -0.96 14.54 -33.69
C ARG F 245 -2.16 14.12 -32.86
N ILE F 246 -1.92 13.54 -31.69
CA ILE F 246 -3.01 12.98 -30.88
C ILE F 246 -2.89 13.44 -29.43
N PRO F 247 -3.31 14.66 -29.13
CA PRO F 247 -3.14 15.19 -27.77
C PRO F 247 -4.12 14.61 -26.75
N HIS F 248 -5.22 13.97 -27.17
CA HIS F 248 -6.13 13.43 -26.16
C HIS F 248 -5.60 12.15 -25.56
N ALA F 249 -5.00 11.29 -26.38
CA ALA F 249 -4.45 10.05 -25.84
C ALA F 249 -3.22 10.36 -24.99
N TRP F 250 -2.39 11.30 -25.42
CA TRP F 250 -1.22 11.65 -24.62
C TRP F 250 -1.61 12.07 -23.21
N ALA F 251 -2.69 12.84 -23.06
CA ALA F 251 -3.06 13.29 -21.73
C ALA F 251 -3.64 12.18 -20.89
N ALA F 252 -4.23 11.15 -21.53
CA ALA F 252 -4.72 9.99 -20.80
C ALA F 252 -3.57 9.05 -20.44
N MET F 253 -2.63 8.86 -21.36
CA MET F 253 -1.46 8.03 -21.09
C MET F 253 -0.67 8.56 -19.91
N ARG F 254 -0.55 9.88 -19.80
CA ARG F 254 0.13 10.50 -18.69
C ARG F 254 -0.66 10.27 -17.40
N GLU F 255 -1.97 10.42 -17.47
CA GLU F 255 -2.80 10.22 -16.29
C GLU F 255 -2.89 8.74 -15.91
N VAL F 256 -2.73 7.82 -16.88
CA VAL F 256 -2.62 6.41 -16.50
C VAL F 256 -1.31 6.18 -15.76
N ASN F 257 -0.20 6.69 -16.32
CA ASN F 257 1.07 6.68 -15.59
C ASN F 257 0.91 7.32 -14.22
N GLU F 258 0.03 8.32 -14.10
CA GLU F 258 -0.09 9.10 -12.86
C GLU F 258 -0.59 8.25 -11.70
N ILE F 259 -1.41 7.22 -11.97
CA ILE F 259 -1.87 6.32 -10.90
C ILE F 259 -1.17 4.96 -10.92
N ALA F 260 -0.39 4.65 -11.96
CA ALA F 260 0.39 3.41 -12.04
C ALA F 260 1.75 3.71 -12.65
N THR F 261 2.81 3.44 -11.89
CA THR F 261 4.20 3.39 -12.35
C THR F 261 4.89 4.74 -12.50
N MET F 262 4.27 5.85 -12.10
CA MET F 262 5.01 7.09 -12.02
C MET F 262 5.61 7.24 -10.62
N VAL F 263 6.84 7.77 -10.57
CA VAL F 263 7.56 8.02 -9.31
C VAL F 263 6.92 9.12 -8.50
N PRO F 264 6.57 8.86 -7.24
CA PRO F 264 5.98 9.90 -6.40
C PRO F 264 6.98 11.01 -6.08
N LEU F 265 6.45 12.20 -5.84
CA LEU F 265 7.31 13.34 -5.51
C LEU F 265 8.16 13.03 -4.27
N HIS F 266 7.52 12.53 -3.22
CA HIS F 266 8.21 12.28 -1.97
C HIS F 266 9.09 11.03 -2.02
N GLU F 267 8.79 10.06 -2.90
CA GLU F 267 9.73 8.96 -3.08
C GLU F 267 11.08 9.49 -3.56
N MET F 268 11.05 10.43 -4.51
CA MET F 268 12.24 11.12 -5.00
C MET F 268 12.93 11.97 -3.93
N MET F 269 12.19 12.42 -2.91
CA MET F 269 12.79 13.16 -1.79
C MET F 269 13.48 12.24 -0.81
N ARG F 270 12.90 11.08 -0.54
CA ARG F 270 13.50 10.13 0.40
C ARG F 270 14.93 9.80 0.02
N ILE F 271 15.15 9.40 -1.25
CA ILE F 271 16.49 8.98 -1.67
C ILE F 271 17.51 10.10 -1.55
N THR F 272 17.08 11.34 -1.68
CA THR F 272 18.06 12.41 -1.60
C THR F 272 18.53 12.66 -0.18
N GLU F 273 17.70 12.42 0.84
CA GLU F 273 18.26 12.39 2.19
C GLU F 273 19.36 11.33 2.29
N ILE F 274 19.18 10.18 1.63
CA ILE F 274 20.24 9.17 1.55
C ILE F 274 21.47 9.73 0.84
N TRP F 275 21.26 10.37 -0.32
CA TRP F 275 22.37 10.86 -1.13
C TRP F 275 23.15 11.97 -0.43
N VAL F 276 22.49 12.78 0.39
CA VAL F 276 23.23 13.82 1.09
C VAL F 276 24.02 13.20 2.25
N ASP F 277 23.40 12.29 3.00
CA ASP F 277 24.15 11.65 4.07
C ASP F 277 25.27 10.76 3.51
N THR F 278 25.10 10.24 2.30
CA THR F 278 26.20 9.49 1.66
C THR F 278 27.39 10.41 1.39
N ALA F 279 27.14 11.56 0.75
CA ALA F 279 28.22 12.49 0.45
C ALA F 279 28.68 13.26 1.67
N MET F 280 27.87 13.29 2.74
CA MET F 280 28.30 13.95 3.96
C MET F 280 29.44 13.19 4.62
N GLN F 281 29.40 11.87 4.58
CA GLN F 281 30.50 11.06 5.07
C GLN F 281 31.60 10.88 4.04
N LEU F 282 31.56 11.62 2.93
CA LEU F 282 32.59 11.49 1.90
C LEU F 282 33.95 11.82 2.49
N GLY F 283 34.93 10.95 2.25
CA GLY F 283 36.26 11.15 2.76
C GLY F 283 37.00 12.22 1.98
N GLU F 284 38.26 12.42 2.39
CA GLU F 284 39.09 13.45 1.76
C GLU F 284 39.54 13.02 0.36
N LYS F 285 40.03 11.79 0.22
CA LYS F 285 40.53 11.35 -1.08
C LYS F 285 39.41 11.36 -2.11
N SER F 286 38.21 10.92 -1.72
CA SER F 286 37.05 11.02 -2.60
C SER F 286 36.93 12.42 -3.14
N LEU F 287 36.97 13.42 -2.24
CA LEU F 287 36.90 14.80 -2.69
C LEU F 287 38.26 15.35 -3.11
N ARG F 288 39.37 14.70 -2.74
CA ARG F 288 40.69 15.10 -3.25
C ARG F 288 40.68 15.17 -4.76
N THR F 289 40.32 14.06 -5.41
CA THR F 289 40.26 14.01 -6.87
C THR F 289 39.06 14.76 -7.43
N MET F 290 38.22 15.37 -6.59
CA MET F 290 37.14 16.18 -7.15
C MET F 290 37.71 17.37 -7.90
N ASP F 291 38.44 18.26 -7.20
CA ASP F 291 39.08 19.41 -7.85
C ASP F 291 40.07 19.01 -8.95
N ARG F 292 40.38 17.71 -9.07
CA ARG F 292 41.24 17.22 -10.15
C ARG F 292 40.53 17.30 -11.51
N LEU F 293 39.34 16.67 -11.64
CA LEU F 293 38.63 16.72 -12.92
C LEU F 293 37.99 18.08 -13.17
N VAL F 294 37.68 18.84 -12.12
CA VAL F 294 37.06 20.15 -12.30
C VAL F 294 38.04 21.15 -12.92
N ARG F 295 39.27 21.22 -12.38
CA ARG F 295 40.26 22.14 -12.93
C ARG F 295 40.37 21.98 -14.45
N ALA F 296 40.41 20.73 -14.93
CA ALA F 296 40.36 20.46 -16.36
C ALA F 296 39.00 20.82 -16.97
N GLN F 297 37.91 20.50 -16.26
CA GLN F 297 36.56 20.86 -16.70
C GLN F 297 36.33 22.39 -16.65
#